data_4ERE
# 
_entry.id   4ERE 
# 
_audit_conform.dict_name       mmcif_pdbx.dic 
_audit_conform.dict_version    5.387 
_audit_conform.dict_location   http://mmcif.pdb.org/dictionaries/ascii/mmcif_pdbx.dic 
# 
loop_
_database_2.database_id 
_database_2.database_code 
_database_2.pdbx_database_accession 
_database_2.pdbx_DOI 
PDB   4ERE         pdb_00004ere 10.2210/pdb4ere/pdb 
RCSB  RCSB071975   ?            ?                   
WWPDB D_1000071975 ?            ?                   
# 
loop_
_pdbx_audit_revision_history.ordinal 
_pdbx_audit_revision_history.data_content_type 
_pdbx_audit_revision_history.major_revision 
_pdbx_audit_revision_history.minor_revision 
_pdbx_audit_revision_history.revision_date 
1 'Structure model' 1 0 2012-05-23 
2 'Structure model' 1 1 2013-01-02 
3 'Structure model' 1 2 2024-02-28 
# 
_pdbx_audit_revision_details.ordinal             1 
_pdbx_audit_revision_details.revision_ordinal    1 
_pdbx_audit_revision_details.data_content_type   'Structure model' 
_pdbx_audit_revision_details.provider            repository 
_pdbx_audit_revision_details.type                'Initial release' 
_pdbx_audit_revision_details.description         ? 
_pdbx_audit_revision_details.details             ? 
# 
loop_
_pdbx_audit_revision_group.ordinal 
_pdbx_audit_revision_group.revision_ordinal 
_pdbx_audit_revision_group.data_content_type 
_pdbx_audit_revision_group.group 
1 2 'Structure model' 'Database references'  
2 3 'Structure model' 'Data collection'      
3 3 'Structure model' 'Database references'  
4 3 'Structure model' 'Derived calculations' 
# 
loop_
_pdbx_audit_revision_category.ordinal 
_pdbx_audit_revision_category.revision_ordinal 
_pdbx_audit_revision_category.data_content_type 
_pdbx_audit_revision_category.category 
1 3 'Structure model' chem_comp_atom     
2 3 'Structure model' chem_comp_bond     
3 3 'Structure model' database_2         
4 3 'Structure model' struct_ref_seq_dif 
5 3 'Structure model' struct_site        
# 
loop_
_pdbx_audit_revision_item.ordinal 
_pdbx_audit_revision_item.revision_ordinal 
_pdbx_audit_revision_item.data_content_type 
_pdbx_audit_revision_item.item 
1 3 'Structure model' '_database_2.pdbx_DOI'                
2 3 'Structure model' '_database_2.pdbx_database_accession' 
3 3 'Structure model' '_struct_ref_seq_dif.details'         
4 3 'Structure model' '_struct_site.pdbx_auth_asym_id'      
5 3 'Structure model' '_struct_site.pdbx_auth_comp_id'      
6 3 'Structure model' '_struct_site.pdbx_auth_seq_id'       
# 
_pdbx_database_status.status_code                     REL 
_pdbx_database_status.entry_id                        4ERE 
_pdbx_database_status.recvd_initial_deposition_date   2012-04-20 
_pdbx_database_status.deposit_site                    RCSB 
_pdbx_database_status.process_site                    RCSB 
_pdbx_database_status.status_code_sf                  REL 
_pdbx_database_status.status_code_mr                  ? 
_pdbx_database_status.SG_entry                        ? 
_pdbx_database_status.status_code_cs                  ? 
_pdbx_database_status.methods_development_category    ? 
_pdbx_database_status.pdb_format_compatible           Y 
_pdbx_database_status.status_code_nmr_data            ? 
# 
_pdbx_database_related.db_name        PDB 
_pdbx_database_related.db_id          4ERF 
_pdbx_database_related.details        . 
_pdbx_database_related.content_type   unspecified 
# 
_audit_author.name           'Huang, X.' 
_audit_author.pdbx_ordinal   1 
# 
_citation.id                        primary 
_citation.title                     'Structure-based design of novel inhibitors of the MDM2-p53 interaction.' 
_citation.journal_abbrev            J.Med.Chem. 
_citation.journal_volume            55 
_citation.page_first                4936 
_citation.page_last                 4954 
_citation.year                      2012 
_citation.journal_id_ASTM           JMCMAR 
_citation.country                   US 
_citation.journal_id_ISSN           0022-2623 
_citation.journal_id_CSD            0151 
_citation.book_publisher            ? 
_citation.pdbx_database_id_PubMed   22524527 
_citation.pdbx_database_id_DOI      10.1021/jm300354j 
# 
loop_
_citation_author.citation_id 
_citation_author.name 
_citation_author.ordinal 
_citation_author.identifier_ORCID 
primary 'Rew, Y.'                      1  ? 
primary 'Sun, D.'                      2  ? 
primary 'Gonzalez-Lopez De Turiso, F.' 3  ? 
primary 'Bartberger, M.D.'             4  ? 
primary 'Beck, H.P.'                   5  ? 
primary 'Canon, J.'                    6  ? 
primary 'Chen, A.'                     7  ? 
primary 'Chow, D.'                     8  ? 
primary 'Deignan, J.'                  9  ? 
primary 'Fox, B.M.'                    10 ? 
primary 'Gustin, D.'                   11 ? 
primary 'Huang, X.'                    12 ? 
primary 'Jiang, M.'                    13 ? 
primary 'Jiao, X.'                     14 ? 
primary 'Jin, L.'                      15 ? 
primary 'Kayser, F.'                   16 ? 
primary 'Kopecky, D.J.'                17 ? 
primary 'Li, Y.'                       18 ? 
primary 'Lo, M.C.'                     19 ? 
primary 'Long, A.M.'                   20 ? 
primary 'Michelsen, K.'                21 ? 
primary 'Oliner, J.D.'                 22 ? 
primary 'Osgood, T.'                   23 ? 
primary 'Ragains, M.'                  24 ? 
primary 'Saiki, A.Y.'                  25 ? 
primary 'Schneider, S.'                26 ? 
primary 'Toteva, M.'                   27 ? 
primary 'Yakowec, P.'                  28 ? 
primary 'Yan, X.'                      29 ? 
primary 'Ye, Q.'                       30 ? 
primary 'Yu, D.'                       31 ? 
primary 'Zhao, X.'                     32 ? 
primary 'Zhou, J.'                     33 ? 
primary 'Medina, J.C.'                 34 ? 
primary 'Olson, S.H.'                  35 ? 
# 
loop_
_entity.id 
_entity.type 
_entity.src_method 
_entity.pdbx_description 
_entity.formula_weight 
_entity.pdbx_number_of_molecules 
_entity.pdbx_ec 
_entity.pdbx_mutation 
_entity.pdbx_fragment 
_entity.details 
1 polymer     man 'E3 ubiquitin-protein ligase Mdm2' 11156.052 2   6.3.2.- ? 'unp residues 17-111' ? 
2 non-polymer syn 
'[(3R,5R,6S)-1-[(2S)-1-tert-butoxy-1-oxobutan-2-yl]-5-(3-chlorophenyl)-6-(4-chlorophenyl)-2-oxopiperidin-3-yl]acetic acid' 520.445 
2   ?       ? ?                     ? 
3 non-polymer syn 'SULFATE ION' 96.063    1   ?       ? ?                     ? 
4 water       nat water 18.015    169 ?       ? ?                     ? 
# 
_entity_name_com.entity_id   1 
_entity_name_com.name        'Double minute 2 protein, Hdm2, Oncoprotein Mdm2, p53-binding protein Mdm2' 
# 
_entity_poly.entity_id                      1 
_entity_poly.type                           'polypeptide(L)' 
_entity_poly.nstd_linkage                   no 
_entity_poly.nstd_monomer                   no 
_entity_poly.pdbx_seq_one_letter_code       
;GSQIPASEQETLVRPKPLLLKLLKSVGAQKDTYTMKEVLFYLGQYIMTKRLYDEKQQHIVYCSNDLLGDLFGVPSFSVKE
HRKIYTMIYRNLVVVN
;
_entity_poly.pdbx_seq_one_letter_code_can   
;GSQIPASEQETLVRPKPLLLKLLKSVGAQKDTYTMKEVLFYLGQYIMTKRLYDEKQQHIVYCSNDLLGDLFGVPSFSVKE
HRKIYTMIYRNLVVVN
;
_entity_poly.pdbx_strand_id                 A,B 
_entity_poly.pdbx_target_identifier         ? 
# 
loop_
_pdbx_entity_nonpoly.entity_id 
_pdbx_entity_nonpoly.name 
_pdbx_entity_nonpoly.comp_id 
2 '[(3R,5R,6S)-1-[(2S)-1-tert-butoxy-1-oxobutan-2-yl]-5-(3-chlorophenyl)-6-(4-chlorophenyl)-2-oxopiperidin-3-yl]acetic acid' 0R2 
3 'SULFATE ION'                                                                                                              SO4 
4 water                                                                                                                      HOH 
# 
loop_
_entity_poly_seq.entity_id 
_entity_poly_seq.num 
_entity_poly_seq.mon_id 
_entity_poly_seq.hetero 
1 1  GLY n 
1 2  SER n 
1 3  GLN n 
1 4  ILE n 
1 5  PRO n 
1 6  ALA n 
1 7  SER n 
1 8  GLU n 
1 9  GLN n 
1 10 GLU n 
1 11 THR n 
1 12 LEU n 
1 13 VAL n 
1 14 ARG n 
1 15 PRO n 
1 16 LYS n 
1 17 PRO n 
1 18 LEU n 
1 19 LEU n 
1 20 LEU n 
1 21 LYS n 
1 22 LEU n 
1 23 LEU n 
1 24 LYS n 
1 25 SER n 
1 26 VAL n 
1 27 GLY n 
1 28 ALA n 
1 29 GLN n 
1 30 LYS n 
1 31 ASP n 
1 32 THR n 
1 33 TYR n 
1 34 THR n 
1 35 MET n 
1 36 LYS n 
1 37 GLU n 
1 38 VAL n 
1 39 LEU n 
1 40 PHE n 
1 41 TYR n 
1 42 LEU n 
1 43 GLY n 
1 44 GLN n 
1 45 TYR n 
1 46 ILE n 
1 47 MET n 
1 48 THR n 
1 49 LYS n 
1 50 ARG n 
1 51 LEU n 
1 52 TYR n 
1 53 ASP n 
1 54 GLU n 
1 55 LYS n 
1 56 GLN n 
1 57 GLN n 
1 58 HIS n 
1 59 ILE n 
1 60 VAL n 
1 61 TYR n 
1 62 CYS n 
1 63 SER n 
1 64 ASN n 
1 65 ASP n 
1 66 LEU n 
1 67 LEU n 
1 68 GLY n 
1 69 ASP n 
1 70 LEU n 
1 71 PHE n 
1 72 GLY n 
1 73 VAL n 
1 74 PRO n 
1 75 SER n 
1 76 PHE n 
1 77 SER n 
1 78 VAL n 
1 79 LYS n 
1 80 GLU n 
1 81 HIS n 
1 82 ARG n 
1 83 LYS n 
1 84 ILE n 
1 85 TYR n 
1 86 THR n 
1 87 MET n 
1 88 ILE n 
1 89 TYR n 
1 90 ARG n 
1 91 ASN n 
1 92 LEU n 
1 93 VAL n 
1 94 VAL n 
1 95 VAL n 
1 96 ASN n 
# 
_entity_src_gen.entity_id                          1 
_entity_src_gen.pdbx_src_id                        1 
_entity_src_gen.pdbx_alt_source_flag               sample 
_entity_src_gen.pdbx_seq_type                      ? 
_entity_src_gen.pdbx_beg_seq_num                   ? 
_entity_src_gen.pdbx_end_seq_num                   ? 
_entity_src_gen.gene_src_common_name               human 
_entity_src_gen.gene_src_genus                     ? 
_entity_src_gen.pdbx_gene_src_gene                 MDM2 
_entity_src_gen.gene_src_species                   ? 
_entity_src_gen.gene_src_strain                    ? 
_entity_src_gen.gene_src_tissue                    ? 
_entity_src_gen.gene_src_tissue_fraction           ? 
_entity_src_gen.gene_src_details                   ? 
_entity_src_gen.pdbx_gene_src_fragment             ? 
_entity_src_gen.pdbx_gene_src_scientific_name      'Homo sapiens' 
_entity_src_gen.pdbx_gene_src_ncbi_taxonomy_id     9606 
_entity_src_gen.pdbx_gene_src_variant              ? 
_entity_src_gen.pdbx_gene_src_cell_line            ? 
_entity_src_gen.pdbx_gene_src_atcc                 ? 
_entity_src_gen.pdbx_gene_src_organ                ? 
_entity_src_gen.pdbx_gene_src_organelle            ? 
_entity_src_gen.pdbx_gene_src_cell                 ? 
_entity_src_gen.pdbx_gene_src_cellular_location    ? 
_entity_src_gen.host_org_common_name               ? 
_entity_src_gen.pdbx_host_org_scientific_name      'Escherichia coli' 
_entity_src_gen.pdbx_host_org_ncbi_taxonomy_id     562 
_entity_src_gen.host_org_genus                     ? 
_entity_src_gen.pdbx_host_org_gene                 ? 
_entity_src_gen.pdbx_host_org_organ                ? 
_entity_src_gen.host_org_species                   ? 
_entity_src_gen.pdbx_host_org_tissue               ? 
_entity_src_gen.pdbx_host_org_tissue_fraction      ? 
_entity_src_gen.pdbx_host_org_strain               ? 
_entity_src_gen.pdbx_host_org_variant              ? 
_entity_src_gen.pdbx_host_org_cell_line            ? 
_entity_src_gen.pdbx_host_org_atcc                 ? 
_entity_src_gen.pdbx_host_org_culture_collection   ? 
_entity_src_gen.pdbx_host_org_cell                 ? 
_entity_src_gen.pdbx_host_org_organelle            ? 
_entity_src_gen.pdbx_host_org_cellular_location    ? 
_entity_src_gen.pdbx_host_org_vector_type          ? 
_entity_src_gen.pdbx_host_org_vector               ? 
_entity_src_gen.host_org_details                   ? 
_entity_src_gen.expression_system_id               ? 
_entity_src_gen.plasmid_name                       ? 
_entity_src_gen.plasmid_details                    ? 
_entity_src_gen.pdbx_description                   ? 
# 
loop_
_chem_comp.id 
_chem_comp.type 
_chem_comp.mon_nstd_flag 
_chem_comp.name 
_chem_comp.pdbx_synonyms 
_chem_comp.formula 
_chem_comp.formula_weight 
0R2 non-polymer         . 
'[(3R,5R,6S)-1-[(2S)-1-tert-butoxy-1-oxobutan-2-yl]-5-(3-chlorophenyl)-6-(4-chlorophenyl)-2-oxopiperidin-3-yl]acetic acid' ? 
'C27 H31 Cl2 N O5' 520.445 
ALA 'L-peptide linking' y ALANINE ? 'C3 H7 N O2'       89.093  
ARG 'L-peptide linking' y ARGININE ? 'C6 H15 N4 O2 1'   175.209 
ASN 'L-peptide linking' y ASPARAGINE ? 'C4 H8 N2 O3'      132.118 
ASP 'L-peptide linking' y 'ASPARTIC ACID' ? 'C4 H7 N O4'       133.103 
CYS 'L-peptide linking' y CYSTEINE ? 'C3 H7 N O2 S'     121.158 
GLN 'L-peptide linking' y GLUTAMINE ? 'C5 H10 N2 O3'     146.144 
GLU 'L-peptide linking' y 'GLUTAMIC ACID' ? 'C5 H9 N O4'       147.129 
GLY 'peptide linking'   y GLYCINE ? 'C2 H5 N O2'       75.067  
HIS 'L-peptide linking' y HISTIDINE ? 'C6 H10 N3 O2 1'   156.162 
HOH non-polymer         . WATER ? 'H2 O'             18.015  
ILE 'L-peptide linking' y ISOLEUCINE ? 'C6 H13 N O2'      131.173 
LEU 'L-peptide linking' y LEUCINE ? 'C6 H13 N O2'      131.173 
LYS 'L-peptide linking' y LYSINE ? 'C6 H15 N2 O2 1'   147.195 
MET 'L-peptide linking' y METHIONINE ? 'C5 H11 N O2 S'    149.211 
PHE 'L-peptide linking' y PHENYLALANINE ? 'C9 H11 N O2'      165.189 
PRO 'L-peptide linking' y PROLINE ? 'C5 H9 N O2'       115.130 
SER 'L-peptide linking' y SERINE ? 'C3 H7 N O3'       105.093 
SO4 non-polymer         . 'SULFATE ION' ? 'O4 S -2'          96.063  
THR 'L-peptide linking' y THREONINE ? 'C4 H9 N O3'       119.119 
TYR 'L-peptide linking' y TYROSINE ? 'C9 H11 N O3'      181.189 
VAL 'L-peptide linking' y VALINE ? 'C5 H11 N O2'      117.146 
# 
loop_
_pdbx_poly_seq_scheme.asym_id 
_pdbx_poly_seq_scheme.entity_id 
_pdbx_poly_seq_scheme.seq_id 
_pdbx_poly_seq_scheme.mon_id 
_pdbx_poly_seq_scheme.ndb_seq_num 
_pdbx_poly_seq_scheme.pdb_seq_num 
_pdbx_poly_seq_scheme.auth_seq_num 
_pdbx_poly_seq_scheme.pdb_mon_id 
_pdbx_poly_seq_scheme.auth_mon_id 
_pdbx_poly_seq_scheme.pdb_strand_id 
_pdbx_poly_seq_scheme.pdb_ins_code 
_pdbx_poly_seq_scheme.hetero 
A 1 1  GLY 1  16  ?   ?   ?   A . n 
A 1 2  SER 2  17  ?   ?   ?   A . n 
A 1 3  GLN 3  18  ?   ?   ?   A . n 
A 1 4  ILE 4  19  ?   ?   ?   A . n 
A 1 5  PRO 5  20  ?   ?   ?   A . n 
A 1 6  ALA 6  21  ?   ?   ?   A . n 
A 1 7  SER 7  22  22  SER SER A . n 
A 1 8  GLU 8  23  23  GLU GLU A . n 
A 1 9  GLN 9  24  24  GLN GLN A . n 
A 1 10 GLU 10 25  25  GLU GLU A . n 
A 1 11 THR 11 26  26  THR THR A . n 
A 1 12 LEU 12 27  27  LEU LEU A . n 
A 1 13 VAL 13 28  28  VAL VAL A . n 
A 1 14 ARG 14 29  29  ARG ARG A . n 
A 1 15 PRO 15 30  30  PRO PRO A . n 
A 1 16 LYS 16 31  31  LYS LYS A . n 
A 1 17 PRO 17 32  32  PRO PRO A . n 
A 1 18 LEU 18 33  33  LEU LEU A . n 
A 1 19 LEU 19 34  34  LEU LEU A . n 
A 1 20 LEU 20 35  35  LEU LEU A . n 
A 1 21 LYS 21 36  36  LYS LYS A . n 
A 1 22 LEU 22 37  37  LEU LEU A . n 
A 1 23 LEU 23 38  38  LEU LEU A . n 
A 1 24 LYS 24 39  39  LYS LYS A . n 
A 1 25 SER 25 40  40  SER SER A . n 
A 1 26 VAL 26 41  41  VAL VAL A . n 
A 1 27 GLY 27 42  42  GLY GLY A . n 
A 1 28 ALA 28 43  43  ALA ALA A . n 
A 1 29 GLN 29 44  44  GLN ALA A . n 
A 1 30 LYS 30 45  45  LYS LYS A . n 
A 1 31 ASP 31 46  46  ASP ASP A . n 
A 1 32 THR 32 47  47  THR THR A . n 
A 1 33 TYR 33 48  48  TYR TYR A . n 
A 1 34 THR 34 49  49  THR THR A . n 
A 1 35 MET 35 50  50  MET MET A . n 
A 1 36 LYS 36 51  51  LYS LYS A . n 
A 1 37 GLU 37 52  52  GLU GLU A . n 
A 1 38 VAL 38 53  53  VAL VAL A . n 
A 1 39 LEU 39 54  54  LEU LEU A . n 
A 1 40 PHE 40 55  55  PHE PHE A . n 
A 1 41 TYR 41 56  56  TYR TYR A . n 
A 1 42 LEU 42 57  57  LEU LEU A . n 
A 1 43 GLY 43 58  58  GLY GLY A . n 
A 1 44 GLN 44 59  59  GLN GLN A . n 
A 1 45 TYR 45 60  60  TYR TYR A . n 
A 1 46 ILE 46 61  61  ILE ILE A . n 
A 1 47 MET 47 62  62  MET MET A . n 
A 1 48 THR 48 63  63  THR THR A . n 
A 1 49 LYS 49 64  64  LYS LYS A . n 
A 1 50 ARG 50 65  65  ARG ARG A . n 
A 1 51 LEU 51 66  66  LEU LEU A . n 
A 1 52 TYR 52 67  67  TYR TYR A . n 
A 1 53 ASP 53 68  ?   ?   ?   A . n 
A 1 54 GLU 54 69  ?   ?   ?   A . n 
A 1 55 LYS 55 70  ?   ?   ?   A . n 
A 1 56 GLN 56 71  ?   ?   ?   A . n 
A 1 57 GLN 57 72  ?   ?   ?   A . n 
A 1 58 HIS 58 73  73  HIS HIS A . n 
A 1 59 ILE 59 74  74  ILE ILE A . n 
A 1 60 VAL 60 75  75  VAL VAL A . n 
A 1 61 TYR 61 76  76  TYR TYR A . n 
A 1 62 CYS 62 77  77  CYS CYS A . n 
A 1 63 SER 63 78  78  SER SER A . n 
A 1 64 ASN 64 79  79  ASN ASN A . n 
A 1 65 ASP 65 80  80  ASP ASP A . n 
A 1 66 LEU 66 81  81  LEU LEU A . n 
A 1 67 LEU 67 82  82  LEU LEU A . n 
A 1 68 GLY 68 83  83  GLY GLY A . n 
A 1 69 ASP 69 84  84  ASP ASP A . n 
A 1 70 LEU 70 85  85  LEU LEU A . n 
A 1 71 PHE 71 86  86  PHE PHE A . n 
A 1 72 GLY 72 87  87  GLY GLY A . n 
A 1 73 VAL 73 88  88  VAL VAL A . n 
A 1 74 PRO 74 89  89  PRO PRO A . n 
A 1 75 SER 75 90  90  SER SER A . n 
A 1 76 PHE 76 91  91  PHE PHE A . n 
A 1 77 SER 77 92  92  SER SER A . n 
A 1 78 VAL 78 93  93  VAL VAL A . n 
A 1 79 LYS 79 94  94  LYS LYS A . n 
A 1 80 GLU 80 95  95  GLU GLU A . n 
A 1 81 HIS 81 96  96  HIS HIS A . n 
A 1 82 ARG 82 97  97  ARG ARG A . n 
A 1 83 LYS 83 98  98  LYS LYS A . n 
A 1 84 ILE 84 99  99  ILE ILE A . n 
A 1 85 TYR 85 100 100 TYR TYR A . n 
A 1 86 THR 86 101 101 THR THR A . n 
A 1 87 MET 87 102 102 MET MET A . n 
A 1 88 ILE 88 103 103 ILE ILE A . n 
A 1 89 TYR 89 104 104 TYR TYR A . n 
A 1 90 ARG 90 105 105 ARG ARG A . n 
A 1 91 ASN 91 106 106 ASN ASN A . n 
A 1 92 LEU 92 107 107 LEU LEU A . n 
A 1 93 VAL 93 108 108 VAL VAL A . n 
A 1 94 VAL 94 109 109 VAL VAL A . n 
A 1 95 VAL 95 110 110 VAL VAL A . n 
A 1 96 ASN 96 111 111 ASN ASN A . n 
B 1 1  GLY 1  16  ?   ?   ?   B . n 
B 1 2  SER 2  17  17  SER SER B . n 
B 1 3  GLN 3  18  18  GLN GLN B . n 
B 1 4  ILE 4  19  19  ILE ILE B . n 
B 1 5  PRO 5  20  20  PRO PRO B . n 
B 1 6  ALA 6  21  21  ALA ALA B . n 
B 1 7  SER 7  22  22  SER SER B . n 
B 1 8  GLU 8  23  23  GLU GLU B . n 
B 1 9  GLN 9  24  24  GLN GLN B . n 
B 1 10 GLU 10 25  25  GLU GLU B . n 
B 1 11 THR 11 26  26  THR THR B . n 
B 1 12 LEU 12 27  27  LEU LEU B . n 
B 1 13 VAL 13 28  28  VAL VAL B . n 
B 1 14 ARG 14 29  29  ARG ARG B . n 
B 1 15 PRO 15 30  30  PRO PRO B . n 
B 1 16 LYS 16 31  31  LYS LYS B . n 
B 1 17 PRO 17 32  32  PRO PRO B . n 
B 1 18 LEU 18 33  33  LEU LEU B . n 
B 1 19 LEU 19 34  34  LEU LEU B . n 
B 1 20 LEU 20 35  35  LEU LEU B . n 
B 1 21 LYS 21 36  36  LYS LYS B . n 
B 1 22 LEU 22 37  37  LEU LEU B . n 
B 1 23 LEU 23 38  38  LEU LEU B . n 
B 1 24 LYS 24 39  39  LYS LYS B . n 
B 1 25 SER 25 40  40  SER SER B . n 
B 1 26 VAL 26 41  41  VAL VAL B . n 
B 1 27 GLY 27 42  42  GLY GLY B . n 
B 1 28 ALA 28 43  43  ALA ALA B . n 
B 1 29 GLN 29 44  44  GLN ALA B . n 
B 1 30 LYS 30 45  45  LYS LYS B . n 
B 1 31 ASP 31 46  46  ASP ASP B . n 
B 1 32 THR 32 47  47  THR THR B . n 
B 1 33 TYR 33 48  48  TYR TYR B . n 
B 1 34 THR 34 49  49  THR THR B . n 
B 1 35 MET 35 50  50  MET MET B . n 
B 1 36 LYS 36 51  51  LYS LYS B . n 
B 1 37 GLU 37 52  52  GLU GLU B . n 
B 1 38 VAL 38 53  53  VAL VAL B . n 
B 1 39 LEU 39 54  54  LEU LEU B . n 
B 1 40 PHE 40 55  55  PHE PHE B . n 
B 1 41 TYR 41 56  56  TYR TYR B . n 
B 1 42 LEU 42 57  57  LEU LEU B . n 
B 1 43 GLY 43 58  58  GLY GLY B . n 
B 1 44 GLN 44 59  59  GLN GLN B . n 
B 1 45 TYR 45 60  60  TYR TYR B . n 
B 1 46 ILE 46 61  61  ILE ILE B . n 
B 1 47 MET 47 62  62  MET MET B . n 
B 1 48 THR 48 63  63  THR THR B . n 
B 1 49 LYS 49 64  64  LYS LYS B . n 
B 1 50 ARG 50 65  65  ARG ALA B . n 
B 1 51 LEU 51 66  66  LEU LEU B . n 
B 1 52 TYR 52 67  67  TYR TYR B . n 
B 1 53 ASP 53 68  ?   ?   ?   B . n 
B 1 54 GLU 54 69  ?   ?   ?   B . n 
B 1 55 LYS 55 70  ?   ?   ?   B . n 
B 1 56 GLN 56 71  ?   ?   ?   B . n 
B 1 57 GLN 57 72  ?   ?   ?   B . n 
B 1 58 HIS 58 73  73  HIS HIS B . n 
B 1 59 ILE 59 74  74  ILE ILE B . n 
B 1 60 VAL 60 75  75  VAL VAL B . n 
B 1 61 TYR 61 76  76  TYR TYR B . n 
B 1 62 CYS 62 77  77  CYS CYS B . n 
B 1 63 SER 63 78  78  SER SER B . n 
B 1 64 ASN 64 79  79  ASN ASN B . n 
B 1 65 ASP 65 80  80  ASP ASP B . n 
B 1 66 LEU 66 81  81  LEU LEU B . n 
B 1 67 LEU 67 82  82  LEU LEU B . n 
B 1 68 GLY 68 83  83  GLY GLY B . n 
B 1 69 ASP 69 84  84  ASP ASP B . n 
B 1 70 LEU 70 85  85  LEU LEU B . n 
B 1 71 PHE 71 86  86  PHE PHE B . n 
B 1 72 GLY 72 87  87  GLY GLY B . n 
B 1 73 VAL 73 88  88  VAL VAL B . n 
B 1 74 PRO 74 89  89  PRO PRO B . n 
B 1 75 SER 75 90  90  SER SER B . n 
B 1 76 PHE 76 91  91  PHE PHE B . n 
B 1 77 SER 77 92  92  SER SER B . n 
B 1 78 VAL 78 93  93  VAL VAL B . n 
B 1 79 LYS 79 94  94  LYS LYS B . n 
B 1 80 GLU 80 95  95  GLU GLU B . n 
B 1 81 HIS 81 96  96  HIS HIS B . n 
B 1 82 ARG 82 97  97  ARG ARG B . n 
B 1 83 LYS 83 98  98  LYS LYS B . n 
B 1 84 ILE 84 99  99  ILE ILE B . n 
B 1 85 TYR 85 100 100 TYR TYR B . n 
B 1 86 THR 86 101 101 THR THR B . n 
B 1 87 MET 87 102 102 MET MET B . n 
B 1 88 ILE 88 103 103 ILE ILE B . n 
B 1 89 TYR 89 104 104 TYR TYR B . n 
B 1 90 ARG 90 105 105 ARG ARG B . n 
B 1 91 ASN 91 106 106 ASN ASN B . n 
B 1 92 LEU 92 107 107 LEU LEU B . n 
B 1 93 VAL 93 108 108 VAL VAL B . n 
B 1 94 VAL 94 109 109 VAL VAL B . n 
B 1 95 VAL 95 110 110 VAL VAL B . n 
B 1 96 ASN 96 111 111 ASN ASN B . n 
# 
loop_
_pdbx_nonpoly_scheme.asym_id 
_pdbx_nonpoly_scheme.entity_id 
_pdbx_nonpoly_scheme.mon_id 
_pdbx_nonpoly_scheme.ndb_seq_num 
_pdbx_nonpoly_scheme.pdb_seq_num 
_pdbx_nonpoly_scheme.auth_seq_num 
_pdbx_nonpoly_scheme.pdb_mon_id 
_pdbx_nonpoly_scheme.auth_mon_id 
_pdbx_nonpoly_scheme.pdb_strand_id 
_pdbx_nonpoly_scheme.pdb_ins_code 
C 2 0R2 1  201 1   0R2 INH A . 
D 3 SO4 1  202 1   SO4 SO4 A . 
E 2 0R2 1  201 1   0R2 INH B . 
F 4 HOH 1  301 26  HOH HOH A . 
F 4 HOH 2  302 29  HOH HOH A . 
F 4 HOH 3  303 38  HOH HOH A . 
F 4 HOH 4  304 52  HOH HOH A . 
F 4 HOH 5  305 53  HOH HOH A . 
F 4 HOH 6  306 57  HOH HOH A . 
F 4 HOH 7  307 62  HOH HOH A . 
F 4 HOH 8  308 66  HOH HOH A . 
F 4 HOH 9  309 72  HOH HOH A . 
F 4 HOH 10 310 73  HOH HOH A . 
F 4 HOH 11 311 75  HOH HOH A . 
F 4 HOH 12 312 80  HOH HOH A . 
F 4 HOH 13 313 81  HOH HOH A . 
F 4 HOH 14 314 82  HOH HOH A . 
F 4 HOH 15 315 86  HOH HOH A . 
F 4 HOH 16 316 89  HOH HOH A . 
F 4 HOH 17 317 90  HOH HOH A . 
F 4 HOH 18 318 94  HOH HOH A . 
F 4 HOH 19 319 97  HOH HOH A . 
F 4 HOH 20 320 109 HOH HOH A . 
F 4 HOH 21 321 111 HOH HOH A . 
F 4 HOH 22 322 116 HOH HOH A . 
F 4 HOH 23 323 121 HOH HOH A . 
F 4 HOH 24 324 122 HOH HOH A . 
F 4 HOH 25 325 123 HOH HOH A . 
F 4 HOH 26 326 124 HOH HOH A . 
F 4 HOH 27 327 126 HOH HOH A . 
F 4 HOH 28 328 127 HOH HOH A . 
F 4 HOH 29 329 132 HOH HOH A . 
F 4 HOH 30 330 135 HOH HOH A . 
F 4 HOH 31 331 138 HOH HOH A . 
F 4 HOH 32 332 142 HOH HOH A . 
F 4 HOH 33 333 143 HOH HOH A . 
F 4 HOH 34 334 145 HOH HOH A . 
F 4 HOH 35 335 147 HOH HOH A . 
F 4 HOH 36 336 151 HOH HOH A . 
F 4 HOH 37 337 153 HOH HOH A . 
F 4 HOH 38 338 156 HOH HOH A . 
F 4 HOH 39 339 162 HOH HOH A . 
F 4 HOH 40 340 167 HOH HOH A . 
F 4 HOH 41 341 168 HOH HOH A . 
F 4 HOH 42 342 170 HOH HOH A . 
F 4 HOH 43 343 173 HOH HOH A . 
F 4 HOH 44 344 175 HOH HOH A . 
F 4 HOH 45 345 178 HOH HOH A . 
F 4 HOH 46 346 180 HOH HOH A . 
F 4 HOH 47 347 181 HOH HOH A . 
F 4 HOH 48 348 182 HOH HOH A . 
F 4 HOH 49 349 184 HOH HOH A . 
F 4 HOH 50 350 189 HOH HOH A . 
F 4 HOH 51 351 192 HOH HOH A . 
F 4 HOH 52 352 197 HOH HOH A . 
F 4 HOH 53 353 201 HOH HOH A . 
F 4 HOH 54 354 204 HOH HOH A . 
F 4 HOH 55 355 211 HOH HOH A . 
F 4 HOH 56 356 214 HOH HOH A . 
F 4 HOH 57 357 215 HOH HOH A . 
F 4 HOH 58 358 221 HOH HOH A . 
F 4 HOH 59 359 224 HOH HOH A . 
F 4 HOH 60 360 226 HOH HOH A . 
F 4 HOH 61 361 228 HOH HOH A . 
F 4 HOH 62 362 229 HOH HOH A . 
F 4 HOH 63 363 236 HOH HOH A . 
F 4 HOH 64 364 241 HOH HOH A . 
F 4 HOH 65 365 247 HOH HOH A . 
F 4 HOH 66 366 248 HOH HOH A . 
F 4 HOH 67 367 249 HOH HOH A . 
F 4 HOH 68 368 259 HOH HOH A . 
F 4 HOH 69 369 268 HOH HOH A . 
F 4 HOH 70 370 271 HOH HOH A . 
F 4 HOH 71 371 275 HOH HOH A . 
F 4 HOH 72 372 283 HOH HOH A . 
F 4 HOH 73 373 292 HOH HOH A . 
F 4 HOH 74 374 293 HOH HOH A . 
F 4 HOH 75 375 296 HOH HOH A . 
F 4 HOH 76 376 297 HOH HOH A . 
F 4 HOH 77 377 298 HOH HOH A . 
F 4 HOH 78 378 303 HOH HOH A . 
F 4 HOH 79 379 311 HOH HOH A . 
F 4 HOH 80 380 313 HOH HOH A . 
F 4 HOH 81 381 317 HOH HOH A . 
F 4 HOH 82 382 331 HOH HOH A . 
F 4 HOH 83 383 332 HOH HOH A . 
F 4 HOH 84 384 340 HOH HOH A . 
F 4 HOH 85 385 364 HOH HOH A . 
F 4 HOH 86 386 371 HOH HOH A . 
F 4 HOH 87 387 372 HOH HOH A . 
F 4 HOH 88 388 378 HOH HOH A . 
F 4 HOH 89 389 391 HOH HOH A . 
F 4 HOH 90 390 402 HOH HOH A . 
F 4 HOH 91 391 405 HOH HOH A . 
F 4 HOH 92 392 33  HOH HOH A . 
F 4 HOH 93 393 179 HOH HOH A . 
G 4 HOH 1  301 130 HOH HOH B . 
G 4 HOH 2  302 191 HOH HOH B . 
G 4 HOH 3  303 265 HOH HOH B . 
G 4 HOH 4  304 10  HOH HOH B . 
G 4 HOH 5  305 15  HOH HOH B . 
G 4 HOH 6  306 16  HOH HOH B . 
G 4 HOH 7  307 18  HOH HOH B . 
G 4 HOH 8  308 37  HOH HOH B . 
G 4 HOH 9  309 46  HOH HOH B . 
G 4 HOH 10 310 47  HOH HOH B . 
G 4 HOH 11 311 48  HOH HOH B . 
G 4 HOH 12 312 55  HOH HOH B . 
G 4 HOH 13 313 63  HOH HOH B . 
G 4 HOH 14 314 68  HOH HOH B . 
G 4 HOH 15 315 78  HOH HOH B . 
G 4 HOH 16 316 84  HOH HOH B . 
G 4 HOH 17 317 85  HOH HOH B . 
G 4 HOH 18 318 87  HOH HOH B . 
G 4 HOH 19 319 95  HOH HOH B . 
G 4 HOH 20 320 99  HOH HOH B . 
G 4 HOH 21 321 103 HOH HOH B . 
G 4 HOH 22 322 104 HOH HOH B . 
G 4 HOH 23 323 113 HOH HOH B . 
G 4 HOH 24 324 134 HOH HOH B . 
G 4 HOH 25 325 136 HOH HOH B . 
G 4 HOH 26 326 139 HOH HOH B . 
G 4 HOH 27 327 140 HOH HOH B . 
G 4 HOH 28 328 146 HOH HOH B . 
G 4 HOH 29 329 149 HOH HOH B . 
G 4 HOH 30 330 152 HOH HOH B . 
G 4 HOH 31 331 155 HOH HOH B . 
G 4 HOH 32 332 159 HOH HOH B . 
G 4 HOH 33 333 163 HOH HOH B . 
G 4 HOH 34 334 164 HOH HOH B . 
G 4 HOH 35 335 169 HOH HOH B . 
G 4 HOH 36 336 187 HOH HOH B . 
G 4 HOH 37 337 195 HOH HOH B . 
G 4 HOH 38 338 196 HOH HOH B . 
G 4 HOH 39 339 198 HOH HOH B . 
G 4 HOH 40 340 199 HOH HOH B . 
G 4 HOH 41 341 207 HOH HOH B . 
G 4 HOH 42 342 209 HOH HOH B . 
G 4 HOH 43 343 212 HOH HOH B . 
G 4 HOH 44 344 220 HOH HOH B . 
G 4 HOH 45 345 222 HOH HOH B . 
G 4 HOH 46 346 239 HOH HOH B . 
G 4 HOH 47 347 242 HOH HOH B . 
G 4 HOH 48 348 245 HOH HOH B . 
G 4 HOH 49 349 250 HOH HOH B . 
G 4 HOH 50 350 256 HOH HOH B . 
G 4 HOH 51 351 257 HOH HOH B . 
G 4 HOH 52 352 260 HOH HOH B . 
G 4 HOH 53 353 262 HOH HOH B . 
G 4 HOH 54 354 264 HOH HOH B . 
G 4 HOH 55 355 267 HOH HOH B . 
G 4 HOH 56 356 273 HOH HOH B . 
G 4 HOH 57 357 277 HOH HOH B . 
G 4 HOH 58 358 278 HOH HOH B . 
G 4 HOH 59 359 280 HOH HOH B . 
G 4 HOH 60 360 282 HOH HOH B . 
G 4 HOH 61 361 287 HOH HOH B . 
G 4 HOH 62 362 290 HOH HOH B . 
G 4 HOH 63 363 301 HOH HOH B . 
G 4 HOH 64 364 309 HOH HOH B . 
G 4 HOH 65 365 324 HOH HOH B . 
G 4 HOH 66 366 327 HOH HOH B . 
G 4 HOH 67 367 329 HOH HOH B . 
G 4 HOH 68 368 334 HOH HOH B . 
G 4 HOH 69 369 344 HOH HOH B . 
G 4 HOH 70 370 358 HOH HOH B . 
G 4 HOH 71 371 392 HOH HOH B . 
G 4 HOH 72 372 394 HOH HOH B . 
G 4 HOH 73 373 397 HOH HOH B . 
G 4 HOH 74 374 400 HOH HOH B . 
G 4 HOH 75 375 401 HOH HOH B . 
G 4 HOH 76 376 404 HOH HOH B . 
# 
loop_
_pdbx_unobs_or_zero_occ_atoms.id 
_pdbx_unobs_or_zero_occ_atoms.PDB_model_num 
_pdbx_unobs_or_zero_occ_atoms.polymer_flag 
_pdbx_unobs_or_zero_occ_atoms.occupancy_flag 
_pdbx_unobs_or_zero_occ_atoms.auth_asym_id 
_pdbx_unobs_or_zero_occ_atoms.auth_comp_id 
_pdbx_unobs_or_zero_occ_atoms.auth_seq_id 
_pdbx_unobs_or_zero_occ_atoms.PDB_ins_code 
_pdbx_unobs_or_zero_occ_atoms.auth_atom_id 
_pdbx_unobs_or_zero_occ_atoms.label_alt_id 
_pdbx_unobs_or_zero_occ_atoms.label_asym_id 
_pdbx_unobs_or_zero_occ_atoms.label_comp_id 
_pdbx_unobs_or_zero_occ_atoms.label_seq_id 
_pdbx_unobs_or_zero_occ_atoms.label_atom_id 
1  1 Y 1 A GLN 44 ? CG  ? A GLN 29 CG  
2  1 Y 1 A GLN 44 ? CD  ? A GLN 29 CD  
3  1 Y 1 A GLN 44 ? OE1 ? A GLN 29 OE1 
4  1 Y 1 A GLN 44 ? NE2 ? A GLN 29 NE2 
5  1 Y 1 B GLN 44 ? CG  ? B GLN 29 CG  
6  1 Y 1 B GLN 44 ? CD  ? B GLN 29 CD  
7  1 Y 1 B GLN 44 ? OE1 ? B GLN 29 OE1 
8  1 Y 1 B GLN 44 ? NE2 ? B GLN 29 NE2 
9  1 Y 1 B ARG 65 ? CG  ? B ARG 50 CG  
10 1 Y 1 B ARG 65 ? CD  ? B ARG 50 CD  
11 1 Y 1 B ARG 65 ? NE  ? B ARG 50 NE  
12 1 Y 1 B ARG 65 ? CZ  ? B ARG 50 CZ  
13 1 Y 1 B ARG 65 ? NH1 ? B ARG 50 NH1 
14 1 Y 1 B ARG 65 ? NH2 ? B ARG 50 NH2 
# 
loop_
_software.name 
_software.classification 
_software.version 
_software.citation_id 
_software.pdbx_ordinal 
CrystalClear 'data collection' . ? 1 
AMoRE        phasing           . ? 2 
CNS          refinement        . ? 3 
DENZO        'data reduction'  . ? 4 
SCALEPACK    'data scaling'    . ? 5 
# 
_cell.entry_id           4ERE 
_cell.length_a           43.15 
_cell.length_b           60.24 
_cell.length_c           68.09 
_cell.angle_alpha        90 
_cell.angle_beta         90 
_cell.angle_gamma        90 
_cell.Z_PDB              8 
_cell.pdbx_unique_axis   ? 
_cell.length_a_esd       ? 
_cell.length_b_esd       ? 
_cell.length_c_esd       ? 
_cell.angle_alpha_esd    ? 
_cell.angle_beta_esd     ? 
_cell.angle_gamma_esd    ? 
# 
_symmetry.entry_id                         4ERE 
_symmetry.space_group_name_H-M             'P 21 21 21' 
_symmetry.pdbx_full_space_group_name_H-M   ? 
_symmetry.cell_setting                     ? 
_symmetry.Int_Tables_number                19 
_symmetry.space_group_name_Hall            ? 
# 
_exptl.entry_id          4ERE 
_exptl.method            'X-RAY DIFFRACTION' 
_exptl.crystals_number   1 
# 
_exptl_crystal.id                    1 
_exptl_crystal.density_meas          ? 
_exptl_crystal.density_Matthews      1.98 
_exptl_crystal.density_percent_sol   37.98 
_exptl_crystal.description           ? 
_exptl_crystal.F_000                 ? 
_exptl_crystal.preparation           ? 
# 
_exptl_crystal_grow.crystal_id      1 
_exptl_crystal_grow.method          'VAPOR DIFFUSION, HANGING DROP' 
_exptl_crystal_grow.temp            277 
_exptl_crystal_grow.temp_details    ? 
_exptl_crystal_grow.pH              6.0 
_exptl_crystal_grow.pdbx_details    
'100 mM MES, 2.7-3.2 M Ammonium Sulfate, pH 6.0, VAPOR DIFFUSION, HANGING DROP, temperature 277K' 
_exptl_crystal_grow.pdbx_pH_range   ? 
# 
_diffrn.id                     1 
_diffrn.ambient_temp           100 
_diffrn.ambient_temp_details   ? 
_diffrn.crystal_id             1 
# 
_diffrn_detector.diffrn_id              1 
_diffrn_detector.detector               'IMAGE PLATE' 
_diffrn_detector.type                   'RIGAKU RAXIS IV++' 
_diffrn_detector.pdbx_collection_date   2008-11-25 
_diffrn_detector.details                ? 
# 
_diffrn_radiation.diffrn_id                        1 
_diffrn_radiation.wavelength_id                    1 
_diffrn_radiation.pdbx_monochromatic_or_laue_m_l   M 
_diffrn_radiation.monochromator                    ? 
_diffrn_radiation.pdbx_diffrn_protocol             'SINGLE WAVELENGTH' 
_diffrn_radiation.pdbx_scattering_type             x-ray 
# 
_diffrn_radiation_wavelength.id           1 
_diffrn_radiation_wavelength.wavelength   1.54 
_diffrn_radiation_wavelength.wt           1.0 
# 
_diffrn_source.diffrn_id                   1 
_diffrn_source.source                      'ROTATING ANODE' 
_diffrn_source.type                        'RIGAKU FR-E DW' 
_diffrn_source.pdbx_synchrotron_site       ? 
_diffrn_source.pdbx_synchrotron_beamline   ? 
_diffrn_source.pdbx_wavelength             ? 
_diffrn_source.pdbx_wavelength_list        1.54 
# 
_reflns.entry_id                     4ERE 
_reflns.observed_criterion_sigma_I   -3.0 
_reflns.observed_criterion_sigma_F   ? 
_reflns.d_resolution_low             30.0 
_reflns.d_resolution_high            1.80 
_reflns.number_obs                   15234 
_reflns.number_all                   59655 
_reflns.percent_possible_obs         89.5 
_reflns.pdbx_Rmerge_I_obs            0.032 
_reflns.pdbx_Rsym_value              ? 
_reflns.pdbx_netI_over_sigmaI        ? 
_reflns.B_iso_Wilson_estimate        ? 
_reflns.pdbx_redundancy              ? 
_reflns.R_free_details               ? 
_reflns.limit_h_max                  ? 
_reflns.limit_h_min                  ? 
_reflns.limit_k_max                  ? 
_reflns.limit_k_min                  ? 
_reflns.limit_l_max                  ? 
_reflns.limit_l_min                  ? 
_reflns.observed_criterion_F_max     ? 
_reflns.observed_criterion_F_min     ? 
_reflns.pdbx_chi_squared             ? 
_reflns.pdbx_scaling_rejects         ? 
_reflns.pdbx_ordinal                 1 
_reflns.pdbx_diffrn_id               1 
# 
_reflns_shell.d_res_high             1.80 
_reflns_shell.d_res_low              1.86 
_reflns_shell.percent_possible_all   92.6 
_reflns_shell.Rmerge_I_obs           0.109 
_reflns_shell.pdbx_Rsym_value        ? 
_reflns_shell.meanI_over_sigI_obs    ? 
_reflns_shell.pdbx_redundancy        ? 
_reflns_shell.percent_possible_obs   ? 
_reflns_shell.number_unique_all      ? 
_reflns_shell.number_measured_all    ? 
_reflns_shell.number_measured_obs    ? 
_reflns_shell.number_unique_obs      ? 
_reflns_shell.pdbx_chi_squared       ? 
_reflns_shell.pdbx_ordinal           1 
_reflns_shell.pdbx_diffrn_id         1 
# 
_refine.entry_id                                 4ERE 
_refine.ls_number_reflns_obs                     15198 
_refine.ls_number_reflns_all                     ? 
_refine.pdbx_ls_sigma_I                          ? 
_refine.pdbx_ls_sigma_F                          0.00 
_refine.pdbx_data_cutoff_high_absF               ? 
_refine.pdbx_data_cutoff_low_absF                ? 
_refine.pdbx_data_cutoff_high_rms_absF           ? 
_refine.ls_d_res_low                             30.0 
_refine.ls_d_res_high                            1.80 
_refine.ls_percent_reflns_obs                    ? 
_refine.ls_R_factor_obs                          ? 
_refine.ls_R_factor_all                          ? 
_refine.ls_R_factor_R_work                       0.25 
_refine.ls_R_factor_R_free                       0.27 
_refine.ls_R_factor_R_free_error                 ? 
_refine.ls_R_factor_R_free_error_details         ? 
_refine.ls_percent_reflns_R_free                 ? 
_refine.ls_number_reflns_R_free                  763 
_refine.ls_number_parameters                     ? 
_refine.ls_number_restraints                     ? 
_refine.occupancy_min                            ? 
_refine.occupancy_max                            ? 
_refine.correlation_coeff_Fo_to_Fc               ? 
_refine.correlation_coeff_Fo_to_Fc_free          ? 
_refine.B_iso_mean                               ? 
_refine.aniso_B[1][1]                            ? 
_refine.aniso_B[2][2]                            ? 
_refine.aniso_B[3][3]                            ? 
_refine.aniso_B[1][2]                            ? 
_refine.aniso_B[1][3]                            ? 
_refine.aniso_B[2][3]                            ? 
_refine.solvent_model_details                    ? 
_refine.solvent_model_param_ksol                 ? 
_refine.solvent_model_param_bsol                 ? 
_refine.pdbx_solvent_vdw_probe_radii             ? 
_refine.pdbx_solvent_ion_probe_radii             ? 
_refine.pdbx_solvent_shrinkage_radii             ? 
_refine.pdbx_ls_cross_valid_method               ? 
_refine.details                                  ? 
_refine.pdbx_starting_model                      ? 
_refine.pdbx_method_to_determine_struct          'MOLECULAR REPLACEMENT' 
_refine.pdbx_isotropic_thermal_model             ? 
_refine.pdbx_stereochemistry_target_values       'Engh & Huber' 
_refine.pdbx_stereochem_target_val_spec_case     ? 
_refine.pdbx_R_Free_selection_details            RANDOM 
_refine.pdbx_overall_ESU_R                       ? 
_refine.pdbx_overall_ESU_R_Free                  ? 
_refine.overall_SU_ML                            ? 
_refine.pdbx_overall_phase_error                 ? 
_refine.overall_SU_B                             ? 
_refine.overall_SU_R_Cruickshank_DPI             ? 
_refine.ls_redundancy_reflns_obs                 ? 
_refine.B_iso_min                                ? 
_refine.B_iso_max                                ? 
_refine.overall_SU_R_free                        ? 
_refine.ls_wR_factor_R_free                      ? 
_refine.ls_wR_factor_R_work                      ? 
_refine.overall_FOM_free_R_set                   ? 
_refine.overall_FOM_work_R_set                   ? 
_refine.pdbx_diffrn_id                           1 
_refine.pdbx_refine_id                           'X-RAY DIFFRACTION' 
_refine.pdbx_TLS_residual_ADP_flag               ? 
_refine.pdbx_overall_SU_R_free_Cruickshank_DPI   ? 
_refine.pdbx_overall_SU_R_Blow_DPI               ? 
_refine.pdbx_overall_SU_R_free_Blow_DPI          ? 
# 
_refine_hist.pdbx_refine_id                   'X-RAY DIFFRACTION' 
_refine_hist.cycle_id                         LAST 
_refine_hist.pdbx_number_atoms_protein        1423 
_refine_hist.pdbx_number_atoms_nucleic_acid   0 
_refine_hist.pdbx_number_atoms_ligand         75 
_refine_hist.number_atoms_solvent             169 
_refine_hist.number_atoms_total               1667 
_refine_hist.d_res_high                       1.80 
_refine_hist.d_res_low                        30.0 
# 
_struct.entry_id                  4ERE 
_struct.title                     'crystal structure of MDM2 (17-111) in complex with compound 23' 
_struct.pdbx_model_details        ? 
_struct.pdbx_CASP_flag            ? 
_struct.pdbx_model_type_details   ? 
# 
_struct_keywords.entry_id        4ERE 
_struct_keywords.pdbx_keywords   'Ligase/Ligase inhibitor' 
_struct_keywords.text            'MDM2, p53, protein-protein interaction, Ligase-Ligase inhibitor complex' 
# 
loop_
_struct_asym.id 
_struct_asym.pdbx_blank_PDB_chainid_flag 
_struct_asym.pdbx_modified 
_struct_asym.entity_id 
_struct_asym.details 
A N N 1 ? 
B N N 1 ? 
C N N 2 ? 
D N N 3 ? 
E N N 2 ? 
F N N 4 ? 
G N N 4 ? 
# 
_struct_ref.id                         1 
_struct_ref.db_name                    UNP 
_struct_ref.db_code                    MDM2_HUMAN 
_struct_ref.pdbx_db_accession          Q00987 
_struct_ref.entity_id                  1 
_struct_ref.pdbx_seq_one_letter_code   
;SQIPASEQETLVRPKPLLLKLLKSVGAQKDTYTMKEVLFYLGQYIMTKRLYDEKQQHIVYCSNDLLGDLFGVPSFSVKEH
RKIYTMIYRNLVVVN
;
_struct_ref.pdbx_align_begin           17 
_struct_ref.pdbx_db_isoform            ? 
# 
loop_
_struct_ref_seq.align_id 
_struct_ref_seq.ref_id 
_struct_ref_seq.pdbx_PDB_id_code 
_struct_ref_seq.pdbx_strand_id 
_struct_ref_seq.seq_align_beg 
_struct_ref_seq.pdbx_seq_align_beg_ins_code 
_struct_ref_seq.seq_align_end 
_struct_ref_seq.pdbx_seq_align_end_ins_code 
_struct_ref_seq.pdbx_db_accession 
_struct_ref_seq.db_align_beg 
_struct_ref_seq.pdbx_db_align_beg_ins_code 
_struct_ref_seq.db_align_end 
_struct_ref_seq.pdbx_db_align_end_ins_code 
_struct_ref_seq.pdbx_auth_seq_align_beg 
_struct_ref_seq.pdbx_auth_seq_align_end 
1 1 4ERE A 2 ? 96 ? Q00987 17 ? 111 ? 17 111 
2 1 4ERE B 2 ? 96 ? Q00987 17 ? 111 ? 17 111 
# 
loop_
_struct_ref_seq_dif.align_id 
_struct_ref_seq_dif.pdbx_pdb_id_code 
_struct_ref_seq_dif.mon_id 
_struct_ref_seq_dif.pdbx_pdb_strand_id 
_struct_ref_seq_dif.seq_num 
_struct_ref_seq_dif.pdbx_pdb_ins_code 
_struct_ref_seq_dif.pdbx_seq_db_name 
_struct_ref_seq_dif.pdbx_seq_db_accession_code 
_struct_ref_seq_dif.db_mon_id 
_struct_ref_seq_dif.pdbx_seq_db_seq_num 
_struct_ref_seq_dif.details 
_struct_ref_seq_dif.pdbx_auth_seq_num 
_struct_ref_seq_dif.pdbx_ordinal 
1 4ERE GLY A 1 ? UNP Q00987 ? ? 'expression tag' 16 1 
2 4ERE GLY B 1 ? UNP Q00987 ? ? 'expression tag' 16 2 
# 
loop_
_pdbx_struct_assembly.id 
_pdbx_struct_assembly.details 
_pdbx_struct_assembly.method_details 
_pdbx_struct_assembly.oligomeric_details 
_pdbx_struct_assembly.oligomeric_count 
1 author_defined_assembly ? monomeric 1 
2 author_defined_assembly ? monomeric 1 
# 
loop_
_pdbx_struct_assembly_gen.assembly_id 
_pdbx_struct_assembly_gen.oper_expression 
_pdbx_struct_assembly_gen.asym_id_list 
1 1 A,C,D,F 
2 1 B,E,G   
# 
_pdbx_struct_oper_list.id                   1 
_pdbx_struct_oper_list.type                 'identity operation' 
_pdbx_struct_oper_list.name                 1_555 
_pdbx_struct_oper_list.symmetry_operation   x,y,z 
_pdbx_struct_oper_list.matrix[1][1]         1.0000000000 
_pdbx_struct_oper_list.matrix[1][2]         0.0000000000 
_pdbx_struct_oper_list.matrix[1][3]         0.0000000000 
_pdbx_struct_oper_list.vector[1]            0.0000000000 
_pdbx_struct_oper_list.matrix[2][1]         0.0000000000 
_pdbx_struct_oper_list.matrix[2][2]         1.0000000000 
_pdbx_struct_oper_list.matrix[2][3]         0.0000000000 
_pdbx_struct_oper_list.vector[2]            0.0000000000 
_pdbx_struct_oper_list.matrix[3][1]         0.0000000000 
_pdbx_struct_oper_list.matrix[3][2]         0.0000000000 
_pdbx_struct_oper_list.matrix[3][3]         1.0000000000 
_pdbx_struct_oper_list.vector[3]            0.0000000000 
# 
_struct_biol.id        1 
_struct_biol.details   ? 
# 
loop_
_struct_conf.conf_type_id 
_struct_conf.id 
_struct_conf.pdbx_PDB_helix_id 
_struct_conf.beg_label_comp_id 
_struct_conf.beg_label_asym_id 
_struct_conf.beg_label_seq_id 
_struct_conf.pdbx_beg_PDB_ins_code 
_struct_conf.end_label_comp_id 
_struct_conf.end_label_asym_id 
_struct_conf.end_label_seq_id 
_struct_conf.pdbx_end_PDB_ins_code 
_struct_conf.beg_auth_comp_id 
_struct_conf.beg_auth_asym_id 
_struct_conf.beg_auth_seq_id 
_struct_conf.end_auth_comp_id 
_struct_conf.end_auth_asym_id 
_struct_conf.end_auth_seq_id 
_struct_conf.pdbx_PDB_helix_class 
_struct_conf.details 
_struct_conf.pdbx_PDB_helix_length 
HELX_P HELX_P1 1 LYS A 16 ? SER A 25 ? LYS A 31 SER A 40  1 ? 10 
HELX_P HELX_P2 2 MET A 35 ? LYS A 49 ? MET A 50 LYS A 64  1 ? 15 
HELX_P HELX_P3 3 ASP A 65 ? GLY A 72 ? ASP A 80 GLY A 87  1 ? 8  
HELX_P HELX_P4 4 GLU A 80 ? ARG A 90 ? GLU A 95 ARG A 105 1 ? 11 
HELX_P HELX_P5 5 PRO B 5  ? GLU B 10 ? PRO B 20 GLU B 25  1 ? 6  
HELX_P HELX_P6 6 LYS B 16 ? VAL B 26 ? LYS B 31 VAL B 41  1 ? 11 
HELX_P HELX_P7 7 MET B 35 ? LYS B 49 ? MET B 50 LYS B 64  1 ? 15 
HELX_P HELX_P8 8 ASP B 65 ? GLY B 72 ? ASP B 80 GLY B 87  1 ? 8  
HELX_P HELX_P9 9 GLU B 80 ? ARG B 90 ? GLU B 95 ARG B 105 1 ? 11 
# 
_struct_conf_type.id          HELX_P 
_struct_conf_type.criteria    ? 
_struct_conf_type.reference   ? 
# 
loop_
_struct_sheet.id 
_struct_sheet.type 
_struct_sheet.number_strands 
_struct_sheet.details 
A ? 3 ? 
B ? 2 ? 
C ? 3 ? 
D ? 2 ? 
# 
loop_
_struct_sheet_order.sheet_id 
_struct_sheet_order.range_id_1 
_struct_sheet_order.range_id_2 
_struct_sheet_order.offset 
_struct_sheet_order.sense 
A 1 2 ? anti-parallel 
A 2 3 ? anti-parallel 
B 1 2 ? anti-parallel 
C 1 2 ? anti-parallel 
C 2 3 ? anti-parallel 
D 1 2 ? anti-parallel 
# 
loop_
_struct_sheet_range.sheet_id 
_struct_sheet_range.id 
_struct_sheet_range.beg_label_comp_id 
_struct_sheet_range.beg_label_asym_id 
_struct_sheet_range.beg_label_seq_id 
_struct_sheet_range.pdbx_beg_PDB_ins_code 
_struct_sheet_range.end_label_comp_id 
_struct_sheet_range.end_label_asym_id 
_struct_sheet_range.end_label_seq_id 
_struct_sheet_range.pdbx_end_PDB_ins_code 
_struct_sheet_range.beg_auth_comp_id 
_struct_sheet_range.beg_auth_asym_id 
_struct_sheet_range.beg_auth_seq_id 
_struct_sheet_range.end_auth_comp_id 
_struct_sheet_range.end_auth_asym_id 
_struct_sheet_range.end_auth_seq_id 
A 1 TYR A 33 ? THR A 34 ? TYR A 48  THR A 49  
A 2 LEU A 12 ? PRO A 15 ? LEU A 27  PRO A 30  
A 3 LEU A 92 ? VAL A 94 ? LEU A 107 VAL A 109 
B 1 ILE A 59 ? TYR A 61 ? ILE A 74  TYR A 76  
B 2 SER A 75 ? SER A 77 ? SER A 90  SER A 92  
C 1 TYR B 33 ? THR B 34 ? TYR B 48  THR B 49  
C 2 LEU B 12 ? PRO B 15 ? LEU B 27  PRO B 30  
C 3 LEU B 92 ? VAL B 94 ? LEU B 107 VAL B 109 
D 1 ILE B 59 ? TYR B 61 ? ILE B 74  TYR B 76  
D 2 SER B 75 ? SER B 77 ? SER B 90  SER B 92  
# 
loop_
_pdbx_struct_sheet_hbond.sheet_id 
_pdbx_struct_sheet_hbond.range_id_1 
_pdbx_struct_sheet_hbond.range_id_2 
_pdbx_struct_sheet_hbond.range_1_label_atom_id 
_pdbx_struct_sheet_hbond.range_1_label_comp_id 
_pdbx_struct_sheet_hbond.range_1_label_asym_id 
_pdbx_struct_sheet_hbond.range_1_label_seq_id 
_pdbx_struct_sheet_hbond.range_1_PDB_ins_code 
_pdbx_struct_sheet_hbond.range_1_auth_atom_id 
_pdbx_struct_sheet_hbond.range_1_auth_comp_id 
_pdbx_struct_sheet_hbond.range_1_auth_asym_id 
_pdbx_struct_sheet_hbond.range_1_auth_seq_id 
_pdbx_struct_sheet_hbond.range_2_label_atom_id 
_pdbx_struct_sheet_hbond.range_2_label_comp_id 
_pdbx_struct_sheet_hbond.range_2_label_asym_id 
_pdbx_struct_sheet_hbond.range_2_label_seq_id 
_pdbx_struct_sheet_hbond.range_2_PDB_ins_code 
_pdbx_struct_sheet_hbond.range_2_auth_atom_id 
_pdbx_struct_sheet_hbond.range_2_auth_comp_id 
_pdbx_struct_sheet_hbond.range_2_auth_asym_id 
_pdbx_struct_sheet_hbond.range_2_auth_seq_id 
A 1 2 O TYR A 33 ? O TYR A 48 N VAL A 13 ? N VAL A 28  
A 2 3 N ARG A 14 ? N ARG A 29 O VAL A 93 ? O VAL A 108 
B 1 2 N VAL A 60 ? N VAL A 75 O PHE A 76 ? O PHE A 91  
C 1 2 O TYR B 33 ? O TYR B 48 N VAL B 13 ? N VAL B 28  
C 2 3 N ARG B 14 ? N ARG B 29 O VAL B 93 ? O VAL B 108 
D 1 2 N VAL B 60 ? N VAL B 75 O PHE B 76 ? O PHE B 91  
# 
loop_
_struct_site.id 
_struct_site.pdbx_evidence_code 
_struct_site.pdbx_auth_asym_id 
_struct_site.pdbx_auth_comp_id 
_struct_site.pdbx_auth_seq_id 
_struct_site.pdbx_auth_ins_code 
_struct_site.pdbx_num_residues 
_struct_site.details 
AC1 Software A 0R2 201 ? 12 'BINDING SITE FOR RESIDUE 0R2 A 201' 
AC2 Software A SO4 202 ? 4  'BINDING SITE FOR RESIDUE SO4 A 202' 
AC3 Software B 0R2 201 ? 12 'BINDING SITE FOR RESIDUE 0R2 B 201' 
# 
loop_
_struct_site_gen.id 
_struct_site_gen.site_id 
_struct_site_gen.pdbx_num_res 
_struct_site_gen.label_comp_id 
_struct_site_gen.label_asym_id 
_struct_site_gen.label_seq_id 
_struct_site_gen.pdbx_auth_ins_code 
_struct_site_gen.auth_comp_id 
_struct_site_gen.auth_asym_id 
_struct_site_gen.auth_seq_id 
_struct_site_gen.label_atom_id 
_struct_site_gen.label_alt_id 
_struct_site_gen.symmetry 
_struct_site_gen.details 
1  AC1 12 LEU A 39 ? LEU A 54  . ? 1_555 ? 
2  AC1 12 ILE A 46 ? ILE A 61  . ? 1_555 ? 
3  AC1 12 VAL A 78 ? VAL A 93  . ? 1_555 ? 
4  AC1 12 LYS A 79 ? LYS A 94  . ? 1_555 ? 
5  AC1 12 HIS A 81 ? HIS A 96  . ? 1_555 ? 
6  AC1 12 ILE A 84 ? ILE A 99  . ? 1_555 ? 
7  AC1 12 HOH F .  ? HOH A 323 . ? 1_555 ? 
8  AC1 12 HOH F .  ? HOH A 363 . ? 1_555 ? 
9  AC1 12 PHE B 40 ? PHE B 55  . ? 3_655 ? 
10 AC1 12 HIS B 81 ? HIS B 96  . ? 3_655 ? 
11 AC1 12 0R2 E .  ? 0R2 B 201 . ? 3_655 ? 
12 AC1 12 HOH G .  ? HOH B 334 . ? 3_655 ? 
13 AC2 4  HIS A 81 ? HIS A 96  . ? 1_555 ? 
14 AC2 4  HOH F .  ? HOH A 313 . ? 1_555 ? 
15 AC2 4  LYS B 24 ? LYS B 39  . ? 1_565 ? 
16 AC2 4  LYS B 79 ? LYS B 94  . ? 3_655 ? 
17 AC3 12 PHE A 40 ? PHE A 55  . ? 3_645 ? 
18 AC3 12 HIS A 81 ? HIS A 96  . ? 3_645 ? 
19 AC3 12 0R2 C .  ? 0R2 A 201 . ? 3_645 ? 
20 AC3 12 HOH F .  ? HOH A 339 . ? 3_645 ? 
21 AC3 12 HOH F .  ? HOH A 363 . ? 3_645 ? 
22 AC3 12 LYS B 36 ? LYS B 51  . ? 1_555 ? 
23 AC3 12 LEU B 39 ? LEU B 54  . ? 1_555 ? 
24 AC3 12 ILE B 46 ? ILE B 61  . ? 1_555 ? 
25 AC3 12 VAL B 78 ? VAL B 93  . ? 1_555 ? 
26 AC3 12 LYS B 79 ? LYS B 94  . ? 1_555 ? 
27 AC3 12 HIS B 81 ? HIS B 96  . ? 1_555 ? 
28 AC3 12 HOH G .  ? HOH B 327 . ? 1_555 ? 
# 
_pdbx_validate_close_contact.id               1 
_pdbx_validate_close_contact.PDB_model_num    1 
_pdbx_validate_close_contact.auth_atom_id_1   N 
_pdbx_validate_close_contact.auth_asym_id_1   A 
_pdbx_validate_close_contact.auth_comp_id_1   HIS 
_pdbx_validate_close_contact.auth_seq_id_1    73 
_pdbx_validate_close_contact.PDB_ins_code_1   ? 
_pdbx_validate_close_contact.label_alt_id_1   ? 
_pdbx_validate_close_contact.auth_atom_id_2   O 
_pdbx_validate_close_contact.auth_asym_id_2   A 
_pdbx_validate_close_contact.auth_comp_id_2   HOH 
_pdbx_validate_close_contact.auth_seq_id_2    316 
_pdbx_validate_close_contact.PDB_ins_code_2   ? 
_pdbx_validate_close_contact.label_alt_id_2   ? 
_pdbx_validate_close_contact.dist             2.10 
# 
_pdbx_validate_rmsd_angle.id                         1 
_pdbx_validate_rmsd_angle.PDB_model_num              1 
_pdbx_validate_rmsd_angle.auth_atom_id_1             N 
_pdbx_validate_rmsd_angle.auth_asym_id_1             B 
_pdbx_validate_rmsd_angle.auth_comp_id_1             LYS 
_pdbx_validate_rmsd_angle.auth_seq_id_1              64 
_pdbx_validate_rmsd_angle.PDB_ins_code_1             ? 
_pdbx_validate_rmsd_angle.label_alt_id_1             ? 
_pdbx_validate_rmsd_angle.auth_atom_id_2             CA 
_pdbx_validate_rmsd_angle.auth_asym_id_2             B 
_pdbx_validate_rmsd_angle.auth_comp_id_2             LYS 
_pdbx_validate_rmsd_angle.auth_seq_id_2              64 
_pdbx_validate_rmsd_angle.PDB_ins_code_2             ? 
_pdbx_validate_rmsd_angle.label_alt_id_2             ? 
_pdbx_validate_rmsd_angle.auth_atom_id_3             C 
_pdbx_validate_rmsd_angle.auth_asym_id_3             B 
_pdbx_validate_rmsd_angle.auth_comp_id_3             LYS 
_pdbx_validate_rmsd_angle.auth_seq_id_3              64 
_pdbx_validate_rmsd_angle.PDB_ins_code_3             ? 
_pdbx_validate_rmsd_angle.label_alt_id_3             ? 
_pdbx_validate_rmsd_angle.angle_value                87.53 
_pdbx_validate_rmsd_angle.angle_target_value         111.00 
_pdbx_validate_rmsd_angle.angle_deviation            -23.47 
_pdbx_validate_rmsd_angle.angle_standard_deviation   2.70 
_pdbx_validate_rmsd_angle.linker_flag                N 
# 
loop_
_pdbx_validate_torsion.id 
_pdbx_validate_torsion.PDB_model_num 
_pdbx_validate_torsion.auth_comp_id 
_pdbx_validate_torsion.auth_asym_id 
_pdbx_validate_torsion.auth_seq_id 
_pdbx_validate_torsion.PDB_ins_code 
_pdbx_validate_torsion.label_alt_id 
_pdbx_validate_torsion.phi 
_pdbx_validate_torsion.psi 
1 1 GLN A 44 ? ? -152.24 25.97   
2 1 LYS B 64 ? ? -83.77  -153.09 
3 1 ARG B 65 ? ? -167.34 66.08   
# 
loop_
_pdbx_unobs_or_zero_occ_residues.id 
_pdbx_unobs_or_zero_occ_residues.PDB_model_num 
_pdbx_unobs_or_zero_occ_residues.polymer_flag 
_pdbx_unobs_or_zero_occ_residues.occupancy_flag 
_pdbx_unobs_or_zero_occ_residues.auth_asym_id 
_pdbx_unobs_or_zero_occ_residues.auth_comp_id 
_pdbx_unobs_or_zero_occ_residues.auth_seq_id 
_pdbx_unobs_or_zero_occ_residues.PDB_ins_code 
_pdbx_unobs_or_zero_occ_residues.label_asym_id 
_pdbx_unobs_or_zero_occ_residues.label_comp_id 
_pdbx_unobs_or_zero_occ_residues.label_seq_id 
1  1 Y 1 A GLY 16 ? A GLY 1  
2  1 Y 1 A SER 17 ? A SER 2  
3  1 Y 1 A GLN 18 ? A GLN 3  
4  1 Y 1 A ILE 19 ? A ILE 4  
5  1 Y 1 A PRO 20 ? A PRO 5  
6  1 Y 1 A ALA 21 ? A ALA 6  
7  1 Y 1 A ASP 68 ? A ASP 53 
8  1 Y 1 A GLU 69 ? A GLU 54 
9  1 Y 1 A LYS 70 ? A LYS 55 
10 1 Y 1 A GLN 71 ? A GLN 56 
11 1 Y 1 A GLN 72 ? A GLN 57 
12 1 Y 1 B GLY 16 ? B GLY 1  
13 1 Y 1 B ASP 68 ? B ASP 53 
14 1 Y 1 B GLU 69 ? B GLU 54 
15 1 Y 1 B LYS 70 ? B LYS 55 
16 1 Y 1 B GLN 71 ? B GLN 56 
17 1 Y 1 B GLN 72 ? B GLN 57 
# 
loop_
_chem_comp_atom.comp_id 
_chem_comp_atom.atom_id 
_chem_comp_atom.type_symbol 
_chem_comp_atom.pdbx_aromatic_flag 
_chem_comp_atom.pdbx_stereo_config 
_chem_comp_atom.pdbx_ordinal 
0R2 CL1  CL N N 1   
0R2 C1   C  Y N 2   
0R2 C2   C  Y N 3   
0R2 C3   C  Y N 4   
0R2 C4   C  Y N 5   
0R2 C5   C  Y N 6   
0R2 C6   C  Y N 7   
0R2 C7   C  N S 8   
0R2 N1   N  N N 9   
0R2 C8   C  N S 10  
0R2 C9   C  N N 11  
0R2 O4   O  N N 12  
0R2 C11  C  N N 13  
0R2 O1   O  N N 14  
0R2 C12  C  N R 15  
0R2 C13  C  N N 16  
0R2 C14  C  N N 17  
0R2 O2   O  N N 18  
0R2 O3   O  N N 19  
0R2 C15  C  N N 20  
0R2 C16  C  N R 21  
0R2 C17  C  Y N 22  
0R2 C18  C  Y N 23  
0R2 C19  C  Y N 24  
0R2 C20  C  Y N 25  
0R2 C21  C  Y N 26  
0R2 CL2  CL N N 27  
0R2 C22  C  Y N 28  
0R2 C10  C  N N 29  
0R2 C23  C  N N 30  
0R2 O5   O  N N 31  
0R2 C24  C  N N 32  
0R2 C25  C  N N 33  
0R2 C26  C  N N 34  
0R2 C27  C  N N 35  
0R2 H1   H  N N 36  
0R2 H2   H  N N 37  
0R2 H3   H  N N 38  
0R2 H4   H  N N 39  
0R2 H5   H  N N 40  
0R2 H6   H  N N 41  
0R2 H7   H  N N 42  
0R2 H8   H  N N 43  
0R2 H9   H  N N 44  
0R2 H10  H  N N 45  
0R2 H11  H  N N 46  
0R2 H12  H  N N 47  
0R2 H13  H  N N 48  
0R2 H14  H  N N 49  
0R2 H15  H  N N 50  
0R2 H16  H  N N 51  
0R2 H17  H  N N 52  
0R2 H18  H  N N 53  
0R2 H19  H  N N 54  
0R2 H20  H  N N 55  
0R2 H21  H  N N 56  
0R2 H22  H  N N 57  
0R2 H23  H  N N 58  
0R2 H24  H  N N 59  
0R2 H25  H  N N 60  
0R2 H26  H  N N 61  
0R2 H27  H  N N 62  
0R2 H28  H  N N 63  
0R2 H29  H  N N 64  
0R2 H30  H  N N 65  
0R2 H31  H  N N 66  
ALA N    N  N N 67  
ALA CA   C  N S 68  
ALA C    C  N N 69  
ALA O    O  N N 70  
ALA CB   C  N N 71  
ALA OXT  O  N N 72  
ALA H    H  N N 73  
ALA H2   H  N N 74  
ALA HA   H  N N 75  
ALA HB1  H  N N 76  
ALA HB2  H  N N 77  
ALA HB3  H  N N 78  
ALA HXT  H  N N 79  
ARG N    N  N N 80  
ARG CA   C  N S 81  
ARG C    C  N N 82  
ARG O    O  N N 83  
ARG CB   C  N N 84  
ARG CG   C  N N 85  
ARG CD   C  N N 86  
ARG NE   N  N N 87  
ARG CZ   C  N N 88  
ARG NH1  N  N N 89  
ARG NH2  N  N N 90  
ARG OXT  O  N N 91  
ARG H    H  N N 92  
ARG H2   H  N N 93  
ARG HA   H  N N 94  
ARG HB2  H  N N 95  
ARG HB3  H  N N 96  
ARG HG2  H  N N 97  
ARG HG3  H  N N 98  
ARG HD2  H  N N 99  
ARG HD3  H  N N 100 
ARG HE   H  N N 101 
ARG HH11 H  N N 102 
ARG HH12 H  N N 103 
ARG HH21 H  N N 104 
ARG HH22 H  N N 105 
ARG HXT  H  N N 106 
ASN N    N  N N 107 
ASN CA   C  N S 108 
ASN C    C  N N 109 
ASN O    O  N N 110 
ASN CB   C  N N 111 
ASN CG   C  N N 112 
ASN OD1  O  N N 113 
ASN ND2  N  N N 114 
ASN OXT  O  N N 115 
ASN H    H  N N 116 
ASN H2   H  N N 117 
ASN HA   H  N N 118 
ASN HB2  H  N N 119 
ASN HB3  H  N N 120 
ASN HD21 H  N N 121 
ASN HD22 H  N N 122 
ASN HXT  H  N N 123 
ASP N    N  N N 124 
ASP CA   C  N S 125 
ASP C    C  N N 126 
ASP O    O  N N 127 
ASP CB   C  N N 128 
ASP CG   C  N N 129 
ASP OD1  O  N N 130 
ASP OD2  O  N N 131 
ASP OXT  O  N N 132 
ASP H    H  N N 133 
ASP H2   H  N N 134 
ASP HA   H  N N 135 
ASP HB2  H  N N 136 
ASP HB3  H  N N 137 
ASP HD2  H  N N 138 
ASP HXT  H  N N 139 
CYS N    N  N N 140 
CYS CA   C  N R 141 
CYS C    C  N N 142 
CYS O    O  N N 143 
CYS CB   C  N N 144 
CYS SG   S  N N 145 
CYS OXT  O  N N 146 
CYS H    H  N N 147 
CYS H2   H  N N 148 
CYS HA   H  N N 149 
CYS HB2  H  N N 150 
CYS HB3  H  N N 151 
CYS HG   H  N N 152 
CYS HXT  H  N N 153 
GLN N    N  N N 154 
GLN CA   C  N S 155 
GLN C    C  N N 156 
GLN O    O  N N 157 
GLN CB   C  N N 158 
GLN CG   C  N N 159 
GLN CD   C  N N 160 
GLN OE1  O  N N 161 
GLN NE2  N  N N 162 
GLN OXT  O  N N 163 
GLN H    H  N N 164 
GLN H2   H  N N 165 
GLN HA   H  N N 166 
GLN HB2  H  N N 167 
GLN HB3  H  N N 168 
GLN HG2  H  N N 169 
GLN HG3  H  N N 170 
GLN HE21 H  N N 171 
GLN HE22 H  N N 172 
GLN HXT  H  N N 173 
GLU N    N  N N 174 
GLU CA   C  N S 175 
GLU C    C  N N 176 
GLU O    O  N N 177 
GLU CB   C  N N 178 
GLU CG   C  N N 179 
GLU CD   C  N N 180 
GLU OE1  O  N N 181 
GLU OE2  O  N N 182 
GLU OXT  O  N N 183 
GLU H    H  N N 184 
GLU H2   H  N N 185 
GLU HA   H  N N 186 
GLU HB2  H  N N 187 
GLU HB3  H  N N 188 
GLU HG2  H  N N 189 
GLU HG3  H  N N 190 
GLU HE2  H  N N 191 
GLU HXT  H  N N 192 
GLY N    N  N N 193 
GLY CA   C  N N 194 
GLY C    C  N N 195 
GLY O    O  N N 196 
GLY OXT  O  N N 197 
GLY H    H  N N 198 
GLY H2   H  N N 199 
GLY HA2  H  N N 200 
GLY HA3  H  N N 201 
GLY HXT  H  N N 202 
HIS N    N  N N 203 
HIS CA   C  N S 204 
HIS C    C  N N 205 
HIS O    O  N N 206 
HIS CB   C  N N 207 
HIS CG   C  Y N 208 
HIS ND1  N  Y N 209 
HIS CD2  C  Y N 210 
HIS CE1  C  Y N 211 
HIS NE2  N  Y N 212 
HIS OXT  O  N N 213 
HIS H    H  N N 214 
HIS H2   H  N N 215 
HIS HA   H  N N 216 
HIS HB2  H  N N 217 
HIS HB3  H  N N 218 
HIS HD1  H  N N 219 
HIS HD2  H  N N 220 
HIS HE1  H  N N 221 
HIS HE2  H  N N 222 
HIS HXT  H  N N 223 
HOH O    O  N N 224 
HOH H1   H  N N 225 
HOH H2   H  N N 226 
ILE N    N  N N 227 
ILE CA   C  N S 228 
ILE C    C  N N 229 
ILE O    O  N N 230 
ILE CB   C  N S 231 
ILE CG1  C  N N 232 
ILE CG2  C  N N 233 
ILE CD1  C  N N 234 
ILE OXT  O  N N 235 
ILE H    H  N N 236 
ILE H2   H  N N 237 
ILE HA   H  N N 238 
ILE HB   H  N N 239 
ILE HG12 H  N N 240 
ILE HG13 H  N N 241 
ILE HG21 H  N N 242 
ILE HG22 H  N N 243 
ILE HG23 H  N N 244 
ILE HD11 H  N N 245 
ILE HD12 H  N N 246 
ILE HD13 H  N N 247 
ILE HXT  H  N N 248 
LEU N    N  N N 249 
LEU CA   C  N S 250 
LEU C    C  N N 251 
LEU O    O  N N 252 
LEU CB   C  N N 253 
LEU CG   C  N N 254 
LEU CD1  C  N N 255 
LEU CD2  C  N N 256 
LEU OXT  O  N N 257 
LEU H    H  N N 258 
LEU H2   H  N N 259 
LEU HA   H  N N 260 
LEU HB2  H  N N 261 
LEU HB3  H  N N 262 
LEU HG   H  N N 263 
LEU HD11 H  N N 264 
LEU HD12 H  N N 265 
LEU HD13 H  N N 266 
LEU HD21 H  N N 267 
LEU HD22 H  N N 268 
LEU HD23 H  N N 269 
LEU HXT  H  N N 270 
LYS N    N  N N 271 
LYS CA   C  N S 272 
LYS C    C  N N 273 
LYS O    O  N N 274 
LYS CB   C  N N 275 
LYS CG   C  N N 276 
LYS CD   C  N N 277 
LYS CE   C  N N 278 
LYS NZ   N  N N 279 
LYS OXT  O  N N 280 
LYS H    H  N N 281 
LYS H2   H  N N 282 
LYS HA   H  N N 283 
LYS HB2  H  N N 284 
LYS HB3  H  N N 285 
LYS HG2  H  N N 286 
LYS HG3  H  N N 287 
LYS HD2  H  N N 288 
LYS HD3  H  N N 289 
LYS HE2  H  N N 290 
LYS HE3  H  N N 291 
LYS HZ1  H  N N 292 
LYS HZ2  H  N N 293 
LYS HZ3  H  N N 294 
LYS HXT  H  N N 295 
MET N    N  N N 296 
MET CA   C  N S 297 
MET C    C  N N 298 
MET O    O  N N 299 
MET CB   C  N N 300 
MET CG   C  N N 301 
MET SD   S  N N 302 
MET CE   C  N N 303 
MET OXT  O  N N 304 
MET H    H  N N 305 
MET H2   H  N N 306 
MET HA   H  N N 307 
MET HB2  H  N N 308 
MET HB3  H  N N 309 
MET HG2  H  N N 310 
MET HG3  H  N N 311 
MET HE1  H  N N 312 
MET HE2  H  N N 313 
MET HE3  H  N N 314 
MET HXT  H  N N 315 
PHE N    N  N N 316 
PHE CA   C  N S 317 
PHE C    C  N N 318 
PHE O    O  N N 319 
PHE CB   C  N N 320 
PHE CG   C  Y N 321 
PHE CD1  C  Y N 322 
PHE CD2  C  Y N 323 
PHE CE1  C  Y N 324 
PHE CE2  C  Y N 325 
PHE CZ   C  Y N 326 
PHE OXT  O  N N 327 
PHE H    H  N N 328 
PHE H2   H  N N 329 
PHE HA   H  N N 330 
PHE HB2  H  N N 331 
PHE HB3  H  N N 332 
PHE HD1  H  N N 333 
PHE HD2  H  N N 334 
PHE HE1  H  N N 335 
PHE HE2  H  N N 336 
PHE HZ   H  N N 337 
PHE HXT  H  N N 338 
PRO N    N  N N 339 
PRO CA   C  N S 340 
PRO C    C  N N 341 
PRO O    O  N N 342 
PRO CB   C  N N 343 
PRO CG   C  N N 344 
PRO CD   C  N N 345 
PRO OXT  O  N N 346 
PRO H    H  N N 347 
PRO HA   H  N N 348 
PRO HB2  H  N N 349 
PRO HB3  H  N N 350 
PRO HG2  H  N N 351 
PRO HG3  H  N N 352 
PRO HD2  H  N N 353 
PRO HD3  H  N N 354 
PRO HXT  H  N N 355 
SER N    N  N N 356 
SER CA   C  N S 357 
SER C    C  N N 358 
SER O    O  N N 359 
SER CB   C  N N 360 
SER OG   O  N N 361 
SER OXT  O  N N 362 
SER H    H  N N 363 
SER H2   H  N N 364 
SER HA   H  N N 365 
SER HB2  H  N N 366 
SER HB3  H  N N 367 
SER HG   H  N N 368 
SER HXT  H  N N 369 
SO4 S    S  N N 370 
SO4 O1   O  N N 371 
SO4 O2   O  N N 372 
SO4 O3   O  N N 373 
SO4 O4   O  N N 374 
THR N    N  N N 375 
THR CA   C  N S 376 
THR C    C  N N 377 
THR O    O  N N 378 
THR CB   C  N R 379 
THR OG1  O  N N 380 
THR CG2  C  N N 381 
THR OXT  O  N N 382 
THR H    H  N N 383 
THR H2   H  N N 384 
THR HA   H  N N 385 
THR HB   H  N N 386 
THR HG1  H  N N 387 
THR HG21 H  N N 388 
THR HG22 H  N N 389 
THR HG23 H  N N 390 
THR HXT  H  N N 391 
TYR N    N  N N 392 
TYR CA   C  N S 393 
TYR C    C  N N 394 
TYR O    O  N N 395 
TYR CB   C  N N 396 
TYR CG   C  Y N 397 
TYR CD1  C  Y N 398 
TYR CD2  C  Y N 399 
TYR CE1  C  Y N 400 
TYR CE2  C  Y N 401 
TYR CZ   C  Y N 402 
TYR OH   O  N N 403 
TYR OXT  O  N N 404 
TYR H    H  N N 405 
TYR H2   H  N N 406 
TYR HA   H  N N 407 
TYR HB2  H  N N 408 
TYR HB3  H  N N 409 
TYR HD1  H  N N 410 
TYR HD2  H  N N 411 
TYR HE1  H  N N 412 
TYR HE2  H  N N 413 
TYR HH   H  N N 414 
TYR HXT  H  N N 415 
VAL N    N  N N 416 
VAL CA   C  N S 417 
VAL C    C  N N 418 
VAL O    O  N N 419 
VAL CB   C  N N 420 
VAL CG1  C  N N 421 
VAL CG2  C  N N 422 
VAL OXT  O  N N 423 
VAL H    H  N N 424 
VAL H2   H  N N 425 
VAL HA   H  N N 426 
VAL HB   H  N N 427 
VAL HG11 H  N N 428 
VAL HG12 H  N N 429 
VAL HG13 H  N N 430 
VAL HG21 H  N N 431 
VAL HG22 H  N N 432 
VAL HG23 H  N N 433 
VAL HXT  H  N N 434 
# 
loop_
_chem_comp_bond.comp_id 
_chem_comp_bond.atom_id_1 
_chem_comp_bond.atom_id_2 
_chem_comp_bond.value_order 
_chem_comp_bond.pdbx_aromatic_flag 
_chem_comp_bond.pdbx_stereo_config 
_chem_comp_bond.pdbx_ordinal 
0R2 C27 C24  sing N N 1   
0R2 O3  C14  doub N N 2   
0R2 O1  C11  doub N N 3   
0R2 C25 C24  sing N N 4   
0R2 C10 C23  sing N N 5   
0R2 C10 C8   sing N N 6   
0R2 C24 O5   sing N N 7   
0R2 C24 C26  sing N N 8   
0R2 C14 C13  sing N N 9   
0R2 C14 O2   sing N N 10  
0R2 C11 C12  sing N N 11  
0R2 C11 N1   sing N N 12  
0R2 C13 C12  sing N N 13  
0R2 O5  C9   sing N N 14  
0R2 C12 C15  sing N N 15  
0R2 C9  O4   doub N N 16  
0R2 C9  C8   sing N N 17  
0R2 C8  N1   sing N N 18  
0R2 N1  C7   sing N N 19  
0R2 C15 C16  sing N N 20  
0R2 C7  C16  sing N N 21  
0R2 C7  C6   sing N N 22  
0R2 C16 C17  sing N N 23  
0R2 C3  C6   doub Y N 24  
0R2 C3  C2   sing Y N 25  
0R2 C6  C5   sing Y N 26  
0R2 C2  C1   doub Y N 27  
0R2 C17 C18  doub Y N 28  
0R2 C17 C22  sing Y N 29  
0R2 C5  C4   doub Y N 30  
0R2 C18 C19  sing Y N 31  
0R2 C1  C4   sing Y N 32  
0R2 C1  CL1  sing N N 33  
0R2 C22 C21  doub Y N 34  
0R2 C19 C20  doub Y N 35  
0R2 C21 C20  sing Y N 36  
0R2 C21 CL2  sing N N 37  
0R2 C2  H1   sing N N 38  
0R2 C3  H2   sing N N 39  
0R2 C4  H3   sing N N 40  
0R2 C5  H4   sing N N 41  
0R2 C7  H5   sing N N 42  
0R2 C8  H6   sing N N 43  
0R2 C12 H7   sing N N 44  
0R2 C13 H8   sing N N 45  
0R2 C13 H9   sing N N 46  
0R2 O2  H10  sing N N 47  
0R2 C15 H11  sing N N 48  
0R2 C15 H12  sing N N 49  
0R2 C16 H13  sing N N 50  
0R2 C18 H14  sing N N 51  
0R2 C19 H15  sing N N 52  
0R2 C20 H16  sing N N 53  
0R2 C22 H17  sing N N 54  
0R2 C10 H18  sing N N 55  
0R2 C10 H19  sing N N 56  
0R2 C23 H20  sing N N 57  
0R2 C23 H21  sing N N 58  
0R2 C23 H22  sing N N 59  
0R2 C25 H23  sing N N 60  
0R2 C25 H24  sing N N 61  
0R2 C25 H25  sing N N 62  
0R2 C26 H26  sing N N 63  
0R2 C26 H27  sing N N 64  
0R2 C26 H28  sing N N 65  
0R2 C27 H29  sing N N 66  
0R2 C27 H30  sing N N 67  
0R2 C27 H31  sing N N 68  
ALA N   CA   sing N N 69  
ALA N   H    sing N N 70  
ALA N   H2   sing N N 71  
ALA CA  C    sing N N 72  
ALA CA  CB   sing N N 73  
ALA CA  HA   sing N N 74  
ALA C   O    doub N N 75  
ALA C   OXT  sing N N 76  
ALA CB  HB1  sing N N 77  
ALA CB  HB2  sing N N 78  
ALA CB  HB3  sing N N 79  
ALA OXT HXT  sing N N 80  
ARG N   CA   sing N N 81  
ARG N   H    sing N N 82  
ARG N   H2   sing N N 83  
ARG CA  C    sing N N 84  
ARG CA  CB   sing N N 85  
ARG CA  HA   sing N N 86  
ARG C   O    doub N N 87  
ARG C   OXT  sing N N 88  
ARG CB  CG   sing N N 89  
ARG CB  HB2  sing N N 90  
ARG CB  HB3  sing N N 91  
ARG CG  CD   sing N N 92  
ARG CG  HG2  sing N N 93  
ARG CG  HG3  sing N N 94  
ARG CD  NE   sing N N 95  
ARG CD  HD2  sing N N 96  
ARG CD  HD3  sing N N 97  
ARG NE  CZ   sing N N 98  
ARG NE  HE   sing N N 99  
ARG CZ  NH1  sing N N 100 
ARG CZ  NH2  doub N N 101 
ARG NH1 HH11 sing N N 102 
ARG NH1 HH12 sing N N 103 
ARG NH2 HH21 sing N N 104 
ARG NH2 HH22 sing N N 105 
ARG OXT HXT  sing N N 106 
ASN N   CA   sing N N 107 
ASN N   H    sing N N 108 
ASN N   H2   sing N N 109 
ASN CA  C    sing N N 110 
ASN CA  CB   sing N N 111 
ASN CA  HA   sing N N 112 
ASN C   O    doub N N 113 
ASN C   OXT  sing N N 114 
ASN CB  CG   sing N N 115 
ASN CB  HB2  sing N N 116 
ASN CB  HB3  sing N N 117 
ASN CG  OD1  doub N N 118 
ASN CG  ND2  sing N N 119 
ASN ND2 HD21 sing N N 120 
ASN ND2 HD22 sing N N 121 
ASN OXT HXT  sing N N 122 
ASP N   CA   sing N N 123 
ASP N   H    sing N N 124 
ASP N   H2   sing N N 125 
ASP CA  C    sing N N 126 
ASP CA  CB   sing N N 127 
ASP CA  HA   sing N N 128 
ASP C   O    doub N N 129 
ASP C   OXT  sing N N 130 
ASP CB  CG   sing N N 131 
ASP CB  HB2  sing N N 132 
ASP CB  HB3  sing N N 133 
ASP CG  OD1  doub N N 134 
ASP CG  OD2  sing N N 135 
ASP OD2 HD2  sing N N 136 
ASP OXT HXT  sing N N 137 
CYS N   CA   sing N N 138 
CYS N   H    sing N N 139 
CYS N   H2   sing N N 140 
CYS CA  C    sing N N 141 
CYS CA  CB   sing N N 142 
CYS CA  HA   sing N N 143 
CYS C   O    doub N N 144 
CYS C   OXT  sing N N 145 
CYS CB  SG   sing N N 146 
CYS CB  HB2  sing N N 147 
CYS CB  HB3  sing N N 148 
CYS SG  HG   sing N N 149 
CYS OXT HXT  sing N N 150 
GLN N   CA   sing N N 151 
GLN N   H    sing N N 152 
GLN N   H2   sing N N 153 
GLN CA  C    sing N N 154 
GLN CA  CB   sing N N 155 
GLN CA  HA   sing N N 156 
GLN C   O    doub N N 157 
GLN C   OXT  sing N N 158 
GLN CB  CG   sing N N 159 
GLN CB  HB2  sing N N 160 
GLN CB  HB3  sing N N 161 
GLN CG  CD   sing N N 162 
GLN CG  HG2  sing N N 163 
GLN CG  HG3  sing N N 164 
GLN CD  OE1  doub N N 165 
GLN CD  NE2  sing N N 166 
GLN NE2 HE21 sing N N 167 
GLN NE2 HE22 sing N N 168 
GLN OXT HXT  sing N N 169 
GLU N   CA   sing N N 170 
GLU N   H    sing N N 171 
GLU N   H2   sing N N 172 
GLU CA  C    sing N N 173 
GLU CA  CB   sing N N 174 
GLU CA  HA   sing N N 175 
GLU C   O    doub N N 176 
GLU C   OXT  sing N N 177 
GLU CB  CG   sing N N 178 
GLU CB  HB2  sing N N 179 
GLU CB  HB3  sing N N 180 
GLU CG  CD   sing N N 181 
GLU CG  HG2  sing N N 182 
GLU CG  HG3  sing N N 183 
GLU CD  OE1  doub N N 184 
GLU CD  OE2  sing N N 185 
GLU OE2 HE2  sing N N 186 
GLU OXT HXT  sing N N 187 
GLY N   CA   sing N N 188 
GLY N   H    sing N N 189 
GLY N   H2   sing N N 190 
GLY CA  C    sing N N 191 
GLY CA  HA2  sing N N 192 
GLY CA  HA3  sing N N 193 
GLY C   O    doub N N 194 
GLY C   OXT  sing N N 195 
GLY OXT HXT  sing N N 196 
HIS N   CA   sing N N 197 
HIS N   H    sing N N 198 
HIS N   H2   sing N N 199 
HIS CA  C    sing N N 200 
HIS CA  CB   sing N N 201 
HIS CA  HA   sing N N 202 
HIS C   O    doub N N 203 
HIS C   OXT  sing N N 204 
HIS CB  CG   sing N N 205 
HIS CB  HB2  sing N N 206 
HIS CB  HB3  sing N N 207 
HIS CG  ND1  sing Y N 208 
HIS CG  CD2  doub Y N 209 
HIS ND1 CE1  doub Y N 210 
HIS ND1 HD1  sing N N 211 
HIS CD2 NE2  sing Y N 212 
HIS CD2 HD2  sing N N 213 
HIS CE1 NE2  sing Y N 214 
HIS CE1 HE1  sing N N 215 
HIS NE2 HE2  sing N N 216 
HIS OXT HXT  sing N N 217 
HOH O   H1   sing N N 218 
HOH O   H2   sing N N 219 
ILE N   CA   sing N N 220 
ILE N   H    sing N N 221 
ILE N   H2   sing N N 222 
ILE CA  C    sing N N 223 
ILE CA  CB   sing N N 224 
ILE CA  HA   sing N N 225 
ILE C   O    doub N N 226 
ILE C   OXT  sing N N 227 
ILE CB  CG1  sing N N 228 
ILE CB  CG2  sing N N 229 
ILE CB  HB   sing N N 230 
ILE CG1 CD1  sing N N 231 
ILE CG1 HG12 sing N N 232 
ILE CG1 HG13 sing N N 233 
ILE CG2 HG21 sing N N 234 
ILE CG2 HG22 sing N N 235 
ILE CG2 HG23 sing N N 236 
ILE CD1 HD11 sing N N 237 
ILE CD1 HD12 sing N N 238 
ILE CD1 HD13 sing N N 239 
ILE OXT HXT  sing N N 240 
LEU N   CA   sing N N 241 
LEU N   H    sing N N 242 
LEU N   H2   sing N N 243 
LEU CA  C    sing N N 244 
LEU CA  CB   sing N N 245 
LEU CA  HA   sing N N 246 
LEU C   O    doub N N 247 
LEU C   OXT  sing N N 248 
LEU CB  CG   sing N N 249 
LEU CB  HB2  sing N N 250 
LEU CB  HB3  sing N N 251 
LEU CG  CD1  sing N N 252 
LEU CG  CD2  sing N N 253 
LEU CG  HG   sing N N 254 
LEU CD1 HD11 sing N N 255 
LEU CD1 HD12 sing N N 256 
LEU CD1 HD13 sing N N 257 
LEU CD2 HD21 sing N N 258 
LEU CD2 HD22 sing N N 259 
LEU CD2 HD23 sing N N 260 
LEU OXT HXT  sing N N 261 
LYS N   CA   sing N N 262 
LYS N   H    sing N N 263 
LYS N   H2   sing N N 264 
LYS CA  C    sing N N 265 
LYS CA  CB   sing N N 266 
LYS CA  HA   sing N N 267 
LYS C   O    doub N N 268 
LYS C   OXT  sing N N 269 
LYS CB  CG   sing N N 270 
LYS CB  HB2  sing N N 271 
LYS CB  HB3  sing N N 272 
LYS CG  CD   sing N N 273 
LYS CG  HG2  sing N N 274 
LYS CG  HG3  sing N N 275 
LYS CD  CE   sing N N 276 
LYS CD  HD2  sing N N 277 
LYS CD  HD3  sing N N 278 
LYS CE  NZ   sing N N 279 
LYS CE  HE2  sing N N 280 
LYS CE  HE3  sing N N 281 
LYS NZ  HZ1  sing N N 282 
LYS NZ  HZ2  sing N N 283 
LYS NZ  HZ3  sing N N 284 
LYS OXT HXT  sing N N 285 
MET N   CA   sing N N 286 
MET N   H    sing N N 287 
MET N   H2   sing N N 288 
MET CA  C    sing N N 289 
MET CA  CB   sing N N 290 
MET CA  HA   sing N N 291 
MET C   O    doub N N 292 
MET C   OXT  sing N N 293 
MET CB  CG   sing N N 294 
MET CB  HB2  sing N N 295 
MET CB  HB3  sing N N 296 
MET CG  SD   sing N N 297 
MET CG  HG2  sing N N 298 
MET CG  HG3  sing N N 299 
MET SD  CE   sing N N 300 
MET CE  HE1  sing N N 301 
MET CE  HE2  sing N N 302 
MET CE  HE3  sing N N 303 
MET OXT HXT  sing N N 304 
PHE N   CA   sing N N 305 
PHE N   H    sing N N 306 
PHE N   H2   sing N N 307 
PHE CA  C    sing N N 308 
PHE CA  CB   sing N N 309 
PHE CA  HA   sing N N 310 
PHE C   O    doub N N 311 
PHE C   OXT  sing N N 312 
PHE CB  CG   sing N N 313 
PHE CB  HB2  sing N N 314 
PHE CB  HB3  sing N N 315 
PHE CG  CD1  doub Y N 316 
PHE CG  CD2  sing Y N 317 
PHE CD1 CE1  sing Y N 318 
PHE CD1 HD1  sing N N 319 
PHE CD2 CE2  doub Y N 320 
PHE CD2 HD2  sing N N 321 
PHE CE1 CZ   doub Y N 322 
PHE CE1 HE1  sing N N 323 
PHE CE2 CZ   sing Y N 324 
PHE CE2 HE2  sing N N 325 
PHE CZ  HZ   sing N N 326 
PHE OXT HXT  sing N N 327 
PRO N   CA   sing N N 328 
PRO N   CD   sing N N 329 
PRO N   H    sing N N 330 
PRO CA  C    sing N N 331 
PRO CA  CB   sing N N 332 
PRO CA  HA   sing N N 333 
PRO C   O    doub N N 334 
PRO C   OXT  sing N N 335 
PRO CB  CG   sing N N 336 
PRO CB  HB2  sing N N 337 
PRO CB  HB3  sing N N 338 
PRO CG  CD   sing N N 339 
PRO CG  HG2  sing N N 340 
PRO CG  HG3  sing N N 341 
PRO CD  HD2  sing N N 342 
PRO CD  HD3  sing N N 343 
PRO OXT HXT  sing N N 344 
SER N   CA   sing N N 345 
SER N   H    sing N N 346 
SER N   H2   sing N N 347 
SER CA  C    sing N N 348 
SER CA  CB   sing N N 349 
SER CA  HA   sing N N 350 
SER C   O    doub N N 351 
SER C   OXT  sing N N 352 
SER CB  OG   sing N N 353 
SER CB  HB2  sing N N 354 
SER CB  HB3  sing N N 355 
SER OG  HG   sing N N 356 
SER OXT HXT  sing N N 357 
SO4 S   O1   doub N N 358 
SO4 S   O2   doub N N 359 
SO4 S   O3   sing N N 360 
SO4 S   O4   sing N N 361 
THR N   CA   sing N N 362 
THR N   H    sing N N 363 
THR N   H2   sing N N 364 
THR CA  C    sing N N 365 
THR CA  CB   sing N N 366 
THR CA  HA   sing N N 367 
THR C   O    doub N N 368 
THR C   OXT  sing N N 369 
THR CB  OG1  sing N N 370 
THR CB  CG2  sing N N 371 
THR CB  HB   sing N N 372 
THR OG1 HG1  sing N N 373 
THR CG2 HG21 sing N N 374 
THR CG2 HG22 sing N N 375 
THR CG2 HG23 sing N N 376 
THR OXT HXT  sing N N 377 
TYR N   CA   sing N N 378 
TYR N   H    sing N N 379 
TYR N   H2   sing N N 380 
TYR CA  C    sing N N 381 
TYR CA  CB   sing N N 382 
TYR CA  HA   sing N N 383 
TYR C   O    doub N N 384 
TYR C   OXT  sing N N 385 
TYR CB  CG   sing N N 386 
TYR CB  HB2  sing N N 387 
TYR CB  HB3  sing N N 388 
TYR CG  CD1  doub Y N 389 
TYR CG  CD2  sing Y N 390 
TYR CD1 CE1  sing Y N 391 
TYR CD1 HD1  sing N N 392 
TYR CD2 CE2  doub Y N 393 
TYR CD2 HD2  sing N N 394 
TYR CE1 CZ   doub Y N 395 
TYR CE1 HE1  sing N N 396 
TYR CE2 CZ   sing Y N 397 
TYR CE2 HE2  sing N N 398 
TYR CZ  OH   sing N N 399 
TYR OH  HH   sing N N 400 
TYR OXT HXT  sing N N 401 
VAL N   CA   sing N N 402 
VAL N   H    sing N N 403 
VAL N   H2   sing N N 404 
VAL CA  C    sing N N 405 
VAL CA  CB   sing N N 406 
VAL CA  HA   sing N N 407 
VAL C   O    doub N N 408 
VAL C   OXT  sing N N 409 
VAL CB  CG1  sing N N 410 
VAL CB  CG2  sing N N 411 
VAL CB  HB   sing N N 412 
VAL CG1 HG11 sing N N 413 
VAL CG1 HG12 sing N N 414 
VAL CG1 HG13 sing N N 415 
VAL CG2 HG21 sing N N 416 
VAL CG2 HG22 sing N N 417 
VAL CG2 HG23 sing N N 418 
VAL OXT HXT  sing N N 419 
# 
_atom_sites.entry_id                    4ERE 
_atom_sites.fract_transf_matrix[1][1]   -0.00285617 
_atom_sites.fract_transf_matrix[1][2]   0.00661589 
_atom_sites.fract_transf_matrix[1][3]   -0.02202619 
_atom_sites.fract_transf_matrix[2][1]   0.01111133 
_atom_sites.fract_transf_matrix[2][2]   0.01213429 
_atom_sites.fract_transf_matrix[2][3]   0.00220389 
_atom_sites.fract_transf_matrix[3][1]   0.01075965 
_atom_sites.fract_transf_matrix[3][2]   -0.00910259 
_atom_sites.fract_transf_matrix[3][3]   -0.00412932 
_atom_sites.fract_transf_vector[1]      0.333624 
_atom_sites.fract_transf_vector[2]      0.097405 
_atom_sites.fract_transf_vector[3]      0.380451 
# 
loop_
_atom_type.symbol 
C  
CL 
N  
O  
S  
# 
loop_
_atom_site.group_PDB 
_atom_site.id 
_atom_site.type_symbol 
_atom_site.label_atom_id 
_atom_site.label_alt_id 
_atom_site.label_comp_id 
_atom_site.label_asym_id 
_atom_site.label_entity_id 
_atom_site.label_seq_id 
_atom_site.pdbx_PDB_ins_code 
_atom_site.Cartn_x 
_atom_site.Cartn_y 
_atom_site.Cartn_z 
_atom_site.occupancy 
_atom_site.B_iso_or_equiv 
_atom_site.pdbx_formal_charge 
_atom_site.auth_seq_id 
_atom_site.auth_comp_id 
_atom_site.auth_asym_id 
_atom_site.auth_atom_id 
_atom_site.pdbx_PDB_model_num 
ATOM   1    N  N   . SER A 1 7  ? 18.149  15.914  -5.954  1.00 24.42 ? 22  SER A N   1 
ATOM   2    C  CA  . SER A 1 7  ? 19.319  14.999  -5.871  1.00 24.21 ? 22  SER A CA  1 
ATOM   3    C  C   . SER A 1 7  ? 19.201  14.016  -4.692  1.00 23.82 ? 22  SER A C   1 
ATOM   4    O  O   . SER A 1 7  ? 19.151  12.812  -4.892  1.00 23.97 ? 22  SER A O   1 
ATOM   5    C  CB  . SER A 1 7  ? 20.585  15.815  -5.704  1.00 24.83 ? 22  SER A CB  1 
ATOM   6    O  OG  . SER A 1 7  ? 20.868  16.162  -4.350  1.00 25.42 ? 22  SER A OG  1 
ATOM   7    N  N   . GLU A 1 8  ? 19.152  14.545  -3.469  1.00 22.85 ? 23  GLU A N   1 
ATOM   8    C  CA  . GLU A 1 8  ? 19.041  13.735  -2.265  1.00 21.76 ? 23  GLU A CA  1 
ATOM   9    C  C   . GLU A 1 8  ? 17.658  13.149  -2.045  1.00 21.02 ? 23  GLU A C   1 
ATOM   10   O  O   . GLU A 1 8  ? 17.535  12.064  -1.492  1.00 20.73 ? 23  GLU A O   1 
ATOM   11   C  CB  . GLU A 1 8  ? 19.458  14.580  -1.040  1.00 21.66 ? 23  GLU A CB  1 
ATOM   12   C  CG  . GLU A 1 8  ? 19.379  13.875  0.261   1.00 21.31 ? 23  GLU A CG  1 
ATOM   13   C  CD  . GLU A 1 8  ? 19.908  14.726  1.389   1.00 21.26 ? 23  GLU A CD  1 
ATOM   14   O  OE1 . GLU A 1 8  ? 19.998  15.962  1.222   1.00 21.00 ? 23  GLU A OE1 1 
ATOM   15   O  OE2 . GLU A 1 8  ? 20.239  14.177  2.457   1.00 20.77 ? 23  GLU A OE2 1 
ATOM   16   N  N   . GLN A 1 9  ? 16.617  13.877  -2.435  1.00 20.57 ? 24  GLN A N   1 
ATOM   17   C  CA  . GLN A 1 9  ? 15.282  13.349  -2.201  1.00 20.04 ? 24  GLN A CA  1 
ATOM   18   C  C   . GLN A 1 9  ? 14.866  12.278  -3.179  1.00 19.78 ? 24  GLN A C   1 
ATOM   19   O  O   . GLN A 1 9  ? 13.913  11.554  -2.946  1.00 19.56 ? 24  GLN A O   1 
ATOM   20   C  CB  . GLN A 1 9  ? 14.242  14.471  -2.202  1.00 20.13 ? 24  GLN A CB  1 
ATOM   21   C  CG  . GLN A 1 9  ? 14.237  15.324  -0.949  1.00 20.29 ? 24  GLN A CG  1 
ATOM   22   C  CD  . GLN A 1 9  ? 13.195  16.428  -0.960  1.00 20.35 ? 24  GLN A CD  1 
ATOM   23   O  OE1 . GLN A 1 9  ? 12.170  16.338  -1.647  1.00 20.75 ? 24  GLN A OE1 1 
ATOM   24   N  NE2 . GLN A 1 9  ? 13.444  17.480  -0.161  1.00 20.48 ? 24  GLN A NE2 1 
ATOM   25   N  N   . GLU A 1 10 ? 15.602  12.211  -4.279  1.00 19.84 ? 25  GLU A N   1 
ATOM   26   C  CA  . GLU A 1 10 ? 15.360  11.257  -5.347  1.00 19.98 ? 25  GLU A CA  1 
ATOM   27   C  C   . GLU A 1 10 ? 15.958  9.908   -4.999  1.00 19.12 ? 25  GLU A C   1 
ATOM   28   O  O   . GLU A 1 10 ? 15.537  8.914   -5.525  1.00 18.69 ? 25  GLU A O   1 
ATOM   29   C  CB  . GLU A 1 10 ? 16.035  11.724  -6.630  1.00 21.24 ? 25  GLU A CB  1 
ATOM   30   C  CG  . GLU A 1 10 ? 15.210  12.585  -7.564  1.00 23.45 ? 25  GLU A CG  1 
ATOM   31   C  CD  . GLU A 1 10 ? 15.977  12.996  -8.824  1.00 24.61 ? 25  GLU A CD  1 
ATOM   32   O  OE1 . GLU A 1 10 ? 17.123  12.537  -8.989  1.00 25.09 ? 25  GLU A OE1 1 
ATOM   33   O  OE2 . GLU A 1 10 ? 15.437  13.772  -9.645  1.00 25.42 ? 25  GLU A OE2 1 
ATOM   34   N  N   . THR A 1 11 ? 16.956  9.893   -4.120  1.00 18.19 ? 26  THR A N   1 
ATOM   35   C  CA  . THR A 1 11 ? 17.601  8.644   -3.759  1.00 17.32 ? 26  THR A CA  1 
ATOM   36   C  C   . THR A 1 11 ? 16.613  7.558   -3.359  1.00 16.91 ? 26  THR A C   1 
ATOM   37   O  O   . THR A 1 11 ? 15.622  7.820   -2.686  1.00 16.54 ? 26  THR A O   1 
ATOM   38   C  CB  . THR A 1 11 ? 18.646  8.850   -2.624  1.00 17.50 ? 26  THR A CB  1 
ATOM   39   O  OG1 . THR A 1 11 ? 19.665  9.757   -3.080  1.00 17.31 ? 26  THR A OG1 1 
ATOM   40   C  CG2 . THR A 1 11 ? 19.265  7.536   -2.241  1.00 16.93 ? 26  THR A CG2 1 
ATOM   41   N  N   . LEU A 1 12 ? 16.911  6.335   -3.790  1.00 16.66 ? 27  LEU A N   1 
ATOM   42   C  CA  . LEU A 1 12 ? 16.087  5.170   -3.486  1.00 16.40 ? 27  LEU A CA  1 
ATOM   43   C  C   . LEU A 1 12 ? 16.675  4.388   -2.315  1.00 16.10 ? 27  LEU A C   1 
ATOM   44   O  O   . LEU A 1 12 ? 17.824  3.966   -2.374  1.00 15.99 ? 27  LEU A O   1 
ATOM   45   C  CB  . LEU A 1 12 ? 15.995  4.267   -4.709  1.00 17.00 ? 27  LEU A CB  1 
ATOM   46   C  CG  . LEU A 1 12 ? 14.815  4.590   -5.621  1.00 17.37 ? 27  LEU A CG  1 
ATOM   47   C  CD1 . LEU A 1 12 ? 15.067  4.059   -7.032  1.00 17.81 ? 27  LEU A CD1 1 
ATOM   48   C  CD2 . LEU A 1 12 ? 13.542  3.996   -5.019  1.00 17.45 ? 27  LEU A CD2 1 
ATOM   49   N  N   . VAL A 1 13 ? 15.854  4.163   -1.292  1.00 15.68 ? 28  VAL A N   1 
ATOM   50   C  CA  . VAL A 1 13 ? 16.274  3.468   -0.082  1.00 15.20 ? 28  VAL A CA  1 
ATOM   51   C  C   . VAL A 1 13 ? 15.451  2.228   0.282   1.00 15.09 ? 28  VAL A C   1 
ATOM   52   O  O   . VAL A 1 13 ? 14.333  2.060   -0.185  1.00 15.00 ? 28  VAL A O   1 
ATOM   53   C  CB  . VAL A 1 13 ? 16.188  4.417   1.110   1.00 15.21 ? 28  VAL A CB  1 
ATOM   54   C  CG1 . VAL A 1 13 ? 17.121  5.595   0.909   1.00 14.53 ? 28  VAL A CG1 1 
ATOM   55   C  CG2 . VAL A 1 13 ? 14.741  4.897   1.265   1.00 15.00 ? 28  VAL A CG2 1 
ATOM   56   N  N   . ARG A 1 14 ? 16.029  1.374   1.128   1.00 15.14 ? 29  ARG A N   1 
ATOM   57   C  CA  . ARG A 1 14 ? 15.358  0.159   1.615   1.00 15.46 ? 29  ARG A CA  1 
ATOM   58   C  C   . ARG A 1 14 ? 15.321  0.219   3.163   1.00 15.27 ? 29  ARG A C   1 
ATOM   59   O  O   . ARG A 1 14 ? 16.266  -0.187  3.844   1.00 14.95 ? 29  ARG A O   1 
ATOM   60   C  CB  . ARG A 1 14 ? 16.100  -1.100  1.145   1.00 15.87 ? 29  ARG A CB  1 
ATOM   61   C  CG  . ARG A 1 14 ? 15.312  -2.371  1.373   1.00 17.51 ? 29  ARG A CG  1 
ATOM   62   C  CD  . ARG A 1 14 ? 15.943  -3.581  0.674   1.00 18.92 ? 29  ARG A CD  1 
ATOM   63   N  NE  . ARG A 1 14 ? 15.693  -3.713  -0.767  1.00 20.70 ? 29  ARG A NE  1 
ATOM   64   C  CZ  . ARG A 1 14 ? 16.600  -3.476  -1.697  1.00 21.17 ? 29  ARG A CZ  1 
ATOM   65   N  NH1 . ARG A 1 14 ? 17.797  -3.086  -1.335  1.00 22.11 ? 29  ARG A NH1 1 
ATOM   66   N  NH2 . ARG A 1 14 ? 16.321  -3.664  -2.972  1.00 22.32 ? 29  ARG A NH2 1 
ATOM   67   N  N   . PRO A 1 15 ? 14.215  0.725   3.734   1.00 15.01 ? 30  PRO A N   1 
ATOM   68   C  CA  . PRO A 1 15 ? 14.088  0.833   5.193   1.00 15.02 ? 30  PRO A CA  1 
ATOM   69   C  C   . PRO A 1 15 ? 14.324  -0.452  5.977   1.00 15.11 ? 30  PRO A C   1 
ATOM   70   O  O   . PRO A 1 15 ? 13.991  -1.527  5.519   1.00 14.45 ? 30  PRO A O   1 
ATOM   71   C  CB  . PRO A 1 15 ? 12.647  1.310   5.393   1.00 14.98 ? 30  PRO A CB  1 
ATOM   72   C  CG  . PRO A 1 15 ? 12.301  1.978   4.111   1.00 15.05 ? 30  PRO A CG  1 
ATOM   73   C  CD  . PRO A 1 15 ? 12.954  1.103   3.075   1.00 15.23 ? 30  PRO A CD  1 
ATOM   74   N  N   . LYS A 1 16 ? 14.887  -0.296  7.171   1.00 15.09 ? 31  LYS A N   1 
ATOM   75   C  CA  . LYS A 1 16 ? 15.105  -1.420  8.061   1.00 15.47 ? 31  LYS A CA  1 
ATOM   76   C  C   . LYS A 1 16 ? 13.752  -1.641  8.759   1.00 15.80 ? 31  LYS A C   1 
ATOM   77   O  O   . LYS A 1 16 ? 12.919  -0.737  8.804   1.00 15.08 ? 31  LYS A O   1 
ATOM   78   C  CB  . LYS A 1 16 ? 16.235  -1.100  9.057   1.00 15.60 ? 31  LYS A CB  1 
ATOM   79   C  CG  . LYS A 1 16 ? 17.588  -0.896  8.365   1.00 16.71 ? 31  LYS A CG  1 
ATOM   80   C  CD  . LYS A 1 16 ? 18.719  -0.642  9.358   1.00 17.80 ? 31  LYS A CD  1 
ATOM   81   C  CE  . LYS A 1 16 ? 20.056  -0.469  8.647   1.00 18.46 ? 31  LYS A CE  1 
ATOM   82   N  NZ  . LYS A 1 16 ? 21.181  -0.164  9.570   1.00 19.65 ? 31  LYS A NZ  1 
ATOM   83   N  N   . PRO A 1 17 ? 13.529  -2.843  9.315   1.00 15.96 ? 32  PRO A N   1 
ATOM   84   C  CA  . PRO A 1 17 ? 12.274  -3.198  10.002  1.00 16.39 ? 32  PRO A CA  1 
ATOM   85   C  C   . PRO A 1 17 ? 11.560  -2.105  10.818  1.00 16.54 ? 32  PRO A C   1 
ATOM   86   O  O   . PRO A 1 17 ? 10.356  -1.792  10.572  1.00 16.51 ? 32  PRO A O   1 
ATOM   87   C  CB  . PRO A 1 17 ? 12.691  -4.359  10.870  1.00 16.32 ? 32  PRO A CB  1 
ATOM   88   C  CG  . PRO A 1 17 ? 13.670  -5.098  9.919   1.00 16.24 ? 32  PRO A CG  1 
ATOM   89   C  CD  . PRO A 1 17 ? 14.515  -3.943  9.392   1.00 16.39 ? 32  PRO A CD  1 
ATOM   90   N  N   . LEU A 1 18 ? 12.281  -1.529  11.779  1.00 16.78 ? 33  LEU A N   1 
ATOM   91   C  CA  . LEU A 1 18 ? 11.751  -0.498  12.654  1.00 17.33 ? 33  LEU A CA  1 
ATOM   92   C  C   . LEU A 1 18 ? 11.178  0.712   11.864  1.00 17.23 ? 33  LEU A C   1 
ATOM   93   O  O   . LEU A 1 18 ? 10.188  1.365   12.293  1.00 17.54 ? 33  LEU A O   1 
ATOM   94   C  CB  . LEU A 1 18 ? 12.871  -0.135  13.673  1.00 18.14 ? 33  LEU A CB  1 
ATOM   95   C  CG  . LEU A 1 18 ? 12.445  0.295   15.081  1.00 19.13 ? 33  LEU A CG  1 
ATOM   96   C  CD1 . LEU A 1 18 ? 11.981  -0.920  15.875  1.00 19.47 ? 33  LEU A CD1 1 
ATOM   97   C  CD2 . LEU A 1 18 ? 13.608  0.981   15.804  1.00 19.66 ? 33  LEU A CD2 1 
ATOM   98   N  N   . LEU A 1 19 ? 11.785  0.996   10.715  1.00 17.09 ? 34  LEU A N   1 
ATOM   99   C  CA  . LEU A 1 19 ? 11.321  2.095   9.882   1.00 17.09 ? 34  LEU A CA  1 
ATOM   100  C  C   . LEU A 1 19 ? 10.132  1.659   9.018   1.00 16.99 ? 34  LEU A C   1 
ATOM   101  O  O   . LEU A 1 19 ? 9.226   2.403   8.783   1.00 16.70 ? 34  LEU A O   1 
ATOM   102  C  CB  . LEU A 1 19 ? 12.442  2.602   8.986   1.00 16.97 ? 34  LEU A CB  1 
ATOM   103  C  CG  . LEU A 1 19 ? 12.085  3.802   8.106   1.00 16.83 ? 34  LEU A CG  1 
ATOM   104  C  CD1 . LEU A 1 19 ? 11.505  4.959   8.935   1.00 17.11 ? 34  LEU A CD1 1 
ATOM   105  C  CD2 . LEU A 1 19 ? 13.343  4.236   7.396   1.00 16.92 ? 34  LEU A CD2 1 
ATOM   106  N  N   . LEU A 1 20 ? 10.184  0.428   8.531   1.00 17.33 ? 35  LEU A N   1 
ATOM   107  C  CA  . LEU A 1 20 ? 9.101   -0.113  7.709   1.00 17.64 ? 35  LEU A CA  1 
ATOM   108  C  C   . LEU A 1 20 ? 7.817   -0.175  8.496   1.00 18.11 ? 35  LEU A C   1 
ATOM   109  O  O   . LEU A 1 20 ? 6.712   0.032   7.961   1.00 17.96 ? 35  LEU A O   1 
ATOM   110  C  CB  . LEU A 1 20 ? 9.412   -1.534  7.227   1.00 18.48 ? 35  LEU A CB  1 
ATOM   111  C  CG  . LEU A 1 20 ? 9.609   -1.643  5.711   1.00 19.26 ? 35  LEU A CG  1 
ATOM   112  C  CD1 . LEU A 1 20 ? 9.262   -3.066  5.242   1.00 19.43 ? 35  LEU A CD1 1 
ATOM   113  C  CD2 . LEU A 1 20 ? 8.745   -0.598  4.995   1.00 19.66 ? 35  LEU A CD2 1 
ATOM   114  N  N   . LYS A 1 21 ? 7.961   -0.518  9.768   1.00 17.81 ? 36  LYS A N   1 
ATOM   115  C  CA  . LYS A 1 21 ? 6.800   -0.616  10.635  1.00 17.86 ? 36  LYS A CA  1 
ATOM   116  C  C   . LYS A 1 21 ? 6.153   0.762   10.723  1.00 17.59 ? 36  LYS A C   1 
ATOM   117  O  O   . LYS A 1 21 ? 4.958   0.898   10.642  1.00 17.36 ? 36  LYS A O   1 
ATOM   118  C  CB  . LYS A 1 21 ? 7.201   -1.100  12.029  1.00 18.44 ? 36  LYS A CB  1 
ATOM   119  C  CG  . LYS A 1 21 ? 6.037   -1.142  13.047  1.00 19.32 ? 36  LYS A CG  1 
ATOM   120  C  CD  . LYS A 1 21 ? 6.491   -1.704  14.393  1.00 20.55 ? 36  LYS A CD  1 
ATOM   121  C  CE  . LYS A 1 21 ? 5.330   -1.921  15.370  1.00 21.20 ? 36  LYS A CE  1 
ATOM   122  N  NZ  . LYS A 1 21 ? 4.302   -2.914  14.935  1.00 22.19 ? 36  LYS A NZ  1 
ATOM   123  N  N   . LEU A 1 22 ? 6.975   1.793   10.846  1.00 17.14 ? 37  LEU A N   1 
ATOM   124  C  CA  . LEU A 1 22 ? 6.464   3.142   10.952  1.00 17.11 ? 37  LEU A CA  1 
ATOM   125  C  C   . LEU A 1 22 ? 5.770   3.605   9.673   1.00 17.04 ? 37  LEU A C   1 
ATOM   126  O  O   . LEU A 1 22 ? 4.726   4.203   9.724   1.00 17.02 ? 37  LEU A O   1 
ATOM   127  C  CB  . LEU A 1 22 ? 7.619   4.079   11.342  1.00 17.21 ? 37  LEU A CB  1 
ATOM   128  C  CG  . LEU A 1 22 ? 7.106   5.495   11.560  1.00 17.53 ? 37  LEU A CG  1 
ATOM   129  C  CD1 . LEU A 1 22 ? 7.930   6.213   12.650  1.00 18.00 ? 37  LEU A CD1 1 
ATOM   130  C  CD2 . LEU A 1 22 ? 7.152   6.248   10.220  1.00 17.97 ? 37  LEU A CD2 1 
ATOM   131  N  N   . LEU A 1 23 ? 6.415   3.368   8.536   1.00 16.92 ? 38  LEU A N   1 
ATOM   132  C  CA  . LEU A 1 23 ? 5.841   3.749   7.260   1.00 17.23 ? 38  LEU A CA  1 
ATOM   133  C  C   . LEU A 1 23 ? 4.538   2.985   7.026   1.00 17.74 ? 38  LEU A C   1 
ATOM   134  O  O   . LEU A 1 23 ? 3.573   3.531   6.548   1.00 17.20 ? 38  LEU A O   1 
ATOM   135  C  CB  . LEU A 1 23 ? 6.815   3.447   6.116   1.00 17.38 ? 38  LEU A CB  1 
ATOM   136  C  CG  . LEU A 1 23 ? 8.180   4.129   6.188   1.00 17.66 ? 38  LEU A CG  1 
ATOM   137  C  CD1 . LEU A 1 23 ? 9.142   3.409   5.242   1.00 17.79 ? 38  LEU A CD1 1 
ATOM   138  C  CD2 . LEU A 1 23 ? 8.059   5.609   5.835   1.00 17.83 ? 38  LEU A CD2 1 
ATOM   139  N  N   . LYS A 1 24 ? 4.524   1.700   7.349   1.00 18.38 ? 39  LYS A N   1 
ATOM   140  C  CA  . LYS A 1 24 ? 3.303   0.937   7.131   1.00 18.87 ? 39  LYS A CA  1 
ATOM   141  C  C   . LYS A 1 24 ? 2.121   1.406   7.975   1.00 19.06 ? 39  LYS A C   1 
ATOM   142  O  O   . LYS A 1 24 ? 0.985   1.341   7.521   1.00 18.81 ? 39  LYS A O   1 
ATOM   143  C  CB  . LYS A 1 24 ? 3.537   -0.546  7.382   1.00 19.97 ? 39  LYS A CB  1 
ATOM   144  C  CG  . LYS A 1 24 ? 4.339   -1.203  6.303   1.00 21.37 ? 39  LYS A CG  1 
ATOM   145  C  CD  . LYS A 1 24 ? 4.735   -2.595  6.670   1.00 22.57 ? 39  LYS A CD  1 
ATOM   146  C  CE  . LYS A 1 24 ? 5.856   -3.068  5.785   1.00 23.43 ? 39  LYS A CE  1 
ATOM   147  N  NZ  . LYS A 1 24 ? 5.458   -3.105  4.340   1.00 24.49 ? 39  LYS A NZ  1 
ATOM   148  N  N   . SER A 1 25 ? 2.388   1.897   9.183   1.00 19.36 ? 40  SER A N   1 
ATOM   149  C  CA  . SER A 1 25 ? 1.310   2.360   10.059  1.00 19.72 ? 40  SER A CA  1 
ATOM   150  C  C   . SER A 1 25 ? 0.575   3.557   9.470   1.00 20.06 ? 40  SER A C   1 
ATOM   151  O  O   . SER A 1 25 ? -0.471  3.965   9.976   1.00 20.07 ? 40  SER A O   1 
ATOM   152  C  CB  . SER A 1 25 ? 1.850   2.744   11.433  1.00 19.63 ? 40  SER A CB  1 
ATOM   153  O  OG  . SER A 1 25 ? 2.139   4.121   11.454  1.00 19.58 ? 40  SER A OG  1 
ATOM   154  N  N   . VAL A 1 26 ? 1.132   4.134   8.411   1.00 20.63 ? 41  VAL A N   1 
ATOM   155  C  CA  . VAL A 1 26 ? 0.476   5.255   7.773   1.00 20.80 ? 41  VAL A CA  1 
ATOM   156  C  C   . VAL A 1 26 ? 0.159   4.999   6.304   1.00 21.37 ? 41  VAL A C   1 
ATOM   157  O  O   . VAL A 1 26 ? 0.116   5.922   5.506   1.00 21.27 ? 41  VAL A O   1 
ATOM   158  C  CB  . VAL A 1 26 ? 1.295   6.561   7.909   1.00 20.73 ? 41  VAL A CB  1 
ATOM   159  C  CG1 . VAL A 1 26 ? 1.354   6.984   9.377   1.00 21.05 ? 41  VAL A CG1 1 
ATOM   160  C  CG2 . VAL A 1 26 ? 2.692   6.372   7.348   1.00 20.61 ? 41  VAL A CG2 1 
ATOM   161  N  N   . GLY A 1 27 ? -0.053  3.728   5.961   1.00 21.88 ? 42  GLY A N   1 
ATOM   162  C  CA  . GLY A 1 27 ? -0.415  3.373   4.600   1.00 22.64 ? 42  GLY A CA  1 
ATOM   163  C  C   . GLY A 1 27 ? 0.675   2.902   3.655   1.00 23.06 ? 42  GLY A C   1 
ATOM   164  O  O   . GLY A 1 27 ? 0.364   2.357   2.586   1.00 23.23 ? 42  GLY A O   1 
ATOM   165  N  N   . ALA A 1 28 ? 1.941   3.114   4.005   1.00 23.22 ? 43  ALA A N   1 
ATOM   166  C  CA  . ALA A 1 28 ? 3.020   2.685   3.121   1.00 23.61 ? 43  ALA A CA  1 
ATOM   167  C  C   . ALA A 1 28 ? 2.861   1.178   2.932   1.00 23.82 ? 43  ALA A C   1 
ATOM   168  O  O   . ALA A 1 28 ? 2.383   0.483   3.813   1.00 24.08 ? 43  ALA A O   1 
ATOM   169  C  CB  . ALA A 1 28 ? 4.381   3.019   3.737   1.00 23.62 ? 43  ALA A CB  1 
ATOM   170  N  N   . GLN A 1 29 ? 3.258   0.666   1.781   1.00 23.97 ? 44  GLN A N   1 
ATOM   171  C  CA  . GLN A 1 29 ? 3.087   -0.758  1.553   1.00 24.25 ? 44  GLN A CA  1 
ATOM   172  C  C   . GLN A 1 29 ? 4.104   -1.326  0.597   1.00 24.29 ? 44  GLN A C   1 
ATOM   173  O  O   . GLN A 1 29 ? 3.849   -2.330  -0.053  1.00 24.98 ? 44  GLN A O   1 
ATOM   174  C  CB  . GLN A 1 29 ? 1.689   -1.029  1.029   1.00 24.51 ? 44  GLN A CB  1 
ATOM   175  N  N   . LYS A 1 30 ? 5.259   -0.678  0.522   1.00 24.13 ? 45  LYS A N   1 
ATOM   176  C  CA  . LYS A 1 30 ? 6.322   -1.123  -0.357  1.00 23.58 ? 45  LYS A CA  1 
ATOM   177  C  C   . LYS A 1 30 ? 7.558   -1.448  0.471   1.00 23.02 ? 45  LYS A C   1 
ATOM   178  O  O   . LYS A 1 30 ? 7.600   -1.171  1.658   1.00 22.95 ? 45  LYS A O   1 
ATOM   179  C  CB  . LYS A 1 30 ? 6.642   -0.019  -1.376  1.00 24.34 ? 45  LYS A CB  1 
ATOM   180  C  CG  . LYS A 1 30 ? 5.581   0.194   -2.456  1.00 25.13 ? 45  LYS A CG  1 
ATOM   181  C  CD  . LYS A 1 30 ? 6.044   1.240   -3.472  1.00 25.29 ? 45  LYS A CD  1 
ATOM   182  C  CE  . LYS A 1 30 ? 6.252   2.601   -2.814  1.00 25.73 ? 45  LYS A CE  1 
ATOM   183  N  NZ  . LYS A 1 30 ? 6.790   3.639   -3.753  1.00 26.11 ? 45  LYS A NZ  1 
ATOM   184  N  N   . ASP A 1 31 ? 8.562   -2.051  -0.150  1.00 22.47 ? 46  ASP A N   1 
ATOM   185  C  CA  . ASP A 1 31 ? 9.787   -2.333  0.586   1.00 22.03 ? 46  ASP A CA  1 
ATOM   186  C  C   . ASP A 1 31 ? 10.867  -1.335  0.211   1.00 21.05 ? 46  ASP A C   1 
ATOM   187  O  O   . ASP A 1 31 ? 11.831  -1.179  0.937   1.00 21.22 ? 46  ASP A O   1 
ATOM   188  C  CB  . ASP A 1 31 ? 10.309  -3.729  0.308   1.00 22.98 ? 46  ASP A CB  1 
ATOM   189  C  CG  . ASP A 1 31 ? 9.488   -4.785  0.965   1.00 23.80 ? 46  ASP A CG  1 
ATOM   190  O  OD1 . ASP A 1 31 ? 9.371   -4.789  2.207   1.00 24.59 ? 46  ASP A OD1 1 
ATOM   191  O  OD2 . ASP A 1 31 ? 8.953   -5.624  0.229   1.00 25.24 ? 46  ASP A OD2 1 
ATOM   192  N  N   . THR A 1 32 ? 10.686  -0.644  -0.910  1.00 20.10 ? 47  THR A N   1 
ATOM   193  C  CA  . THR A 1 32 ? 11.662  0.352   -1.353  1.00 18.99 ? 47  THR A CA  1 
ATOM   194  C  C   . THR A 1 32 ? 11.003  1.718   -1.501  1.00 18.11 ? 47  THR A C   1 
ATOM   195  O  O   . THR A 1 32 ? 9.867   1.803   -1.808  1.00 17.30 ? 47  THR A O   1 
ATOM   196  C  CB  . THR A 1 32 ? 12.290  -0.054  -2.687  1.00 19.35 ? 47  THR A CB  1 
ATOM   197  O  OG1 . THR A 1 32 ? 11.320  0.070   -3.737  1.00 19.69 ? 47  THR A OG1 1 
ATOM   198  C  CG2 . THR A 1 32 ? 12.765  -1.476  -2.621  1.00 19.73 ? 47  THR A CG2 1 
ATOM   199  N  N   . TYR A 1 33 ? 11.776  2.780   -1.305  1.00 17.32 ? 48  TYR A N   1 
ATOM   200  C  CA  . TYR A 1 33 ? 11.229  4.127   -1.359  1.00 16.75 ? 48  TYR A CA  1 
ATOM   201  C  C   . TYR A 1 33 ? 12.219  5.166   -1.825  1.00 15.96 ? 48  TYR A C   1 
ATOM   202  O  O   . TYR A 1 33 ? 13.419  4.911   -1.827  1.00 16.11 ? 48  TYR A O   1 
ATOM   203  C  CB  . TYR A 1 33 ? 10.772  4.534   0.035   1.00 17.44 ? 48  TYR A CB  1 
ATOM   204  C  CG  . TYR A 1 33 ? 9.637   3.730   0.604   1.00 18.39 ? 48  TYR A CG  1 
ATOM   205  C  CD1 . TYR A 1 33 ? 8.321   4.044   0.286   1.00 18.81 ? 48  TYR A CD1 1 
ATOM   206  C  CD2 . TYR A 1 33 ? 9.877   2.616   1.406   1.00 18.70 ? 48  TYR A CD2 1 
ATOM   207  C  CE1 . TYR A 1 33 ? 7.263   3.265   0.739   1.00 19.39 ? 48  TYR A CE1 1 
ATOM   208  C  CE2 . TYR A 1 33 ? 8.832   1.826   1.867   1.00 19.08 ? 48  TYR A CE2 1 
ATOM   209  C  CZ  . TYR A 1 33 ? 7.520   2.152   1.525   1.00 19.83 ? 48  TYR A CZ  1 
ATOM   210  O  OH  . TYR A 1 33 ? 6.459   1.370   1.932   1.00 20.05 ? 48  TYR A OH  1 
ATOM   211  N  N   . THR A 1 34 ? 11.710  6.302   -2.291  1.00 15.43 ? 49  THR A N   1 
ATOM   212  C  CA  . THR A 1 34 ? 12.603  7.393   -2.659  1.00 14.69 ? 49  THR A CA  1 
ATOM   213  C  C   . THR A 1 34 ? 12.619  8.127   -1.324  1.00 14.48 ? 49  THR A C   1 
ATOM   214  O  O   . THR A 1 34 ? 11.669  8.032   -0.563  1.00 13.83 ? 49  THR A O   1 
ATOM   215  C  CB  . THR A 1 34 ? 12.017  8.364   -3.722  1.00 14.96 ? 49  THR A CB  1 
ATOM   216  O  OG1 . THR A 1 34 ? 10.815  8.975   -3.221  1.00 14.56 ? 49  THR A OG1 1 
ATOM   217  C  CG2 . THR A 1 34 ? 11.756  7.637   -5.033  1.00 15.03 ? 49  THR A CG2 1 
ATOM   218  N  N   . MET A 1 35 ? 13.680  8.871   -1.033  1.00 14.11 ? 50  MET A N   1 
ATOM   219  C  CA  . MET A 1 35 ? 13.732  9.592   0.226   1.00 14.17 ? 50  MET A CA  1 
ATOM   220  C  C   . MET A 1 35 ? 12.586  10.591  0.357   1.00 14.43 ? 50  MET A C   1 
ATOM   221  O  O   . MET A 1 35 ? 12.169  10.895  1.462   1.00 14.10 ? 50  MET A O   1 
ATOM   222  C  CB  . MET A 1 35 ? 15.065  10.326  0.377   1.00 13.68 ? 50  MET A CB  1 
ATOM   223  C  CG  . MET A 1 35 ? 16.198  9.431   0.857   1.00 13.67 ? 50  MET A CG  1 
ATOM   224  S  SD  . MET A 1 35 ? 15.838  8.638   2.447   1.00 15.77 ? 50  MET A SD  1 
ATOM   225  C  CE  . MET A 1 35 ? 15.863  10.061  3.581   1.00 14.71 ? 50  MET A CE  1 
ATOM   226  N  N   . LYS A 1 36 ? 12.096  11.100  -0.776  1.00 14.86 ? 51  LYS A N   1 
ATOM   227  C  CA  . LYS A 1 36 ? 11.000  12.056  -0.771  1.00 15.16 ? 51  LYS A CA  1 
ATOM   228  C  C   . LYS A 1 36 ? 9.762   11.420  -0.141  1.00 14.80 ? 51  LYS A C   1 
ATOM   229  O  O   . LYS A 1 36 ? 9.053   12.053  0.609   1.00 13.95 ? 51  LYS A O   1 
ATOM   230  C  CB  . LYS A 1 36 ? 10.684  12.535  -2.207  1.00 16.23 ? 51  LYS A CB  1 
ATOM   231  C  CG  . LYS A 1 36 ? 9.832   13.803  -2.248  1.00 18.06 ? 51  LYS A CG  1 
ATOM   232  C  CD  . LYS A 1 36 ? 9.707   14.384  -3.658  1.00 19.27 ? 51  LYS A CD  1 
ATOM   233  C  CE  . LYS A 1 36 ? 9.772   15.910  -3.624  1.00 20.45 ? 51  LYS A CE  1 
ATOM   234  N  NZ  . LYS A 1 36 ? 11.005  16.500  -4.226  1.00 21.62 ? 51  LYS A NZ  1 
ATOM   235  N  N   . GLU A 1 37 ? 9.500   10.170  -0.495  1.00 14.77 ? 52  GLU A N   1 
ATOM   236  C  CA  . GLU A 1 37 ? 8.342   9.474   0.052   1.00 14.59 ? 52  GLU A CA  1 
ATOM   237  C  C   . GLU A 1 37 ? 8.530   9.235   1.550   1.00 13.96 ? 52  GLU A C   1 
ATOM   238  O  O   . GLU A 1 37 ? 7.631   9.485   2.336   1.00 13.89 ? 52  GLU A O   1 
ATOM   239  C  CB  . GLU A 1 37 ? 8.127   8.140   -0.671  1.00 15.61 ? 52  GLU A CB  1 
ATOM   240  C  CG  . GLU A 1 37 ? 7.790   8.281   -2.152  1.00 17.12 ? 52  GLU A CG  1 
ATOM   241  C  CD  . GLU A 1 37 ? 7.578   6.942   -2.845  1.00 18.17 ? 52  GLU A CD  1 
ATOM   242  O  OE1 . GLU A 1 37 ? 8.389   6.017   -2.626  1.00 19.49 ? 52  GLU A OE1 1 
ATOM   243  O  OE2 . GLU A 1 37 ? 6.608   6.819   -3.629  1.00 19.62 ? 52  GLU A OE2 1 
ATOM   244  N  N   . VAL A 1 38 ? 9.711   8.756   1.937   1.00 13.47 ? 53  VAL A N   1 
ATOM   245  C  CA  . VAL A 1 38 ? 10.005  8.492   3.343   1.00 13.28 ? 53  VAL A CA  1 
ATOM   246  C  C   . VAL A 1 38 ? 9.784   9.742   4.182   1.00 13.09 ? 53  VAL A C   1 
ATOM   247  O  O   . VAL A 1 38 ? 9.115   9.696   5.200   1.00 12.61 ? 53  VAL A O   1 
ATOM   248  C  CB  . VAL A 1 38 ? 11.469  8.081   3.573   1.00 13.05 ? 53  VAL A CB  1 
ATOM   249  C  CG1 . VAL A 1 38 ? 11.717  7.932   5.068   1.00 12.79 ? 53  VAL A CG1 1 
ATOM   250  C  CG2 . VAL A 1 38 ? 11.784  6.796   2.853   1.00 13.34 ? 53  VAL A CG2 1 
ATOM   251  N  N   . LEU A 1 39 ? 10.379  10.849  3.732   1.00 13.30 ? 54  LEU A N   1 
ATOM   252  C  CA  . LEU A 1 39 ? 10.282  12.141  4.415   1.00 14.01 ? 54  LEU A CA  1 
ATOM   253  C  C   . LEU A 1 39 ? 8.837   12.538  4.583   1.00 13.98 ? 54  LEU A C   1 
ATOM   254  O  O   . LEU A 1 39 ? 8.430   13.082  5.607   1.00 13.86 ? 54  LEU A O   1 
ATOM   255  C  CB  . LEU A 1 39 ? 11.018  13.235  3.624   1.00 14.31 ? 54  LEU A CB  1 
ATOM   256  C  CG  . LEU A 1 39 ? 12.546  13.240  3.686   1.00 15.13 ? 54  LEU A CG  1 
ATOM   257  C  CD1 . LEU A 1 39 ? 13.107  14.271  2.727   1.00 14.84 ? 54  LEU A CD1 1 
ATOM   258  C  CD2 . LEU A 1 39 ? 12.993  13.537  5.112   1.00 15.16 ? 54  LEU A CD2 1 
ATOM   259  N  N   . PHE A 1 40 ? 8.057   12.249  3.557   1.00 14.23 ? 55  PHE A N   1 
ATOM   260  C  CA  . PHE A 1 40 ? 6.644   12.560  3.590   1.00 14.39 ? 55  PHE A CA  1 
ATOM   261  C  C   . PHE A 1 40 ? 5.832   11.696  4.570   1.00 14.30 ? 55  PHE A C   1 
ATOM   262  O  O   . PHE A 1 40 ? 4.996   12.207  5.306   1.00 13.93 ? 55  PHE A O   1 
ATOM   263  C  CB  . PHE A 1 40 ? 6.045   12.402  2.202   1.00 14.94 ? 55  PHE A CB  1 
ATOM   264  C  CG  . PHE A 1 40 ? 4.580   12.646  2.183   1.00 15.77 ? 55  PHE A CG  1 
ATOM   265  C  CD1 . PHE A 1 40 ? 4.090   13.926  2.022   1.00 15.90 ? 55  PHE A CD1 1 
ATOM   266  C  CD2 . PHE A 1 40 ? 3.697   11.610  2.448   1.00 16.01 ? 55  PHE A CD2 1 
ATOM   267  C  CE1 . PHE A 1 40 ? 2.729   14.195  2.144   1.00 16.40 ? 55  PHE A CE1 1 
ATOM   268  C  CE2 . PHE A 1 40 ? 2.331   11.851  2.577   1.00 16.42 ? 55  PHE A CE2 1 
ATOM   269  C  CZ  . PHE A 1 40 ? 1.840   13.145  2.422   1.00 16.15 ? 55  PHE A CZ  1 
ATOM   270  N  N   . TYR A 1 41 ? 6.068   10.390  4.563   1.00 14.04 ? 56  TYR A N   1 
ATOM   271  C  CA  . TYR A 1 41 ? 5.327   9.509   5.466   1.00 14.86 ? 56  TYR A CA  1 
ATOM   272  C  C   . TYR A 1 41 ? 5.661   9.811   6.929   1.00 14.81 ? 56  TYR A C   1 
ATOM   273  O  O   . TYR A 1 41 ? 4.822   9.658   7.826   1.00 14.47 ? 56  TYR A O   1 
ATOM   274  C  CB  . TYR A 1 41 ? 5.597   8.031   5.125   1.00 15.43 ? 56  TYR A CB  1 
ATOM   275  C  CG  . TYR A 1 41 ? 4.872   7.532   3.881   1.00 16.49 ? 56  TYR A CG  1 
ATOM   276  C  CD1 . TYR A 1 41 ? 3.482   7.631   3.769   1.00 17.30 ? 56  TYR A CD1 1 
ATOM   277  C  CD2 . TYR A 1 41 ? 5.569   6.922   2.835   1.00 17.08 ? 56  TYR A CD2 1 
ATOM   278  C  CE1 . TYR A 1 41 ? 2.802   7.127   2.644   1.00 17.99 ? 56  TYR A CE1 1 
ATOM   279  C  CE2 . TYR A 1 41 ? 4.902   6.419   1.713   1.00 17.91 ? 56  TYR A CE2 1 
ATOM   280  C  CZ  . TYR A 1 41 ? 3.528   6.522   1.625   1.00 18.32 ? 56  TYR A CZ  1 
ATOM   281  O  OH  . TYR A 1 41 ? 2.873   6.012   0.527   1.00 19.16 ? 56  TYR A OH  1 
ATOM   282  N  N   . LEU A 1 42 ? 6.886   10.269  7.167   1.00 14.98 ? 57  LEU A N   1 
ATOM   283  C  CA  . LEU A 1 42 ? 7.304   10.625  8.519   1.00 15.04 ? 57  LEU A CA  1 
ATOM   284  C  C   . LEU A 1 42 ? 6.583   11.887  8.953   1.00 15.10 ? 57  LEU A C   1 
ATOM   285  O  O   . LEU A 1 42 ? 6.230   12.030  10.114  1.00 15.54 ? 57  LEU A O   1 
ATOM   286  C  CB  . LEU A 1 42 ? 8.811   10.859  8.579   1.00 15.28 ? 57  LEU A CB  1 
ATOM   287  C  CG  . LEU A 1 42 ? 9.592   9.552   8.638   1.00 15.11 ? 57  LEU A CG  1 
ATOM   288  C  CD1 . LEU A 1 42 ? 11.087  9.805   8.493   1.00 15.67 ? 57  LEU A CD1 1 
ATOM   289  C  CD2 . LEU A 1 42 ? 9.282   8.889   9.955   1.00 15.41 ? 57  LEU A CD2 1 
ATOM   290  N  N   . GLY A 1 43 ? 6.391   12.801  8.007   1.00 14.78 ? 58  GLY A N   1 
ATOM   291  C  CA  . GLY A 1 43 ? 5.692   14.036  8.298   1.00 15.05 ? 58  GLY A CA  1 
ATOM   292  C  C   . GLY A 1 43 ? 4.277   13.675  8.709   1.00 15.33 ? 58  GLY A C   1 
ATOM   293  O  O   . GLY A 1 43 ? 3.720   14.271  9.628   1.00 15.06 ? 58  GLY A O   1 
ATOM   294  N  N   . GLN A 1 44 ? 3.719   12.670  8.029   1.00 15.52 ? 59  GLN A N   1 
ATOM   295  C  CA  . GLN A 1 44 ? 2.371   12.166  8.285   1.00 16.68 ? 59  GLN A CA  1 
ATOM   296  C  C   . GLN A 1 44 ? 2.250   11.576  9.678   1.00 16.98 ? 59  GLN A C   1 
ATOM   297  O  O   . GLN A 1 44 ? 1.313   11.866  10.404  1.00 16.28 ? 59  GLN A O   1 
ATOM   298  C  CB  . GLN A 1 44 ? 1.990   11.095  7.233   1.00 17.26 ? 59  GLN A CB  1 
ATOM   299  C  CG  . GLN A 1 44 ? 0.488   10.845  7.119   1.00 18.34 ? 59  GLN A CG  1 
ATOM   300  C  CD  . GLN A 1 44 ? 0.114   9.902   5.958   1.00 18.61 ? 59  GLN A CD  1 
ATOM   301  O  OE1 . GLN A 1 44 ? 0.774   9.866   4.936   1.00 19.55 ? 59  GLN A OE1 1 
ATOM   302  N  NE2 . GLN A 1 44 ? -0.962  9.149   6.132   1.00 19.61 ? 59  GLN A NE2 1 
ATOM   303  N  N   . TYR A 1 45 ? 3.200   10.709  10.013  1.00 17.44 ? 60  TYR A N   1 
ATOM   304  C  CA  . TYR A 1 45 ? 3.218   10.051  11.314  1.00 18.42 ? 60  TYR A CA  1 
ATOM   305  C  C   . TYR A 1 45 ? 3.274   11.112  12.406  1.00 18.77 ? 60  TYR A C   1 
ATOM   306  O  O   . TYR A 1 45 ? 2.492   11.113  13.331  1.00 19.20 ? 60  TYR A O   1 
ATOM   307  C  CB  . TYR A 1 45 ? 4.450   9.160   11.436  1.00 18.43 ? 60  TYR A CB  1 
ATOM   308  C  CG  . TYR A 1 45 ? 4.498   8.314   12.694  1.00 19.05 ? 60  TYR A CG  1 
ATOM   309  C  CD1 . TYR A 1 45 ? 3.916   7.041   12.739  1.00 19.21 ? 60  TYR A CD1 1 
ATOM   310  C  CD2 . TYR A 1 45 ? 5.174   8.765   13.828  1.00 19.32 ? 60  TYR A CD2 1 
ATOM   311  C  CE1 . TYR A 1 45 ? 4.017   6.242   13.880  1.00 19.90 ? 60  TYR A CE1 1 
ATOM   312  C  CE2 . TYR A 1 45 ? 5.284   7.984   14.967  1.00 19.73 ? 60  TYR A CE2 1 
ATOM   313  C  CZ  . TYR A 1 45 ? 4.710   6.723   14.992  1.00 19.92 ? 60  TYR A CZ  1 
ATOM   314  O  OH  . TYR A 1 45 ? 4.860   5.947   16.120  1.00 20.55 ? 60  TYR A OH  1 
ATOM   315  N  N   . ILE A 1 46 ? 4.211   12.039  12.257  1.00 19.99 ? 61  ILE A N   1 
ATOM   316  C  CA  . ILE A 1 46 ? 4.380   13.117  13.225  1.00 20.85 ? 61  ILE A CA  1 
ATOM   317  C  C   . ILE A 1 46 ? 3.059   13.846  13.518  1.00 21.88 ? 61  ILE A C   1 
ATOM   318  O  O   . ILE A 1 46 ? 2.722   14.060  14.697  1.00 21.91 ? 61  ILE A O   1 
ATOM   319  C  CB  . ILE A 1 46 ? 5.413   14.125  12.730  1.00 20.78 ? 61  ILE A CB  1 
ATOM   320  C  CG1 . ILE A 1 46 ? 6.787   13.462  12.734  1.00 20.53 ? 61  ILE A CG1 1 
ATOM   321  C  CG2 . ILE A 1 46 ? 5.400   15.368  13.611  1.00 20.20 ? 61  ILE A CG2 1 
ATOM   322  C  CD1 . ILE A 1 46 ? 7.921   14.341  12.220  1.00 20.32 ? 61  ILE A CD1 1 
ATOM   323  N  N   . MET A 1 47 ? 2.303   14.231  12.485  1.00 23.11 ? 62  MET A N   1 
ATOM   324  C  CA  . MET A 1 47 ? 1.045   14.915  12.767  1.00 24.51 ? 62  MET A CA  1 
ATOM   325  C  C   . MET A 1 47 ? -0.113  14.040  13.208  1.00 24.91 ? 62  MET A C   1 
ATOM   326  O  O   . MET A 1 47 ? -1.007  14.527  13.892  1.00 25.05 ? 62  MET A O   1 
ATOM   327  C  CB  . MET A 1 47 ? 0.579   15.863  11.618  1.00 25.16 ? 62  MET A CB  1 
ATOM   328  C  CG  . MET A 1 47 ? 0.990   15.636  10.162  1.00 26.23 ? 62  MET A CG  1 
ATOM   329  S  SD  . MET A 1 47 ? 0.677   17.161  9.147   1.00 27.23 ? 62  MET A SD  1 
ATOM   330  C  CE  . MET A 1 47 ? 1.986   17.986  9.607   1.00 27.24 ? 62  MET A CE  1 
ATOM   331  N  N   . THR A 1 48 ? -0.129  12.780  12.775  1.00 25.47 ? 63  THR A N   1 
ATOM   332  C  CA  . THR A 1 48 ? -1.224  11.902  13.172  1.00 26.46 ? 63  THR A CA  1 
ATOM   333  C  C   . THR A 1 48 ? -1.125  11.533  14.653  1.00 27.09 ? 63  THR A C   1 
ATOM   334  O  O   . THR A 1 48 ? -2.108  11.570  15.364  1.00 26.92 ? 63  THR A O   1 
ATOM   335  C  CB  . THR A 1 48 ? -1.303  10.594  12.325  1.00 26.46 ? 63  THR A CB  1 
ATOM   336  O  OG1 . THR A 1 48 ? -0.191  9.734   12.613  1.00 27.44 ? 63  THR A OG1 1 
ATOM   337  C  CG2 . THR A 1 48 ? -1.330  10.923  10.852  1.00 26.39 ? 63  THR A CG2 1 
ATOM   338  N  N   . LYS A 1 49 ? 0.068   11.159  15.106  1.00 27.75 ? 64  LYS A N   1 
ATOM   339  C  CA  . LYS A 1 49 ? 0.245   10.809  16.510  1.00 28.73 ? 64  LYS A CA  1 
ATOM   340  C  C   . LYS A 1 49 ? 0.456   12.035  17.378  1.00 29.02 ? 64  LYS A C   1 
ATOM   341  O  O   . LYS A 1 49 ? 0.727   11.935  18.591  1.00 28.92 ? 64  LYS A O   1 
ATOM   342  C  CB  . LYS A 1 49 ? 1.381   9.809   16.680  1.00 29.15 ? 64  LYS A CB  1 
ATOM   343  C  CG  . LYS A 1 49 ? 0.945   8.401   16.321  1.00 29.89 ? 64  LYS A CG  1 
ATOM   344  C  CD  . LYS A 1 49 ? 1.938   7.363   16.749  1.00 30.56 ? 64  LYS A CD  1 
ATOM   345  C  CE  . LYS A 1 49 ? 1.289   6.332   17.654  1.00 31.24 ? 64  LYS A CE  1 
ATOM   346  N  NZ  . LYS A 1 49 ? 2.193   5.159   17.800  1.00 31.78 ? 64  LYS A NZ  1 
ATOM   347  N  N   . ARG A 1 50 ? 0.355   13.190  16.732  1.00 29.39 ? 65  ARG A N   1 
ATOM   348  C  CA  . ARG A 1 50 ? 0.440   14.455  17.420  1.00 30.06 ? 65  ARG A CA  1 
ATOM   349  C  C   . ARG A 1 50 ? 1.645   14.576  18.339  1.00 30.42 ? 65  ARG A C   1 
ATOM   350  O  O   . ARG A 1 50 ? 1.548   14.772  19.544  1.00 30.03 ? 65  ARG A O   1 
ATOM   351  C  CB  . ARG A 1 50 ? -0.878  14.671  18.174  1.00 30.51 ? 65  ARG A CB  1 
ATOM   352  C  CG  . ARG A 1 50 ? -2.134  14.655  17.278  1.00 31.23 ? 65  ARG A CG  1 
ATOM   353  C  CD  . ARG A 1 50 ? -3.333  15.385  17.961  1.00 32.14 ? 65  ARG A CD  1 
ATOM   354  N  NE  . ARG A 1 50 ? -4.355  15.786  17.002  1.00 32.74 ? 65  ARG A NE  1 
ATOM   355  C  CZ  . ARG A 1 50 ? -4.508  17.027  16.551  1.00 33.10 ? 65  ARG A CZ  1 
ATOM   356  N  NH1 . ARG A 1 50 ? -3.711  18.003  16.970  1.00 33.55 ? 65  ARG A NH1 1 
ATOM   357  N  NH2 . ARG A 1 50 ? -5.450  17.293  15.663  1.00 33.36 ? 65  ARG A NH2 1 
ATOM   358  N  N   . LEU A 1 51 ? 2.806   14.426  17.729  1.00 30.77 ? 66  LEU A N   1 
ATOM   359  C  CA  . LEU A 1 51 ? 4.041   14.517  18.478  1.00 31.49 ? 66  LEU A CA  1 
ATOM   360  C  C   . LEU A 1 51 ? 4.554   15.940  18.372  1.00 32.12 ? 66  LEU A C   1 
ATOM   361  O  O   . LEU A 1 51 ? 5.577   16.294  18.965  1.00 32.12 ? 66  LEU A O   1 
ATOM   362  C  CB  . LEU A 1 51 ? 5.052   13.549  17.890  1.00 31.57 ? 66  LEU A CB  1 
ATOM   363  C  CG  . LEU A 1 51 ? 4.427   12.171  17.626  1.00 31.86 ? 66  LEU A CG  1 
ATOM   364  C  CD1 . LEU A 1 51 ? 5.456   11.259  16.980  1.00 32.15 ? 66  LEU A CD1 1 
ATOM   365  C  CD2 . LEU A 1 51 ? 3.893   11.544  18.934  1.00 31.95 ? 66  LEU A CD2 1 
ATOM   366  N  N   . TYR A 1 52 ? 3.811   16.745  17.611  1.00 32.79 ? 67  TYR A N   1 
ATOM   367  C  CA  . TYR A 1 52 ? 4.149   18.141  17.356  1.00 33.64 ? 67  TYR A CA  1 
ATOM   368  C  C   . TYR A 1 52 ? 2.951   18.876  16.746  1.00 33.87 ? 67  TYR A C   1 
ATOM   369  O  O   . TYR A 1 52 ? 2.243   18.332  15.887  1.00 34.11 ? 67  TYR A O   1 
ATOM   370  C  CB  . TYR A 1 52 ? 5.357   18.209  16.411  1.00 34.35 ? 67  TYR A CB  1 
ATOM   371  C  CG  . TYR A 1 52 ? 5.063   18.788  15.052  1.00 34.86 ? 67  TYR A CG  1 
ATOM   372  C  CD1 . TYR A 1 52 ? 4.165   18.170  14.169  1.00 35.23 ? 67  TYR A CD1 1 
ATOM   373  C  CD2 . TYR A 1 52 ? 5.663   19.972  14.659  1.00 35.09 ? 67  TYR A CD2 1 
ATOM   374  C  CE1 . TYR A 1 52 ? 3.871   18.729  12.935  1.00 35.33 ? 67  TYR A CE1 1 
ATOM   375  C  CE2 . TYR A 1 52 ? 5.386   20.557  13.407  1.00 35.42 ? 67  TYR A CE2 1 
ATOM   376  C  CZ  . TYR A 1 52 ? 4.489   19.931  12.562  1.00 35.50 ? 67  TYR A CZ  1 
ATOM   377  O  OH  . TYR A 1 52 ? 4.208   20.532  11.362  1.00 35.79 ? 67  TYR A OH  1 
ATOM   378  N  N   . HIS A 1 58 ? 7.858   23.764  15.780  1.00 25.18 ? 73  HIS A N   1 
ATOM   379  C  CA  . HIS A 1 58 ? 9.102   23.222  15.250  1.00 24.76 ? 73  HIS A CA  1 
ATOM   380  C  C   . HIS A 1 58 ? 9.649   22.056  16.083  1.00 24.18 ? 73  HIS A C   1 
ATOM   381  O  O   . HIS A 1 58 ? 10.485  21.327  15.619  1.00 23.82 ? 73  HIS A O   1 
ATOM   382  C  CB  . HIS A 1 58 ? 10.153  24.312  15.247  1.00 25.59 ? 73  HIS A CB  1 
ATOM   383  C  CG  . HIS A 1 58 ? 10.340  24.924  16.582  1.00 26.44 ? 73  HIS A CG  1 
ATOM   384  N  ND1 . HIS A 1 58 ? 9.989   26.234  16.854  1.00 26.65 ? 73  HIS A ND1 1 
ATOM   385  C  CD2 . HIS A 1 58 ? 10.752  24.407  17.765  1.00 26.57 ? 73  HIS A CD2 1 
ATOM   386  C  CE1 . HIS A 1 58 ? 10.176  26.482  18.129  1.00 26.75 ? 73  HIS A CE1 1 
ATOM   387  N  NE2 . HIS A 1 58 ? 10.640  25.382  18.710  1.00 26.74 ? 73  HIS A NE2 1 
ATOM   388  N  N   . ILE A 1 59 ? 9.198   21.909  17.327  1.00 23.65 ? 74  ILE A N   1 
ATOM   389  C  CA  . ILE A 1 59 ? 9.726   20.831  18.159  1.00 22.89 ? 74  ILE A CA  1 
ATOM   390  C  C   . ILE A 1 59 ? 8.837   19.608  18.203  1.00 22.96 ? 74  ILE A C   1 
ATOM   391  O  O   . ILE A 1 59 ? 7.676   19.678  18.582  1.00 22.60 ? 74  ILE A O   1 
ATOM   392  C  CB  . ILE A 1 59 ? 9.979   21.288  19.620  1.00 23.63 ? 74  ILE A CB  1 
ATOM   393  C  CG1 . ILE A 1 59 ? 11.104  22.302  19.615  1.00 23.59 ? 74  ILE A CG1 1 
ATOM   394  C  CG2 . ILE A 1 59 ? 10.375  20.091  20.523  1.00 23.41 ? 74  ILE A CG2 1 
ATOM   395  C  CD1 . ILE A 1 59 ? 11.464  22.883  20.999  1.00 24.07 ? 74  ILE A CD1 1 
ATOM   396  N  N   . VAL A 1 60 ? 9.448   18.478  17.857  1.00 22.30 ? 75  VAL A N   1 
ATOM   397  C  CA  . VAL A 1 60 ? 8.793   17.172  17.853  1.00 21.61 ? 75  VAL A CA  1 
ATOM   398  C  C   . VAL A 1 60 ? 9.335   16.325  19.008  1.00 21.96 ? 75  VAL A C   1 
ATOM   399  O  O   . VAL A 1 60 ? 10.561  16.110  19.156  1.00 21.60 ? 75  VAL A O   1 
ATOM   400  C  CB  . VAL A 1 60 ? 9.011   16.441  16.508  1.00 21.86 ? 75  VAL A CB  1 
ATOM   401  C  CG1 . VAL A 1 60 ? 8.426   15.067  16.563  1.00 21.83 ? 75  VAL A CG1 1 
ATOM   402  C  CG2 . VAL A 1 60 ? 8.348   17.249  15.362  1.00 21.85 ? 75  VAL A CG2 1 
ATOM   403  N  N   . TYR A 1 61 ? 8.414   15.903  19.866  1.00 21.98 ? 76  TYR A N   1 
ATOM   404  C  CA  . TYR A 1 61 ? 8.738   15.069  21.007  1.00 21.61 ? 76  TYR A CA  1 
ATOM   405  C  C   . TYR A 1 61 ? 8.517   13.600  20.664  1.00 21.31 ? 76  TYR A C   1 
ATOM   406  O  O   . TYR A 1 61 ? 7.395   13.188  20.388  1.00 21.57 ? 76  TYR A O   1 
ATOM   407  C  CB  . TYR A 1 61 ? 7.869   15.461  22.199  1.00 22.53 ? 76  TYR A CB  1 
ATOM   408  C  CG  . TYR A 1 61 ? 8.304   16.755  22.832  1.00 23.33 ? 76  TYR A CG  1 
ATOM   409  C  CD1 . TYR A 1 61 ? 9.523   16.845  23.505  1.00 23.55 ? 76  TYR A CD1 1 
ATOM   410  C  CD2 . TYR A 1 61 ? 7.532   17.902  22.708  1.00 23.76 ? 76  TYR A CD2 1 
ATOM   411  C  CE1 . TYR A 1 61 ? 9.968   18.060  24.042  1.00 24.23 ? 76  TYR A CE1 1 
ATOM   412  C  CE2 . TYR A 1 61 ? 7.958   19.130  23.237  1.00 24.40 ? 76  TYR A CE2 1 
ATOM   413  C  CZ  . TYR A 1 61 ? 9.186   19.202  23.902  1.00 24.46 ? 76  TYR A CZ  1 
ATOM   414  O  OH  . TYR A 1 61 ? 9.636   20.407  24.404  1.00 25.01 ? 76  TYR A OH  1 
ATOM   415  N  N   . CYS A 1 62 ? 9.591   12.815  20.658  1.00 20.76 ? 77  CYS A N   1 
ATOM   416  C  CA  . CYS A 1 62 ? 9.444   11.410  20.315  1.00 19.86 ? 77  CYS A CA  1 
ATOM   417  C  C   . CYS A 1 62 ? 9.729   10.365  21.402  1.00 19.19 ? 77  CYS A C   1 
ATOM   418  O  O   . CYS A 1 62 ? 9.828   9.223   21.103  1.00 18.56 ? 77  CYS A O   1 
ATOM   419  C  CB  . CYS A 1 62 ? 10.240  11.074  19.032  1.00 20.37 ? 77  CYS A CB  1 
ATOM   420  S  SG  . CYS A 1 62 ? 11.778  12.002  18.645  1.00 20.56 ? 77  CYS A SG  1 
ATOM   421  N  N   . SER A 1 63 ? 9.875   10.768  22.660  1.00 18.80 ? 78  SER A N   1 
ATOM   422  C  CA  . SER A 1 63 ? 10.109  9.782   23.715  1.00 18.61 ? 78  SER A CA  1 
ATOM   423  C  C   . SER A 1 63 ? 8.836   8.970   23.880  1.00 18.16 ? 78  SER A C   1 
ATOM   424  O  O   . SER A 1 63 ? 7.735   9.455   23.608  1.00 18.43 ? 78  SER A O   1 
ATOM   425  C  CB  . SER A 1 63 ? 10.401  10.438  25.060  1.00 18.55 ? 78  SER A CB  1 
ATOM   426  O  OG  . SER A 1 63 ? 11.596  11.190  25.055  1.00 18.59 ? 78  SER A OG  1 
ATOM   427  N  N   . ASN A 1 64 ? 9.001   7.746   24.354  1.00 17.95 ? 79  ASN A N   1 
ATOM   428  C  CA  . ASN A 1 64 ? 7.883   6.856   24.582  1.00 17.81 ? 79  ASN A CA  1 
ATOM   429  C  C   . ASN A 1 64 ? 7.074   6.612   23.326  1.00 17.87 ? 79  ASN A C   1 
ATOM   430  O  O   . ASN A 1 64 ? 5.886   6.322   23.390  1.00 17.99 ? 79  ASN A O   1 
ATOM   431  C  CB  . ASN A 1 64 ? 7.012   7.414   25.713  1.00 17.90 ? 79  ASN A CB  1 
ATOM   432  C  CG  . ASN A 1 64 ? 7.829   7.763   26.934  1.00 17.95 ? 79  ASN A CG  1 
ATOM   433  O  OD1 . ASN A 1 64 ? 8.646   6.967   27.390  1.00 17.90 ? 79  ASN A OD1 1 
ATOM   434  N  ND2 . ASN A 1 64 ? 7.622   8.962   27.467  1.00 18.15 ? 79  ASN A ND2 1 
ATOM   435  N  N   . ASP A 1 65 ? 7.746   6.730   22.183  1.00 17.85 ? 80  ASP A N   1 
ATOM   436  C  CA  . ASP A 1 65 ? 7.122   6.508   20.898  1.00 17.63 ? 80  ASP A CA  1 
ATOM   437  C  C   . ASP A 1 65 ? 8.123   5.872   19.952  1.00 17.40 ? 80  ASP A C   1 
ATOM   438  O  O   . ASP A 1 65 ? 9.313   6.078   20.047  1.00 17.14 ? 80  ASP A O   1 
ATOM   439  C  CB  . ASP A 1 65 ? 6.663   7.821   20.274  1.00 17.78 ? 80  ASP A CB  1 
ATOM   440  C  CG  . ASP A 1 65 ? 5.823   7.608   19.025  1.00 18.35 ? 80  ASP A CG  1 
ATOM   441  O  OD1 . ASP A 1 65 ? 4.616   7.335   19.185  1.00 18.04 ? 80  ASP A OD1 1 
ATOM   442  O  OD2 . ASP A 1 65 ? 6.356   7.686   17.893  1.00 18.34 ? 80  ASP A OD2 1 
ATOM   443  N  N   . LEU A 1 66 ? 7.591   5.092   19.031  1.00 17.53 ? 81  LEU A N   1 
ATOM   444  C  CA  . LEU A 1 66 ? 8.387   4.426   18.024  1.00 17.41 ? 81  LEU A CA  1 
ATOM   445  C  C   . LEU A 1 66 ? 9.420   5.352   17.373  1.00 17.14 ? 81  LEU A C   1 
ATOM   446  O  O   . LEU A 1 66 ? 10.544  4.973   17.151  1.00 16.79 ? 81  LEU A O   1 
ATOM   447  C  CB  . LEU A 1 66 ? 7.461   3.893   16.954  1.00 18.41 ? 81  LEU A CB  1 
ATOM   448  C  CG  . LEU A 1 66 ? 8.145   2.909   16.026  1.00 19.37 ? 81  LEU A CG  1 
ATOM   449  C  CD1 . LEU A 1 66 ? 7.958   1.503   16.583  1.00 20.56 ? 81  LEU A CD1 1 
ATOM   450  C  CD2 . LEU A 1 66 ? 7.556   3.022   14.637  1.00 19.97 ? 81  LEU A CD2 1 
ATOM   451  N  N   . LEU A 1 67 ? 9.019   6.575   17.062  1.00 16.35 ? 82  LEU A N   1 
ATOM   452  C  CA  . LEU A 1 67 ? 9.954   7.498   16.425  1.00 16.15 ? 82  LEU A CA  1 
ATOM   453  C  C   . LEU A 1 67 ? 11.211  7.732   17.262  1.00 16.33 ? 82  LEU A C   1 
ATOM   454  O  O   . LEU A 1 67 ? 12.265  8.021   16.737  1.00 16.21 ? 82  LEU A O   1 
ATOM   455  C  CB  . LEU A 1 67 ? 9.262   8.821   16.131  1.00 15.78 ? 82  LEU A CB  1 
ATOM   456  C  CG  . LEU A 1 67 ? 10.065  9.812   15.281  1.00 15.73 ? 82  LEU A CG  1 
ATOM   457  C  CD1 . LEU A 1 67 ? 10.408  9.205   13.905  1.00 15.28 ? 82  LEU A CD1 1 
ATOM   458  C  CD2 . LEU A 1 67 ? 9.260   11.101  15.133  1.00 15.98 ? 82  LEU A CD2 1 
ATOM   459  N  N   . GLY A 1 68 ? 11.071  7.619   18.577  1.00 16.41 ? 83  GLY A N   1 
ATOM   460  C  CA  . GLY A 1 68 ? 12.216  7.803   19.443  1.00 17.06 ? 83  GLY A CA  1 
ATOM   461  C  C   . GLY A 1 68 ? 13.169  6.621   19.298  1.00 17.31 ? 83  GLY A C   1 
ATOM   462  O  O   . GLY A 1 68 ? 14.387  6.789   19.321  1.00 17.33 ? 83  GLY A O   1 
ATOM   463  N  N   . ASP A 1 69 ? 12.620  5.416   19.158  1.00 17.53 ? 84  ASP A N   1 
ATOM   464  C  CA  . ASP A 1 69 ? 13.469  4.232   18.982  1.00 18.18 ? 84  ASP A CA  1 
ATOM   465  C  C   . ASP A 1 69 ? 14.204  4.353   17.644  1.00 17.98 ? 84  ASP A C   1 
ATOM   466  O  O   . ASP A 1 69 ? 15.300  3.839   17.467  1.00 18.54 ? 84  ASP A O   1 
ATOM   467  C  CB  . ASP A 1 69 ? 12.642  2.935   19.004  1.00 18.43 ? 84  ASP A CB  1 
ATOM   468  C  CG  . ASP A 1 69 ? 11.924  2.708   20.331  1.00 19.08 ? 84  ASP A CG  1 
ATOM   469  O  OD1 . ASP A 1 69 ? 12.578  2.701   21.392  1.00 19.96 ? 84  ASP A OD1 1 
ATOM   470  O  OD2 . ASP A 1 69 ? 10.693  2.525   20.311  1.00 19.94 ? 84  ASP A OD2 1 
ATOM   471  N  N   . LEU A 1 70 ? 13.579  5.042   16.701  1.00 17.67 ? 85  LEU A N   1 
ATOM   472  C  CA  . LEU A 1 70 ? 14.177  5.255   15.386  1.00 17.13 ? 85  LEU A CA  1 
ATOM   473  C  C   . LEU A 1 70 ? 15.289  6.289   15.396  1.00 16.79 ? 85  LEU A C   1 
ATOM   474  O  O   . LEU A 1 70 ? 16.353  6.074   14.858  1.00 15.83 ? 85  LEU A O   1 
ATOM   475  C  CB  . LEU A 1 70 ? 13.139  5.757   14.413  1.00 17.48 ? 85  LEU A CB  1 
ATOM   476  C  CG  . LEU A 1 70 ? 12.252  4.714   13.749  1.00 18.00 ? 85  LEU A CG  1 
ATOM   477  C  CD1 . LEU A 1 70 ? 11.103  5.384   13.018  1.00 18.47 ? 85  LEU A CD1 1 
ATOM   478  C  CD2 . LEU A 1 70 ? 13.096  3.856   12.783  1.00 18.25 ? 85  LEU A CD2 1 
ATOM   479  N  N   . PHE A 1 71 ? 15.014  7.426   16.021  1.00 16.62 ? 86  PHE A N   1 
ATOM   480  C  CA  . PHE A 1 71 ? 15.983  8.509   16.052  1.00 16.70 ? 86  PHE A CA  1 
ATOM   481  C  C   . PHE A 1 71 ? 17.007  8.510   17.169  1.00 17.39 ? 86  PHE A C   1 
ATOM   482  O  O   . PHE A 1 71 ? 18.046  9.117   17.036  1.00 17.49 ? 86  PHE A O   1 
ATOM   483  C  CB  . PHE A 1 71 ? 15.245  9.867   15.976  1.00 16.54 ? 86  PHE A CB  1 
ATOM   484  C  CG  . PHE A 1 71 ? 14.658  10.157  14.620  1.00 16.92 ? 86  PHE A CG  1 
ATOM   485  C  CD1 . PHE A 1 71 ? 14.831  9.257   13.582  1.00 17.04 ? 86  PHE A CD1 1 
ATOM   486  C  CD2 . PHE A 1 71 ? 13.920  11.310  14.386  1.00 16.95 ? 86  PHE A CD2 1 
ATOM   487  C  CE1 . PHE A 1 71 ? 14.283  9.485   12.339  1.00 16.73 ? 86  PHE A CE1 1 
ATOM   488  C  CE2 . PHE A 1 71 ? 13.361  11.561  13.141  1.00 16.77 ? 86  PHE A CE2 1 
ATOM   489  C  CZ  . PHE A 1 71 ? 13.544  10.634  12.104  1.00 17.06 ? 86  PHE A CZ  1 
ATOM   490  N  N   . GLY A 1 72 ? 16.707  7.829   18.268  1.00 17.41 ? 87  GLY A N   1 
ATOM   491  C  CA  . GLY A 1 72 ? 17.654  7.779   19.366  1.00 17.56 ? 87  GLY A CA  1 
ATOM   492  C  C   . GLY A 1 72 ? 17.796  9.090   20.123  1.00 17.61 ? 87  GLY A C   1 
ATOM   493  O  O   . GLY A 1 72 ? 18.856  9.405   20.683  1.00 17.54 ? 87  GLY A O   1 
ATOM   494  N  N   . VAL A 1 73 ? 16.720  9.868   20.129  1.00 17.33 ? 88  VAL A N   1 
ATOM   495  C  CA  . VAL A 1 73 ? 16.675  11.156  20.832  1.00 17.27 ? 88  VAL A CA  1 
ATOM   496  C  C   . VAL A 1 73 ? 15.248  11.351  21.338  1.00 17.32 ? 88  VAL A C   1 
ATOM   497  O  O   . VAL A 1 73 ? 14.320  10.853  20.743  1.00 16.67 ? 88  VAL A O   1 
ATOM   498  C  CB  . VAL A 1 73 ? 17.018  12.358  19.885  1.00 17.20 ? 88  VAL A CB  1 
ATOM   499  C  CG1 . VAL A 1 73 ? 18.471  12.280  19.433  1.00 17.66 ? 88  VAL A CG1 1 
ATOM   500  C  CG2 . VAL A 1 73 ? 16.077  12.356  18.676  1.00 17.37 ? 88  VAL A CG2 1 
ATOM   501  N  N   . PRO A 1 74 ? 15.067  12.098  22.438  1.00 17.61 ? 89  PRO A N   1 
ATOM   502  C  CA  . PRO A 1 74 ? 13.729  12.332  22.977  1.00 17.87 ? 89  PRO A CA  1 
ATOM   503  C  C   . PRO A 1 74 ? 13.011  13.464  22.256  1.00 17.73 ? 89  PRO A C   1 
ATOM   504  O  O   . PRO A 1 74 ? 11.822  13.582  22.355  1.00 17.90 ? 89  PRO A O   1 
ATOM   505  C  CB  . PRO A 1 74 ? 14.005  12.672  24.429  1.00 18.22 ? 89  PRO A CB  1 
ATOM   506  C  CG  . PRO A 1 74 ? 15.229  13.509  24.318  1.00 18.30 ? 89  PRO A CG  1 
ATOM   507  C  CD  . PRO A 1 74 ? 16.086  12.729  23.294  1.00 17.98 ? 89  PRO A CD  1 
ATOM   508  N  N   . SER A 1 75 ? 13.759  14.295  21.535  1.00 17.83 ? 90  SER A N   1 
ATOM   509  C  CA  . SER A 1 75 ? 13.144  15.403  20.810  1.00 17.74 ? 90  SER A CA  1 
ATOM   510  C  C   . SER A 1 75 ? 14.062  16.020  19.753  1.00 17.17 ? 90  SER A C   1 
ATOM   511  O  O   . SER A 1 75 ? 15.289  15.857  19.797  1.00 17.51 ? 90  SER A O   1 
ATOM   512  C  CB  . SER A 1 75 ? 12.729  16.504  21.780  1.00 17.79 ? 90  SER A CB  1 
ATOM   513  O  OG  . SER A 1 75 ? 13.864  17.274  22.139  1.00 18.54 ? 90  SER A OG  1 
ATOM   514  N  N   . PHE A 1 76 ? 13.471  16.747  18.812  1.00 16.59 ? 91  PHE A N   1 
ATOM   515  C  CA  . PHE A 1 76 ? 14.251  17.395  17.760  1.00 16.40 ? 91  PHE A CA  1 
ATOM   516  C  C   . PHE A 1 76 ? 13.423  18.487  17.089  1.00 16.23 ? 91  PHE A C   1 
ATOM   517  O  O   . PHE A 1 76 ? 12.237  18.565  17.289  1.00 15.86 ? 91  PHE A O   1 
ATOM   518  C  CB  . PHE A 1 76 ? 14.701  16.365  16.719  1.00 16.25 ? 91  PHE A CB  1 
ATOM   519  C  CG  . PHE A 1 76 ? 13.568  15.755  15.935  1.00 16.05 ? 91  PHE A CG  1 
ATOM   520  C  CD1 . PHE A 1 76 ? 13.065  16.384  14.799  1.00 15.92 ? 91  PHE A CD1 1 
ATOM   521  C  CD2 . PHE A 1 76 ? 13.006  14.554  16.335  1.00 15.90 ? 91  PHE A CD2 1 
ATOM   522  C  CE1 . PHE A 1 76 ? 12.014  15.820  14.075  1.00 16.24 ? 91  PHE A CE1 1 
ATOM   523  C  CE2 . PHE A 1 76 ? 11.954  13.978  15.624  1.00 15.91 ? 91  PHE A CE2 1 
ATOM   524  C  CZ  . PHE A 1 76 ? 11.458  14.617  14.488  1.00 15.81 ? 91  PHE A CZ  1 
ATOM   525  N  N   . SER A 1 77 ? 14.079  19.333  16.302  1.00 16.12 ? 92  SER A N   1 
ATOM   526  C  CA  . SER A 1 77 ? 13.385  20.413  15.614  1.00 16.34 ? 92  SER A CA  1 
ATOM   527  C  C   . SER A 1 77 ? 13.203  20.076  14.140  1.00 16.23 ? 92  SER A C   1 
ATOM   528  O  O   . SER A 1 77 ? 14.107  19.597  13.514  1.00 15.53 ? 92  SER A O   1 
ATOM   529  C  CB  . SER A 1 77 ? 14.171  21.720  15.740  1.00 16.55 ? 92  SER A CB  1 
ATOM   530  O  OG  . SER A 1 77 ? 13.634  22.700  14.869  1.00 17.05 ? 92  SER A OG  1 
ATOM   531  N  N   . VAL A 1 78 ? 12.020  20.355  13.603  1.00 16.28 ? 93  VAL A N   1 
ATOM   532  C  CA  . VAL A 1 78 ? 11.745  20.072  12.194  1.00 17.02 ? 93  VAL A CA  1 
ATOM   533  C  C   . VAL A 1 78 ? 12.538  20.961  11.238  1.00 16.98 ? 93  VAL A C   1 
ATOM   534  O  O   . VAL A 1 78 ? 12.519  20.759  10.036  1.00 17.22 ? 93  VAL A O   1 
ATOM   535  C  CB  . VAL A 1 78 ? 10.269  20.269  11.858  1.00 16.95 ? 93  VAL A CB  1 
ATOM   536  C  CG1 . VAL A 1 78 ? 9.426   19.304  12.665  1.00 17.03 ? 93  VAL A CG1 1 
ATOM   537  C  CG2 . VAL A 1 78 ? 9.858   21.723  12.142  1.00 16.92 ? 93  VAL A CG2 1 
ATOM   538  N  N   . LYS A 1 79 ? 13.217  21.955  11.793  1.00 17.79 ? 94  LYS A N   1 
ATOM   539  C  CA  . LYS A 1 79 ? 14.005  22.890  11.001  1.00 18.64 ? 94  LYS A CA  1 
ATOM   540  C  C   . LYS A 1 79 ? 15.397  22.329  10.706  1.00 18.81 ? 94  LYS A C   1 
ATOM   541  O  O   . LYS A 1 79 ? 16.043  22.746  9.752   1.00 19.02 ? 94  LYS A O   1 
ATOM   542  C  CB  . LYS A 1 79 ? 14.149  24.232  11.753  1.00 19.26 ? 94  LYS A CB  1 
ATOM   543  C  CG  . LYS A 1 79 ? 12.841  24.945  12.004  1.00 20.19 ? 94  LYS A CG  1 
ATOM   544  C  CD  . LYS A 1 79 ? 11.956  24.916  10.759  1.00 20.93 ? 94  LYS A CD  1 
ATOM   545  C  CE  . LYS A 1 79 ? 11.635  26.298  10.219  1.00 21.62 ? 94  LYS A CE  1 
ATOM   546  N  NZ  . LYS A 1 79 ? 10.792  26.249  8.980   1.00 21.71 ? 94  LYS A NZ  1 
ATOM   547  N  N   . GLU A 1 80 ? 15.861  21.420  11.561  1.00 18.95 ? 95  GLU A N   1 
ATOM   548  C  CA  . GLU A 1 80 ? 17.179  20.814  11.420  1.00 18.91 ? 95  GLU A CA  1 
ATOM   549  C  C   . GLU A 1 80 ? 17.192  19.604  10.490  1.00 18.69 ? 95  GLU A C   1 
ATOM   550  O  O   . GLU A 1 80 ? 17.415  18.465  10.911  1.00 18.18 ? 95  GLU A O   1 
ATOM   551  C  CB  . GLU A 1 80 ? 17.705  20.443  12.805  1.00 19.98 ? 95  GLU A CB  1 
ATOM   552  C  CG  . GLU A 1 80 ? 17.585  21.622  13.778  1.00 21.85 ? 95  GLU A CG  1 
ATOM   553  C  CD  . GLU A 1 80 ? 18.406  21.500  15.050  1.00 22.95 ? 95  GLU A CD  1 
ATOM   554  O  OE1 . GLU A 1 80 ? 18.324  20.462  15.731  1.00 23.91 ? 95  GLU A OE1 1 
ATOM   555  O  OE2 . GLU A 1 80 ? 19.116  22.477  15.387  1.00 23.90 ? 95  GLU A OE2 1 
ATOM   556  N  N   . HIS A 1 81 ? 16.998  19.877  9.210   1.00 18.18 ? 96  HIS A N   1 
ATOM   557  C  CA  . HIS A 1 81 ? 16.968  18.842  8.193   1.00 18.08 ? 96  HIS A CA  1 
ATOM   558  C  C   . HIS A 1 81 ? 18.195  17.926  8.149   1.00 17.87 ? 96  HIS A C   1 
ATOM   559  O  O   . HIS A 1 81 ? 18.051  16.720  8.156   1.00 18.29 ? 96  HIS A O   1 
ATOM   560  C  CB  . HIS A 1 81 ? 16.735  19.493  6.836   1.00 17.44 ? 96  HIS A CB  1 
ATOM   561  C  CG  . HIS A 1 81 ? 15.471  20.302  6.764   1.00 17.61 ? 96  HIS A CG  1 
ATOM   562  N  ND1 . HIS A 1 81 ? 15.031  20.884  5.597   1.00 17.49 ? 96  HIS A ND1 1 
ATOM   563  C  CD2 . HIS A 1 81 ? 14.548  20.615  7.707   1.00 17.17 ? 96  HIS A CD2 1 
ATOM   564  C  CE1 . HIS A 1 81 ? 13.894  21.518  5.819   1.00 17.12 ? 96  HIS A CE1 1 
ATOM   565  N  NE2 . HIS A 1 81 ? 13.579  21.371  7.093   1.00 17.38 ? 96  HIS A NE2 1 
ATOM   566  N  N   . ARG A 1 82 ? 19.395  18.501  8.116   1.00 18.04 ? 97  ARG A N   1 
ATOM   567  C  CA  . ARG A 1 82 ? 20.607  17.685  8.066   1.00 18.06 ? 97  ARG A CA  1 
ATOM   568  C  C   . ARG A 1 82 ? 20.678  16.683  9.220   1.00 17.49 ? 97  ARG A C   1 
ATOM   569  O  O   . ARG A 1 82 ? 21.017  15.520  9.012   1.00 17.19 ? 97  ARG A O   1 
ATOM   570  C  CB  . ARG A 1 82 ? 21.871  18.572  8.036   1.00 18.92 ? 97  ARG A CB  1 
ATOM   571  C  CG  . ARG A 1 82 ? 22.526  18.739  6.671   1.00 20.69 ? 97  ARG A CG  1 
ATOM   572  C  CD  . ARG A 1 82 ? 21.487  18.953  5.546   1.00 21.96 ? 97  ARG A CD  1 
ATOM   573  N  NE  . ARG A 1 82 ? 21.309  17.886  4.576   1.00 23.13 ? 97  ARG A NE  1 
ATOM   574  C  CZ  . ARG A 1 82 ? 21.902  16.709  4.631   1.00 23.84 ? 97  ARG A CZ  1 
ATOM   575  N  NH1 . ARG A 1 82 ? 22.709  16.410  5.613   1.00 24.28 ? 97  ARG A NH1 1 
ATOM   576  N  NH2 . ARG A 1 82 ? 21.765  15.871  3.645   1.00 24.50 ? 97  ARG A NH2 1 
ATOM   577  N  N   . LYS A 1 83 ? 20.352  17.136  10.427  1.00 17.10 ? 98  LYS A N   1 
ATOM   578  C  CA  . LYS A 1 83 ? 20.353  16.255  11.587  1.00 17.39 ? 98  LYS A CA  1 
ATOM   579  C  C   . LYS A 1 83 ? 19.284  15.199  11.357  1.00 16.99 ? 98  LYS A C   1 
ATOM   580  O  O   . LYS A 1 83 ? 19.541  14.027  11.496  1.00 17.31 ? 98  LYS A O   1 
ATOM   581  C  CB  . LYS A 1 83 ? 20.036  17.043  12.859  1.00 18.00 ? 98  LYS A CB  1 
ATOM   582  C  CG  . LYS A 1 83 ? 21.123  18.019  13.217  1.00 19.25 ? 98  LYS A CG  1 
ATOM   583  C  CD  . LYS A 1 83 ? 20.657  19.060  14.191  1.00 20.27 ? 98  LYS A CD  1 
ATOM   584  C  CE  . LYS A 1 83 ? 21.759  20.030  14.493  1.00 20.79 ? 98  LYS A CE  1 
ATOM   585  N  NZ  . LYS A 1 83 ? 21.979  20.057  15.953  1.00 21.40 ? 98  LYS A NZ  1 
ATOM   586  N  N   . ILE A 1 84 ? 18.079  15.634  11.003  1.00 16.38 ? 99  ILE A N   1 
ATOM   587  C  CA  . ILE A 1 84 ? 17.008  14.677  10.746  1.00 15.86 ? 99  ILE A CA  1 
ATOM   588  C  C   . ILE A 1 84 ? 17.471  13.612  9.755   1.00 16.41 ? 99  ILE A C   1 
ATOM   589  O  O   . ILE A 1 84 ? 17.411  12.420  10.049  1.00 15.83 ? 99  ILE A O   1 
ATOM   590  C  CB  . ILE A 1 84 ? 15.750  15.364  10.193  1.00 15.64 ? 99  ILE A CB  1 
ATOM   591  C  CG1 . ILE A 1 84 ? 15.113  16.233  11.284  1.00 14.79 ? 99  ILE A CG1 1 
ATOM   592  C  CG2 . ILE A 1 84 ? 14.766  14.306  9.724   1.00 14.97 ? 99  ILE A CG2 1 
ATOM   593  C  CD1 . ILE A 1 84 ? 13.906  17.026  10.816  1.00 15.48 ? 99  ILE A CD1 1 
ATOM   594  N  N   . TYR A 1 85 ? 17.925  14.047  8.580   1.00 16.41 ? 100 TYR A N   1 
ATOM   595  C  CA  . TYR A 1 85 ? 18.414  13.113  7.566   1.00 16.61 ? 100 TYR A CA  1 
ATOM   596  C  C   . TYR A 1 85 ? 19.353  12.070  8.186   1.00 16.84 ? 100 TYR A C   1 
ATOM   597  O  O   . TYR A 1 85 ? 19.205  10.859  7.950   1.00 16.91 ? 100 TYR A O   1 
ATOM   598  C  CB  . TYR A 1 85 ? 19.175  13.854  6.451   1.00 16.89 ? 100 TYR A CB  1 
ATOM   599  C  CG  . TYR A 1 85 ? 18.335  14.295  5.269   1.00 17.13 ? 100 TYR A CG  1 
ATOM   600  C  CD1 . TYR A 1 85 ? 17.578  13.372  4.554   1.00 17.03 ? 100 TYR A CD1 1 
ATOM   601  C  CD2 . TYR A 1 85 ? 18.297  15.635  4.861   1.00 17.45 ? 100 TYR A CD2 1 
ATOM   602  C  CE1 . TYR A 1 85 ? 16.803  13.756  3.478   1.00 17.40 ? 100 TYR A CE1 1 
ATOM   603  C  CE2 . TYR A 1 85 ? 17.519  16.030  3.777   1.00 17.27 ? 100 TYR A CE2 1 
ATOM   604  C  CZ  . TYR A 1 85 ? 16.769  15.078  3.093   1.00 17.40 ? 100 TYR A CZ  1 
ATOM   605  O  OH  . TYR A 1 85 ? 15.961  15.425  2.037   1.00 18.02 ? 100 TYR A OH  1 
ATOM   606  N  N   . THR A 1 86 ? 20.314  12.530  8.988   1.00 16.93 ? 101 THR A N   1 
ATOM   607  C  CA  . THR A 1 86 ? 21.272  11.601  9.595   1.00 16.69 ? 101 THR A CA  1 
ATOM   608  C  C   . THR A 1 86 ? 20.598  10.555  10.469  1.00 16.55 ? 101 THR A C   1 
ATOM   609  O  O   . THR A 1 86 ? 21.007  9.424   10.478  1.00 16.71 ? 101 THR A O   1 
ATOM   610  C  CB  . THR A 1 86 ? 22.381  12.304  10.432  1.00 17.11 ? 101 THR A CB  1 
ATOM   611  O  OG1 . THR A 1 86 ? 21.829  12.839  11.644  1.00 17.62 ? 101 THR A OG1 1 
ATOM   612  C  CG2 . THR A 1 86 ? 23.035  13.422  9.621   1.00 17.25 ? 101 THR A CG2 1 
ATOM   613  N  N   . MET A 1 87 ? 19.557  10.945  11.191  1.00 16.24 ? 102 MET A N   1 
ATOM   614  C  CA  . MET A 1 87 ? 18.846  9.997   12.037  1.00 15.72 ? 102 MET A CA  1 
ATOM   615  C  C   . MET A 1 87 ? 17.985  9.060   11.199  1.00 15.32 ? 102 MET A C   1 
ATOM   616  O  O   . MET A 1 87 ? 17.786  7.922   11.549  1.00 15.21 ? 102 MET A O   1 
ATOM   617  C  CB  . MET A 1 87 ? 17.972  10.734  13.062  1.00 16.27 ? 102 MET A CB  1 
ATOM   618  C  CG  . MET A 1 87 ? 18.746  11.731  13.910  1.00 16.79 ? 102 MET A CG  1 
ATOM   619  S  SD  . MET A 1 87 ? 17.852  12.326  15.341  1.00 17.72 ? 102 MET A SD  1 
ATOM   620  C  CE  . MET A 1 87 ? 16.906  13.637  14.669  1.00 17.73 ? 102 MET A CE  1 
ATOM   621  N  N   . ILE A 1 88 ? 17.464  9.558   10.085  1.00 15.20 ? 103 ILE A N   1 
ATOM   622  C  CA  . ILE A 1 88 ? 16.662  8.702   9.223   1.00 14.86 ? 103 ILE A CA  1 
ATOM   623  C  C   . ILE A 1 88 ? 17.597  7.677   8.588   1.00 15.28 ? 103 ILE A C   1 
ATOM   624  O  O   . ILE A 1 88 ? 17.304  6.503   8.538   1.00 14.47 ? 103 ILE A O   1 
ATOM   625  C  CB  . ILE A 1 88 ? 15.986  9.507   8.089   1.00 15.36 ? 103 ILE A CB  1 
ATOM   626  C  CG1 . ILE A 1 88 ? 14.970  10.472  8.687   1.00 15.14 ? 103 ILE A CG1 1 
ATOM   627  C  CG2 . ILE A 1 88 ? 15.332  8.580   7.087   1.00 15.12 ? 103 ILE A CG2 1 
ATOM   628  C  CD1 . ILE A 1 88 ? 14.398  11.427  7.680   1.00 15.93 ? 103 ILE A CD1 1 
ATOM   629  N  N   . TYR A 1 89 ? 18.740  8.162   8.115   1.00 15.54 ? 104 TYR A N   1 
ATOM   630  C  CA  . TYR A 1 89 ? 19.712  7.301   7.450   1.00 16.10 ? 104 TYR A CA  1 
ATOM   631  C  C   . TYR A 1 89 ? 20.240  6.112   8.213   1.00 16.10 ? 104 TYR A C   1 
ATOM   632  O  O   . TYR A 1 89 ? 20.598  5.102   7.599   1.00 16.46 ? 104 TYR A O   1 
ATOM   633  C  CB  . TYR A 1 89 ? 20.901  8.102   6.948   1.00 16.18 ? 104 TYR A CB  1 
ATOM   634  C  CG  . TYR A 1 89 ? 20.583  8.963   5.767   1.00 17.10 ? 104 TYR A CG  1 
ATOM   635  C  CD1 . TYR A 1 89 ? 19.497  8.676   4.952   1.00 17.89 ? 104 TYR A CD1 1 
ATOM   636  C  CD2 . TYR A 1 89 ? 21.350  10.088  5.476   1.00 17.34 ? 104 TYR A CD2 1 
ATOM   637  C  CE1 . TYR A 1 89 ? 19.164  9.482   3.873   1.00 17.81 ? 104 TYR A CE1 1 
ATOM   638  C  CE2 . TYR A 1 89 ? 21.035  10.907  4.403   1.00 17.89 ? 104 TYR A CE2 1 
ATOM   639  C  CZ  . TYR A 1 89 ? 19.932  10.601  3.600   1.00 18.25 ? 104 TYR A CZ  1 
ATOM   640  O  OH  . TYR A 1 89 ? 19.611  11.423  2.537   1.00 18.31 ? 104 TYR A OH  1 
ATOM   641  N  N   . ARG A 1 90 ? 20.294  6.203   9.536   1.00 16.47 ? 105 ARG A N   1 
ATOM   642  C  CA  . ARG A 1 90 ? 20.776  5.047   10.276  1.00 16.70 ? 105 ARG A CA  1 
ATOM   643  C  C   . ARG A 1 90 ? 19.806  3.894   10.221  1.00 16.30 ? 105 ARG A C   1 
ATOM   644  O  O   . ARG A 1 90 ? 20.170  2.771   10.505  1.00 15.99 ? 105 ARG A O   1 
ATOM   645  C  CB  . ARG A 1 90 ? 21.053  5.333   11.752  1.00 18.22 ? 105 ARG A CB  1 
ATOM   646  C  CG  . ARG A 1 90 ? 21.770  4.148   12.342  1.00 20.77 ? 105 ARG A CG  1 
ATOM   647  C  CD  . ARG A 1 90 ? 22.288  4.498   13.735  1.00 22.48 ? 105 ARG A CD  1 
ATOM   648  N  NE  . ARG A 1 90 ? 21.343  4.366   14.840  1.00 24.62 ? 105 ARG A NE  1 
ATOM   649  C  CZ  . ARG A 1 90 ? 20.971  3.138   15.237  1.00 25.11 ? 105 ARG A CZ  1 
ATOM   650  N  NH1 . ARG A 1 90 ? 21.460  2.016   14.580  1.00 25.56 ? 105 ARG A NH1 1 
ATOM   651  N  NH2 . ARG A 1 90 ? 20.217  2.994   16.349  1.00 25.86 ? 105 ARG A NH2 1 
ATOM   652  N  N   . ASN A 1 91 ? 18.570  4.196   9.848   1.00 15.25 ? 106 ASN A N   1 
ATOM   653  C  CA  . ASN A 1 91 ? 17.518  3.188   9.788   1.00 15.24 ? 106 ASN A CA  1 
ATOM   654  C  C   . ASN A 1 91 ? 17.151  2.637   8.407   1.00 15.18 ? 106 ASN A C   1 
ATOM   655  O  O   . ASN A 1 91 ? 16.044  2.083   8.206   1.00 14.65 ? 106 ASN A O   1 
ATOM   656  C  CB  . ASN A 1 91 ? 16.255  3.744   10.443  1.00 14.76 ? 106 ASN A CB  1 
ATOM   657  C  CG  . ASN A 1 91 ? 16.482  4.129   11.875  1.00 14.95 ? 106 ASN A CG  1 
ATOM   658  O  OD1 . ASN A 1 91 ? 16.672  3.269   12.734  1.00 15.20 ? 106 ASN A OD1 1 
ATOM   659  N  ND2 . ASN A 1 91 ? 16.505  5.433   12.141  1.00 15.19 ? 106 ASN A ND2 1 
ATOM   660  N  N   . LEU A 1 92 ? 18.066  2.785   7.461   1.00 15.26 ? 107 LEU A N   1 
ATOM   661  C  CA  . LEU A 1 92 ? 17.855  2.306   6.116   1.00 15.92 ? 107 LEU A CA  1 
ATOM   662  C  C   . LEU A 1 92 ? 19.185  2.037   5.421   1.00 16.57 ? 107 LEU A C   1 
ATOM   663  O  O   . LEU A 1 92 ? 20.283  2.279   5.957   1.00 16.51 ? 107 LEU A O   1 
ATOM   664  C  CB  . LEU A 1 92 ? 17.051  3.328   5.317   1.00 15.35 ? 107 LEU A CB  1 
ATOM   665  C  CG  . LEU A 1 92 ? 17.608  4.747   5.150   1.00 15.31 ? 107 LEU A CG  1 
ATOM   666  C  CD1 . LEU A 1 92 ? 18.752  4.730   4.138   1.00 14.89 ? 107 LEU A CD1 1 
ATOM   667  C  CD2 . LEU A 1 92 ? 16.498  5.676   4.685   1.00 15.04 ? 107 LEU A CD2 1 
ATOM   668  N  N   . VAL A 1 93 ? 19.078  1.474   4.230   1.00 17.69 ? 108 VAL A N   1 
ATOM   669  C  CA  . VAL A 1 93 ? 20.238  1.181   3.404   1.00 19.19 ? 108 VAL A CA  1 
ATOM   670  C  C   . VAL A 1 93 ? 19.863  1.663   2.001   1.00 19.43 ? 108 VAL A C   1 
ATOM   671  O  O   . VAL A 1 93 ? 18.714  1.609   1.598   1.00 19.50 ? 108 VAL A O   1 
ATOM   672  C  CB  . VAL A 1 93 ? 20.580  -0.338  3.386   1.00 18.89 ? 108 VAL A CB  1 
ATOM   673  C  CG1 . VAL A 1 93 ? 20.912  -0.800  4.817   1.00 19.19 ? 108 VAL A CG1 1 
ATOM   674  C  CG2 . VAL A 1 93 ? 19.401  -1.163  2.834   1.00 18.95 ? 108 VAL A CG2 1 
ATOM   675  N  N   . VAL A 1 94 ? 20.835  2.157   1.254   1.00 20.55 ? 109 VAL A N   1 
ATOM   676  C  CA  . VAL A 1 94 ? 20.531  2.660   -0.074  1.00 22.34 ? 109 VAL A CA  1 
ATOM   677  C  C   . VAL A 1 94 ? 20.362  1.513   -1.066  1.00 22.75 ? 109 VAL A C   1 
ATOM   678  O  O   . VAL A 1 94 ? 20.901  0.432   -0.881  1.00 22.86 ? 109 VAL A O   1 
ATOM   679  C  CB  . VAL A 1 94 ? 21.604  3.673   -0.519  1.00 22.00 ? 109 VAL A CB  1 
ATOM   680  C  CG1 . VAL A 1 94 ? 21.294  4.183   -1.897  1.00 22.23 ? 109 VAL A CG1 1 
ATOM   681  C  CG2 . VAL A 1 94 ? 21.621  4.840   0.474   1.00 21.96 ? 109 VAL A CG2 1 
ATOM   682  N  N   . VAL A 1 95 ? 19.566  1.738   -2.100  1.00 23.83 ? 110 VAL A N   1 
ATOM   683  C  CA  . VAL A 1 95 ? 19.318  0.695   -3.092  1.00 25.31 ? 110 VAL A CA  1 
ATOM   684  C  C   . VAL A 1 95 ? 20.330  0.820   -4.210  1.00 25.85 ? 110 VAL A C   1 
ATOM   685  O  O   . VAL A 1 95 ? 20.310  1.760   -4.987  1.00 26.29 ? 110 VAL A O   1 
ATOM   686  C  CB  . VAL A 1 95 ? 17.883  0.766   -3.657  1.00 24.76 ? 110 VAL A CB  1 
ATOM   687  C  CG1 . VAL A 1 95 ? 17.693  -0.277  -4.745  1.00 24.85 ? 110 VAL A CG1 1 
ATOM   688  C  CG2 . VAL A 1 95 ? 16.890  0.492   -2.536  1.00 24.77 ? 110 VAL A CG2 1 
ATOM   689  N  N   . ASN A 1 96 ? 21.219  -0.158  -4.276  1.00 27.54 ? 111 ASN A N   1 
ATOM   690  C  CA  . ASN A 1 96 ? 22.283  -0.151  -5.271  1.00 28.89 ? 111 ASN A CA  1 
ATOM   691  C  C   . ASN A 1 96 ? 21.765  -0.711  -6.585  1.00 29.22 ? 111 ASN A C   1 
ATOM   692  O  O   . ASN A 1 96 ? 21.153  -1.794  -6.586  1.00 29.60 ? 111 ASN A O   1 
ATOM   693  C  CB  . ASN A 1 96 ? 23.458  -0.986  -4.754  1.00 29.64 ? 111 ASN A CB  1 
ATOM   694  C  CG  . ASN A 1 96 ? 23.996  -0.480  -3.419  1.00 30.41 ? 111 ASN A CG  1 
ATOM   695  O  OD1 . ASN A 1 96 ? 25.017  0.214   -3.361  1.00 30.79 ? 111 ASN A OD1 1 
ATOM   696  N  ND2 . ASN A 1 96 ? 23.296  -0.820  -2.333  1.00 30.91 ? 111 ASN A ND2 1 
ATOM   697  O  OXT . ASN A 1 96 ? 21.958  -0.062  -7.626  1.00 30.02 ? 111 ASN A OXT 1 
ATOM   698  N  N   . SER B 1 2  ? -1.954  7.855   -16.973 1.00 29.01 ? 17  SER B N   1 
ATOM   699  C  CA  . SER B 1 2  ? -2.836  6.714   -16.607 1.00 29.01 ? 17  SER B CA  1 
ATOM   700  C  C   . SER B 1 2  ? -2.010  5.576   -16.019 1.00 28.56 ? 17  SER B C   1 
ATOM   701  O  O   . SER B 1 2  ? -0.966  5.154   -16.591 1.00 28.56 ? 17  SER B O   1 
ATOM   702  C  CB  . SER B 1 2  ? -3.576  6.218   -17.834 1.00 29.32 ? 17  SER B CB  1 
ATOM   703  O  OG  . SER B 1 2  ? -3.157  6.908   -19.000 1.00 30.68 ? 17  SER B OG  1 
ATOM   704  N  N   . GLN B 1 3  ? -2.471  5.104   -14.868 1.00 28.08 ? 18  GLN B N   1 
ATOM   705  C  CA  . GLN B 1 3  ? -1.849  4.023   -14.128 1.00 27.48 ? 18  GLN B CA  1 
ATOM   706  C  C   . GLN B 1 3  ? -1.980  2.703   -14.854 1.00 27.21 ? 18  GLN B C   1 
ATOM   707  O  O   . GLN B 1 3  ? -1.159  1.830   -14.666 1.00 27.05 ? 18  GLN B O   1 
ATOM   708  C  CB  . GLN B 1 3  ? -2.513  3.877   -12.770 1.00 27.94 ? 18  GLN B CB  1 
ATOM   709  C  CG  . GLN B 1 3  ? -2.373  5.065   -11.863 1.00 28.45 ? 18  GLN B CG  1 
ATOM   710  C  CD  . GLN B 1 3  ? -3.104  4.903   -10.560 1.00 29.05 ? 18  GLN B CD  1 
ATOM   711  O  OE1 . GLN B 1 3  ? -3.017  5.759   -9.685  1.00 29.81 ? 18  GLN B OE1 1 
ATOM   712  N  NE2 . GLN B 1 3  ? -3.838  3.820   -10.426 1.00 28.82 ? 18  GLN B NE2 1 
ATOM   713  N  N   . ILE B 1 4  ? -3.005  2.579   -15.697 1.00 26.56 ? 19  ILE B N   1 
ATOM   714  C  CA  . ILE B 1 4  ? -3.228  1.334   -16.421 1.00 26.12 ? 19  ILE B CA  1 
ATOM   715  C  C   . ILE B 1 4  ? -3.282  1.557   -17.939 1.00 25.71 ? 19  ILE B C   1 
ATOM   716  O  O   . ILE B 1 4  ? -4.141  2.250   -18.422 1.00 25.94 ? 19  ILE B O   1 
ATOM   717  C  CB  . ILE B 1 4  ? -4.521  0.627   -15.916 1.00 26.33 ? 19  ILE B CB  1 
ATOM   718  C  CG1 . ILE B 1 4  ? -4.616  0.704   -14.374 1.00 26.27 ? 19  ILE B CG1 1 
ATOM   719  C  CG2 . ILE B 1 4  ? -4.453  -0.803  -16.310 1.00 26.24 ? 19  ILE B CG2 1 
ATOM   720  C  CD1 . ILE B 1 4  ? -3.445  0.034   -13.632 1.00 26.68 ? 19  ILE B CD1 1 
ATOM   721  N  N   . PRO B 1 5  ? -2.347  0.947   -18.693 1.00 25.51 ? 20  PRO B N   1 
ATOM   722  C  CA  . PRO B 1 5  ? -2.257  1.056   -20.154 1.00 24.89 ? 20  PRO B CA  1 
ATOM   723  C  C   . PRO B 1 5  ? -3.276  0.151   -20.824 1.00 24.64 ? 20  PRO B C   1 
ATOM   724  O  O   . PRO B 1 5  ? -3.561  -0.960  -20.338 1.00 24.74 ? 20  PRO B O   1 
ATOM   725  C  CB  . PRO B 1 5  ? -0.838  0.574   -20.475 1.00 25.01 ? 20  PRO B CB  1 
ATOM   726  C  CG  . PRO B 1 5  ? -0.118  0.453   -19.090 1.00 25.21 ? 20  PRO B CG  1 
ATOM   727  C  CD  . PRO B 1 5  ? -1.288  0.066   -18.189 1.00 25.26 ? 20  PRO B CD  1 
ATOM   728  N  N   . ALA B 1 6  ? -3.812  0.627   -21.938 1.00 24.36 ? 21  ALA B N   1 
ATOM   729  C  CA  . ALA B 1 6  ? -4.801  -0.125  -22.709 1.00 23.94 ? 21  ALA B CA  1 
ATOM   730  C  C   . ALA B 1 6  ? -4.473  -1.603  -22.671 1.00 23.79 ? 21  ALA B C   1 
ATOM   731  O  O   . ALA B 1 6  ? -5.229  -2.391  -22.147 1.00 24.08 ? 21  ALA B O   1 
ATOM   732  C  CB  . ALA B 1 6  ? -4.846  0.377   -24.169 1.00 24.16 ? 21  ALA B CB  1 
ATOM   733  N  N   . SER B 1 7  ? -3.310  -1.952  -23.209 1.00 23.53 ? 22  SER B N   1 
ATOM   734  C  CA  . SER B 1 7  ? -2.862  -3.345  -23.257 1.00 23.30 ? 22  SER B CA  1 
ATOM   735  C  C   . SER B 1 7  ? -3.101  -4.213  -22.041 1.00 22.71 ? 22  SER B C   1 
ATOM   736  O  O   . SER B 1 7  ? -3.524  -5.362  -22.172 1.00 23.08 ? 22  SER B O   1 
ATOM   737  C  CB  . SER B 1 7  ? -1.381  -3.420  -23.557 1.00 23.36 ? 22  SER B CB  1 
ATOM   738  O  OG  . SER B 1 7  ? -1.149  -3.299  -24.936 1.00 24.17 ? 22  SER B OG  1 
ATOM   739  N  N   . GLU B 1 8  ? -2.817  -3.674  -20.863 1.00 22.38 ? 23  GLU B N   1 
ATOM   740  C  CA  . GLU B 1 8  ? -2.993  -4.438  -19.632 1.00 21.74 ? 23  GLU B CA  1 
ATOM   741  C  C   . GLU B 1 8  ? -4.430  -4.812  -19.306 1.00 21.63 ? 23  GLU B C   1 
ATOM   742  O  O   . GLU B 1 8  ? -4.673  -5.841  -18.720 1.00 21.28 ? 23  GLU B O   1 
ATOM   743  C  CB  . GLU B 1 8  ? -2.406  -3.698  -18.429 1.00 21.26 ? 23  GLU B CB  1 
ATOM   744  C  CG  . GLU B 1 8  ? -2.009  -4.616  -17.286 1.00 20.83 ? 23  GLU B CG  1 
ATOM   745  C  CD  . GLU B 1 8  ? -1.345  -3.858  -16.163 1.00 20.56 ? 23  GLU B CD  1 
ATOM   746  O  OE1 . GLU B 1 8  ? -1.105  -2.650  -16.331 1.00 20.37 ? 23  GLU B OE1 1 
ATOM   747  O  OE2 . GLU B 1 8  ? -1.057  -4.472  -15.121 1.00 20.32 ? 23  GLU B OE2 1 
ATOM   748  N  N   . GLN B 1 9  ? -5.381  -3.961  -19.665 1.00 22.10 ? 24  GLN B N   1 
ATOM   749  C  CA  . GLN B 1 9  ? -6.779  -4.275  -19.361 1.00 22.15 ? 24  GLN B CA  1 
ATOM   750  C  C   . GLN B 1 9  ? -7.292  -5.452  -20.177 1.00 21.94 ? 24  GLN B C   1 
ATOM   751  O  O   . GLN B 1 9  ? -8.151  -6.211  -19.745 1.00 21.79 ? 24  GLN B O   1 
ATOM   752  C  CB  . GLN B 1 9  ? -7.666  -3.057  -19.622 1.00 23.33 ? 24  GLN B CB  1 
ATOM   753  C  CG  . GLN B 1 9  ? -7.456  -1.872  -18.682 1.00 24.72 ? 24  GLN B CG  1 
ATOM   754  C  CD  . GLN B 1 9  ? -8.354  -0.676  -19.020 1.00 25.54 ? 24  GLN B CD  1 
ATOM   755  O  OE1 . GLN B 1 9  ? -9.573  -0.763  -18.970 1.00 26.32 ? 24  GLN B OE1 1 
ATOM   756  N  NE2 . GLN B 1 9  ? -7.731  0.450   -19.372 1.00 26.26 ? 24  GLN B NE2 1 
ATOM   757  N  N   . GLU B 1 10 ? -6.739  -5.578  -21.373 1.00 21.83 ? 25  GLU B N   1 
ATOM   758  C  CA  . GLU B 1 10 ? -7.113  -6.641  -22.276 1.00 21.64 ? 25  GLU B CA  1 
ATOM   759  C  C   . GLU B 1 10 ? -6.304  -7.915  -21.957 1.00 21.16 ? 25  GLU B C   1 
ATOM   760  O  O   . GLU B 1 10 ? -6.407  -8.894  -22.647 1.00 21.10 ? 25  GLU B O   1 
ATOM   761  C  CB  . GLU B 1 10 ? -6.871  -6.189  -23.723 1.00 22.36 ? 25  GLU B CB  1 
ATOM   762  C  CG  . GLU B 1 10 ? -7.569  -4.889  -24.104 1.00 23.47 ? 25  GLU B CG  1 
ATOM   763  C  CD  . GLU B 1 10 ? -9.004  -4.840  -23.615 1.00 24.00 ? 25  GLU B CD  1 
ATOM   764  O  OE1 . GLU B 1 10 ? -9.669  -5.888  -23.687 1.00 24.84 ? 25  GLU B OE1 1 
ATOM   765  O  OE2 . GLU B 1 10 ? -9.478  -3.774  -23.174 1.00 24.50 ? 25  GLU B OE2 1 
ATOM   766  N  N   . THR B 1 11 ? -5.499  -7.875  -20.898 1.00 20.57 ? 26  THR B N   1 
ATOM   767  C  CA  . THR B 1 11 ? -4.689  -9.028  -20.510 1.00 20.15 ? 26  THR B CA  1 
ATOM   768  C  C   . THR B 1 11 ? -5.563  -10.228 -20.108 1.00 19.84 ? 26  THR B C   1 
ATOM   769  O  O   . THR B 1 11 ? -6.481  -10.109 -19.337 1.00 19.55 ? 26  THR B O   1 
ATOM   770  C  CB  . THR B 1 11 ? -3.772  -8.687  -19.319 1.00 20.07 ? 26  THR B CB  1 
ATOM   771  O  OG1 . THR B 1 11 ? -2.860  -7.653  -19.694 1.00 19.88 ? 26  THR B OG1 1 
ATOM   772  C  CG2 . THR B 1 11 ? -2.965  -9.906  -18.880 1.00 19.88 ? 26  THR B CG2 1 
ATOM   773  N  N   . LEU B 1 12 ? -5.257  -11.395 -20.648 1.00 19.72 ? 27  LEU B N   1 
ATOM   774  C  CA  . LEU B 1 12 ? -6.011  -12.603 -20.307 1.00 19.88 ? 27  LEU B CA  1 
ATOM   775  C  C   . LEU B 1 12 ? -5.466  -13.293 -19.066 1.00 19.50 ? 27  LEU B C   1 
ATOM   776  O  O   . LEU B 1 12 ? -4.280  -13.506 -18.966 1.00 19.41 ? 27  LEU B O   1 
ATOM   777  C  CB  . LEU B 1 12 ? -5.995  -13.575 -21.486 1.00 20.64 ? 27  LEU B CB  1 
ATOM   778  C  CG  . LEU B 1 12 ? -7.031  -13.209 -22.539 1.00 21.07 ? 27  LEU B CG  1 
ATOM   779  C  CD1 . LEU B 1 12 ? -6.630  -13.756 -23.904 1.00 21.56 ? 27  LEU B CD1 1 
ATOM   780  C  CD2 . LEU B 1 12 ? -8.366  -13.771 -22.081 1.00 21.87 ? 27  LEU B CD2 1 
ATOM   781  N  N   . VAL B 1 13 ? -6.359  -13.675 -18.155 1.00 19.10 ? 28  VAL B N   1 
ATOM   782  C  CA  . VAL B 1 13 ? -5.961  -14.329 -16.922 1.00 19.23 ? 28  VAL B CA  1 
ATOM   783  C  C   . VAL B 1 13 ? -6.870  -15.488 -16.552 1.00 19.31 ? 28  VAL B C   1 
ATOM   784  O  O   . VAL B 1 13 ? -7.989  -15.593 -17.030 1.00 19.19 ? 28  VAL B O   1 
ATOM   785  C  CB  . VAL B 1 13 ? -5.973  -13.338 -15.733 1.00 18.69 ? 28  VAL B CB  1 
ATOM   786  C  CG1 . VAL B 1 13 ? -5.060  -12.160 -16.015 1.00 18.35 ? 28  VAL B CG1 1 
ATOM   787  C  CG2 . VAL B 1 13 ? -7.389  -12.826 -15.508 1.00 18.63 ? 28  VAL B CG2 1 
ATOM   788  N  N   . ARG B 1 14 ? -6.364  -16.356 -15.683 1.00 19.71 ? 29  ARG B N   1 
ATOM   789  C  CA  . ARG B 1 14 ? -7.107  -17.519 -15.199 1.00 20.82 ? 29  ARG B CA  1 
ATOM   790  C  C   . ARG B 1 14 ? -7.140  -17.376 -13.685 1.00 20.54 ? 29  ARG B C   1 
ATOM   791  O  O   . ARG B 1 14 ? -6.116  -17.401 -13.045 1.00 20.68 ? 29  ARG B O   1 
ATOM   792  C  CB  . ARG B 1 14 ? -6.389  -18.811 -15.584 1.00 21.67 ? 29  ARG B CB  1 
ATOM   793  C  CG  . ARG B 1 14 ? -6.483  -19.197 -17.058 1.00 23.69 ? 29  ARG B CG  1 
ATOM   794  C  CD  . ARG B 1 14 ? -5.495  -20.321 -17.438 1.00 25.01 ? 29  ARG B CD  1 
ATOM   795  N  NE  . ARG B 1 14 ? -5.315  -20.358 -18.885 1.00 26.61 ? 29  ARG B NE  1 
ATOM   796  C  CZ  . ARG B 1 14 ? -6.195  -20.821 -19.759 1.00 26.85 ? 29  ARG B CZ  1 
ATOM   797  N  NH1 . ARG B 1 14 ? -7.344  -21.331 -19.360 1.00 27.67 ? 29  ARG B NH1 1 
ATOM   798  N  NH2 . ARG B 1 14 ? -5.943  -20.690 -21.044 1.00 27.37 ? 29  ARG B NH2 1 
ATOM   799  N  N   . PRO B 1 15 ? -8.331  -17.229 -13.102 1.00 19.97 ? 30  PRO B N   1 
ATOM   800  C  CA  . PRO B 1 15 ? -8.453  -17.068 -11.659 1.00 20.30 ? 30  PRO B CA  1 
ATOM   801  C  C   . PRO B 1 15 ? -7.994  -18.235 -10.815 1.00 19.67 ? 30  PRO B C   1 
ATOM   802  O  O   . PRO B 1 15 ? -8.111  -19.355 -11.201 1.00 19.81 ? 30  PRO B O   1 
ATOM   803  C  CB  . PRO B 1 15 ? -9.951  -16.807 -11.474 1.00 20.16 ? 30  PRO B CB  1 
ATOM   804  C  CG  . PRO B 1 15 ? -10.349 -16.136 -12.757 1.00 20.33 ? 30  PRO B CG  1 
ATOM   805  C  CD  . PRO B 1 15 ? -9.654  -17.102 -13.730 1.00 20.57 ? 30  PRO B CD  1 
ATOM   806  N  N   . LYS B 1 16 ? -7.453  -17.936 -9.642  1.00 19.10 ? 31  LYS B N   1 
ATOM   807  C  CA  . LYS B 1 16 ? -7.069  -18.988 -8.704  1.00 19.10 ? 31  LYS B CA  1 
ATOM   808  C  C   . LYS B 1 16 ? -8.382  -19.345 -8.007  1.00 18.91 ? 31  LYS B C   1 
ATOM   809  O  O   . LYS B 1 16 ? -9.326  -18.594 -8.086  1.00 18.74 ? 31  LYS B O   1 
ATOM   810  C  CB  . LYS B 1 16 ? -6.050  -18.485 -7.688  1.00 19.11 ? 31  LYS B CB  1 
ATOM   811  C  CG  . LYS B 1 16 ? -4.690  -18.234 -8.303  1.00 19.23 ? 31  LYS B CG  1 
ATOM   812  C  CD  . LYS B 1 16 ? -3.646  -17.872 -7.263  1.00 19.95 ? 31  LYS B CD  1 
ATOM   813  C  CE  . LYS B 1 16 ? -2.276  -17.885 -7.872  1.00 20.74 ? 31  LYS B CE  1 
ATOM   814  N  NZ  . LYS B 1 16 ? -1.213  -17.601 -6.861  1.00 21.76 ? 31  LYS B NZ  1 
ATOM   815  N  N   . PRO B 1 17 ? -8.442  -20.491 -7.310  1.00 18.70 ? 32  PRO B N   1 
ATOM   816  C  CA  . PRO B 1 17 ? -9.615  -20.995 -6.597  1.00 18.33 ? 32  PRO B CA  1 
ATOM   817  C  C   . PRO B 1 17 ? -10.466 -19.973 -5.864  1.00 18.45 ? 32  PRO B C   1 
ATOM   818  O  O   . PRO B 1 17 ? -11.657 -19.873 -6.102  1.00 18.18 ? 32  PRO B O   1 
ATOM   819  C  CB  . PRO B 1 17 ? -9.013  -22.050 -5.660  1.00 18.58 ? 32  PRO B CB  1 
ATOM   820  C  CG  . PRO B 1 17 ? -7.929  -22.621 -6.479  1.00 18.28 ? 32  PRO B CG  1 
ATOM   821  C  CD  . PRO B 1 17 ? -7.274  -21.322 -6.973  1.00 18.55 ? 32  PRO B CD  1 
ATOM   822  N  N   . LEU B 1 18 ? -9.849  -19.194 -4.988  1.00 18.72 ? 33  LEU B N   1 
ATOM   823  C  CA  . LEU B 1 18 ? -10.621 -18.219 -4.233  1.00 18.70 ? 33  LEU B CA  1 
ATOM   824  C  C   . LEU B 1 18 ? -11.300 -17.157 -5.087  1.00 18.56 ? 33  LEU B C   1 
ATOM   825  O  O   . LEU B 1 18 ? -12.396 -16.661 -4.751  1.00 18.31 ? 33  LEU B O   1 
ATOM   826  C  CB  . LEU B 1 18 ? -9.741  -17.535 -3.184  1.00 19.28 ? 33  LEU B CB  1 
ATOM   827  C  CG  . LEU B 1 18 ? -10.515 -16.960 -1.989  1.00 19.80 ? 33  LEU B CG  1 
ATOM   828  C  CD1 . LEU B 1 18 ? -11.173 -18.072 -1.170  1.00 20.29 ? 33  LEU B CD1 1 
ATOM   829  C  CD2 . LEU B 1 18 ? -9.569  -16.185 -1.098  1.00 20.39 ? 33  LEU B CD2 1 
ATOM   830  N  N   . LEU B 1 19 ? -10.642 -16.771 -6.167  1.00 18.23 ? 34  LEU B N   1 
ATOM   831  C  CA  . LEU B 1 19 ? -11.203 -15.772 -7.049  1.00 18.49 ? 34  LEU B CA  1 
ATOM   832  C  C   . LEU B 1 19 ? -12.277 -16.417 -7.906  1.00 18.61 ? 34  LEU B C   1 
ATOM   833  O  O   . LEU B 1 19 ? -13.244 -15.777 -8.260  1.00 18.49 ? 34  LEU B O   1 
ATOM   834  C  CB  . LEU B 1 19 ? -10.120 -15.157 -7.933  1.00 18.11 ? 34  LEU B CB  1 
ATOM   835  C  CG  . LEU B 1 19 ? -10.598 -14.083 -8.906  1.00 18.13 ? 34  LEU B CG  1 
ATOM   836  C  CD1 . LEU B 1 19 ? -11.432 -13.049 -8.158  1.00 18.05 ? 34  LEU B CD1 1 
ATOM   837  C  CD2 . LEU B 1 19 ? -9.390  -13.444 -9.589  1.00 17.52 ? 34  LEU B CD2 1 
ATOM   838  N  N   . LEU B 1 20 ? -12.102 -17.692 -8.241  1.00 19.61 ? 35  LEU B N   1 
ATOM   839  C  CA  . LEU B 1 20 ? -13.132 -18.359 -9.029  1.00 19.86 ? 35  LEU B CA  1 
ATOM   840  C  C   . LEU B 1 20 ? -14.433 -18.432 -8.226  1.00 20.17 ? 35  LEU B C   1 
ATOM   841  O  O   . LEU B 1 20 ? -15.519 -18.341 -8.796  1.00 19.92 ? 35  LEU B O   1 
ATOM   842  C  CB  . LEU B 1 20 ? -12.705 -19.772 -9.460  1.00 20.87 ? 35  LEU B CB  1 
ATOM   843  C  CG  . LEU B 1 20 ? -12.834 -19.978 -10.979 1.00 21.48 ? 35  LEU B CG  1 
ATOM   844  C  CD1 . LEU B 1 20 ? -13.219 -21.399 -11.284 1.00 21.89 ? 35  LEU B CD1 1 
ATOM   845  C  CD2 . LEU B 1 20 ? -13.897 -19.047 -11.528 1.00 21.92 ? 35  LEU B CD2 1 
ATOM   846  N  N   . LYS B 1 21 ? -14.319 -18.599 -6.907  1.00 20.50 ? 36  LYS B N   1 
ATOM   847  C  CA  . LYS B 1 21 ? -15.516 -18.670 -6.057  1.00 20.94 ? 36  LYS B CA  1 
ATOM   848  C  C   . LYS B 1 21 ? -16.245 -17.328 -6.046  1.00 20.83 ? 36  LYS B C   1 
ATOM   849  O  O   . LYS B 1 21 ? -17.448 -17.278 -6.059  1.00 20.95 ? 36  LYS B O   1 
ATOM   850  C  CB  . LYS B 1 21 ? -15.159 -19.087 -4.618  1.00 21.60 ? 36  LYS B CB  1 
ATOM   851  C  CG  . LYS B 1 21 ? -16.207 -18.720 -3.589  1.00 22.31 ? 36  LYS B CG  1 
ATOM   852  C  CD  . LYS B 1 21 ? -15.979 -19.477 -2.302  1.00 22.98 ? 36  LYS B CD  1 
ATOM   853  C  CE  . LYS B 1 21 ? -15.224 -18.702 -1.293  1.00 23.49 ? 36  LYS B CE  1 
ATOM   854  N  NZ  . LYS B 1 21 ? -13.758 -18.878 -1.379  1.00 24.20 ? 36  LYS B NZ  1 
ATOM   855  N  N   . LEU B 1 22 ? -15.493 -16.236 -6.045  1.00 20.86 ? 37  LEU B N   1 
ATOM   856  C  CA  . LEU B 1 22 ? -16.105 -14.911 -6.041  1.00 21.27 ? 37  LEU B CA  1 
ATOM   857  C  C   . LEU B 1 22 ? -16.836 -14.697 -7.366  1.00 21.40 ? 37  LEU B C   1 
ATOM   858  O  O   . LEU B 1 22 ? -17.969 -14.232 -7.391  1.00 21.16 ? 37  LEU B O   1 
ATOM   859  C  CB  . LEU B 1 22 ? -15.040 -13.830 -5.831  1.00 21.34 ? 37  LEU B CB  1 
ATOM   860  C  CG  . LEU B 1 22 ? -15.600 -12.424 -5.570  1.00 21.77 ? 37  LEU B CG  1 
ATOM   861  C  CD1 . LEU B 1 22 ? -14.529 -11.545 -4.871  1.00 22.22 ? 37  LEU B CD1 1 
ATOM   862  C  CD2 . LEU B 1 22 ? -16.051 -11.781 -6.890  1.00 21.87 ? 37  LEU B CD2 1 
ATOM   863  N  N   . LEU B 1 23 ? -16.169 -15.005 -8.473  1.00 21.71 ? 38  LEU B N   1 
ATOM   864  C  CA  . LEU B 1 23 ? -16.799 -14.881 -9.779  1.00 22.58 ? 38  LEU B CA  1 
ATOM   865  C  C   . LEU B 1 23 ? -18.052 -15.760 -9.865  1.00 23.26 ? 38  LEU B C   1 
ATOM   866  O  O   . LEU B 1 23 ? -19.114 -15.311 -10.319 1.00 23.51 ? 38  LEU B O   1 
ATOM   867  C  CB  . LEU B 1 23 ? -15.806 -15.297 -10.873 1.00 22.36 ? 38  LEU B CB  1 
ATOM   868  C  CG  . LEU B 1 23 ? -14.494 -14.541 -10.675 1.00 22.14 ? 38  LEU B CG  1 
ATOM   869  C  CD1 . LEU B 1 23 ? -13.450 -15.004 -11.663 1.00 22.20 ? 38  LEU B CD1 1 
ATOM   870  C  CD2 . LEU B 1 23 ? -14.758 -13.045 -10.843 1.00 22.37 ? 38  LEU B CD2 1 
ATOM   871  N  N   . LYS B 1 24 ? -17.899 -17.020 -9.456  1.00 24.02 ? 39  LYS B N   1 
ATOM   872  C  CA  . LYS B 1 24 ? -19.003 -17.998 -9.500  1.00 24.86 ? 39  LYS B CA  1 
ATOM   873  C  C   . LYS B 1 24 ? -20.250 -17.404 -8.811  1.00 25.10 ? 39  LYS B C   1 
ATOM   874  O  O   . LYS B 1 24 ? -21.379 -17.559 -9.304  1.00 25.12 ? 39  LYS B O   1 
ATOM   875  C  CB  . LYS B 1 24 ? -18.573 -19.284 -8.800  1.00 25.14 ? 39  LYS B CB  1 
ATOM   876  C  CG  . LYS B 1 24 ? -19.603 -20.428 -8.731  1.00 25.73 ? 39  LYS B CG  1 
ATOM   877  C  CD  . LYS B 1 24 ? -19.087 -21.543 -7.841  1.00 26.12 ? 39  LYS B CD  1 
ATOM   878  C  CE  . LYS B 1 24 ? -19.638 -22.916 -8.194  1.00 26.62 ? 39  LYS B CE  1 
ATOM   879  N  NZ  . LYS B 1 24 ? -21.106 -23.046 -8.017  1.00 27.21 ? 39  LYS B NZ  1 
ATOM   880  N  N   . SER B 1 25 ? -20.038 -16.659 -7.720  1.00 25.59 ? 40  SER B N   1 
ATOM   881  C  CA  . SER B 1 25 ? -21.120 -16.019 -6.949  1.00 26.04 ? 40  SER B CA  1 
ATOM   882  C  C   . SER B 1 25 ? -21.895 -14.969 -7.748  1.00 26.35 ? 40  SER B C   1 
ATOM   883  O  O   . SER B 1 25 ? -23.077 -14.747 -7.494  1.00 26.57 ? 40  SER B O   1 
ATOM   884  C  CB  . SER B 1 25 ? -20.536 -15.365 -5.678  1.00 25.91 ? 40  SER B CB  1 
ATOM   885  O  OG  . SER B 1 25 ? -19.912 -14.114 -5.947  1.00 26.27 ? 40  SER B OG  1 
ATOM   886  N  N   . VAL B 1 26 ? -21.243 -14.314 -8.703  1.00 26.57 ? 41  VAL B N   1 
ATOM   887  C  CA  . VAL B 1 26 ? -21.948 -13.298 -9.462  1.00 26.95 ? 41  VAL B CA  1 
ATOM   888  C  C   . VAL B 1 26 ? -22.267 -13.683 -10.900 1.00 27.37 ? 41  VAL B C   1 
ATOM   889  O  O   . VAL B 1 26 ? -22.506 -12.832 -11.744 1.00 27.48 ? 41  VAL B O   1 
ATOM   890  C  CB  . VAL B 1 26 ? -21.197 -11.952 -9.452  1.00 26.96 ? 41  VAL B CB  1 
ATOM   891  C  CG1 . VAL B 1 26 ? -21.285 -11.323 -8.076  1.00 27.00 ? 41  VAL B CG1 1 
ATOM   892  C  CG2 . VAL B 1 26 ? -19.728 -12.142 -9.845  1.00 27.01 ? 41  VAL B CG2 1 
ATOM   893  N  N   . GLY B 1 27 ? -22.255 -14.982 -11.172 1.00 27.74 ? 42  GLY B N   1 
ATOM   894  C  CA  . GLY B 1 27 ? -22.584 -15.448 -12.508 1.00 28.50 ? 42  GLY B CA  1 
ATOM   895  C  C   . GLY B 1 27 ? -21.451 -15.668 -13.486 1.00 28.97 ? 42  GLY B C   1 
ATOM   896  O  O   . GLY B 1 27 ? -21.680 -16.214 -14.580 1.00 29.04 ? 42  GLY B O   1 
ATOM   897  N  N   . ALA B 1 28 ? -20.238 -15.275 -13.105 1.00 29.51 ? 43  ALA B N   1 
ATOM   898  C  CA  . ALA B 1 28 ? -19.065 -15.417 -13.970 1.00 29.78 ? 43  ALA B CA  1 
ATOM   899  C  C   . ALA B 1 28 ? -18.671 -16.881 -14.029 1.00 30.25 ? 43  ALA B C   1 
ATOM   900  O  O   . ALA B 1 28 ? -17.951 -17.380 -13.136 1.00 30.30 ? 43  ALA B O   1 
ATOM   901  C  CB  . ALA B 1 28 ? -17.904 -14.598 -13.422 1.00 29.81 ? 43  ALA B CB  1 
ATOM   902  N  N   . GLN B 1 29 ? -19.127 -17.560 -15.078 1.00 30.63 ? 44  GLN B N   1 
ATOM   903  C  CA  . GLN B 1 29 ? -18.869 -18.978 -15.275 1.00 30.90 ? 44  GLN B CA  1 
ATOM   904  C  C   . GLN B 1 29 ? -17.802 -19.299 -16.311 1.00 31.19 ? 44  GLN B C   1 
ATOM   905  O  O   . GLN B 1 29 ? -17.941 -20.259 -17.039 1.00 31.44 ? 44  GLN B O   1 
ATOM   906  C  CB  . GLN B 1 29 ? -20.163 -19.680 -15.654 1.00 30.92 ? 44  GLN B CB  1 
ATOM   907  N  N   . LYS B 1 30 ? -16.764 -18.479 -16.404 1.00 31.21 ? 45  LYS B N   1 
ATOM   908  C  CA  . LYS B 1 30 ? -15.702 -18.756 -17.347 1.00 31.16 ? 45  LYS B CA  1 
ATOM   909  C  C   . LYS B 1 30 ? -14.468 -19.076 -16.514 1.00 30.94 ? 45  LYS B C   1 
ATOM   910  O  O   . LYS B 1 30 ? -14.435 -18.782 -15.323 1.00 31.08 ? 45  LYS B O   1 
ATOM   911  C  CB  . LYS B 1 30 ? -15.486 -17.541 -18.258 1.00 31.50 ? 45  LYS B CB  1 
ATOM   912  C  CG  . LYS B 1 30 ? -16.703 -17.193 -19.091 1.00 31.94 ? 45  LYS B CG  1 
ATOM   913  C  CD  . LYS B 1 30 ? -17.078 -15.715 -18.998 1.00 32.42 ? 45  LYS B CD  1 
ATOM   914  C  CE  . LYS B 1 30 ? -16.355 -14.844 -20.026 1.00 32.58 ? 45  LYS B CE  1 
ATOM   915  N  NZ  . LYS B 1 30 ? -14.864 -14.877 -19.965 1.00 32.87 ? 45  LYS B NZ  1 
ATOM   916  N  N   . ASP B 1 31 ? -13.481 -19.711 -17.119 1.00 30.91 ? 46  ASP B N   1 
ATOM   917  C  CA  . ASP B 1 31 ? -12.273 -20.033 -16.389 1.00 30.71 ? 46  ASP B CA  1 
ATOM   918  C  C   . ASP B 1 31 ? -11.199 -19.090 -16.883 1.00 29.85 ? 46  ASP B C   1 
ATOM   919  O  O   . ASP B 1 31 ? -10.114 -18.998 -16.326 1.00 29.97 ? 46  ASP B O   1 
ATOM   920  C  CB  . ASP B 1 31 ? -11.891 -21.487 -16.628 1.00 31.82 ? 46  ASP B CB  1 
ATOM   921  C  CG  . ASP B 1 31 ? -12.919 -22.439 -16.073 1.00 32.50 ? 46  ASP B CG  1 
ATOM   922  O  OD1 . ASP B 1 31 ? -13.400 -22.189 -14.942 1.00 33.29 ? 46  ASP B OD1 1 
ATOM   923  O  OD2 . ASP B 1 31 ? -13.255 -23.433 -16.749 1.00 33.31 ? 46  ASP B OD2 1 
ATOM   924  N  N   . THR B 1 32 ? -11.528 -18.373 -17.947 1.00 28.99 ? 47  THR B N   1 
ATOM   925  C  CA  . THR B 1 32 ? -10.595 -17.415 -18.504 1.00 28.01 ? 47  THR B CA  1 
ATOM   926  C  C   . THR B 1 32 ? -11.298 -16.074 -18.672 1.00 26.75 ? 47  THR B C   1 
ATOM   927  O  O   . THR B 1 32 ? -12.425 -16.022 -19.104 1.00 26.68 ? 47  THR B O   1 
ATOM   928  C  CB  . THR B 1 32 ? -10.044 -17.936 -19.835 1.00 28.56 ? 47  THR B CB  1 
ATOM   929  O  OG1 . THR B 1 32 ? -9.559  -19.275 -19.636 1.00 29.51 ? 47  THR B OG1 1 
ATOM   930  C  CG2 . THR B 1 32 ? -8.891  -17.057 -20.298 1.00 29.23 ? 47  THR B CG2 1 
ATOM   931  N  N   . TYR B 1 33 ? -10.602 -14.998 -18.322 1.00 25.08 ? 48  TYR B N   1 
ATOM   932  C  CA  . TYR B 1 33 ? -11.168 -13.673 -18.399 1.00 23.59 ? 48  TYR B CA  1 
ATOM   933  C  C   . TYR B 1 33 ? -10.123 -12.656 -18.809 1.00 22.58 ? 48  TYR B C   1 
ATOM   934  O  O   . TYR B 1 33 ? -8.922  -12.962 -18.885 1.00 22.26 ? 48  TYR B O   1 
ATOM   935  C  CB  . TYR B 1 33 ? -11.681 -13.252 -17.033 1.00 23.41 ? 48  TYR B CB  1 
ATOM   936  C  CG  . TYR B 1 33 ? -12.739 -14.140 -16.419 1.00 23.21 ? 48  TYR B CG  1 
ATOM   937  C  CD1 . TYR B 1 33 ? -12.397 -15.340 -15.805 1.00 23.27 ? 48  TYR B CD1 1 
ATOM   938  C  CD2 . TYR B 1 33 ? -14.087 -13.772 -16.449 1.00 23.20 ? 48  TYR B CD2 1 
ATOM   939  C  CE1 . TYR B 1 33 ? -13.352 -16.152 -15.242 1.00 23.44 ? 48  TYR B CE1 1 
ATOM   940  C  CE2 . TYR B 1 33 ? -15.066 -14.582 -15.886 1.00 23.37 ? 48  TYR B CE2 1 
ATOM   941  C  CZ  . TYR B 1 33 ? -14.698 -15.772 -15.289 1.00 23.34 ? 48  TYR B CZ  1 
ATOM   942  O  OH  . TYR B 1 33 ? -15.697 -16.578 -14.805 1.00 23.24 ? 48  TYR B OH  1 
ATOM   943  N  N   . THR B 1 34 ? -10.603 -11.465 -19.143 1.00 21.47 ? 49  THR B N   1 
ATOM   944  C  CA  . THR B 1 34 ? -9.711  -10.368 -19.458 1.00 20.52 ? 49  THR B CA  1 
ATOM   945  C  C   . THR B 1 34 ? -9.663  -9.612  -18.119 1.00 19.89 ? 49  THR B C   1 
ATOM   946  O  O   . THR B 1 34 ? -10.610 -9.651  -17.333 1.00 19.46 ? 49  THR B O   1 
ATOM   947  C  CB  . THR B 1 34 ? -10.266 -9.434  -20.569 1.00 20.36 ? 49  THR B CB  1 
ATOM   948  O  OG1 . THR B 1 34 ? -11.443 -8.759  -20.105 1.00 20.32 ? 49  THR B OG1 1 
ATOM   949  C  CG2 . THR B 1 34 ? -10.588 -10.246 -21.827 1.00 20.68 ? 49  THR B CG2 1 
ATOM   950  N  N   . MET B 1 35 ? -8.562  -8.923  -17.845 1.00 19.71 ? 50  MET B N   1 
ATOM   951  C  CA  . MET B 1 35 ? -8.458  -8.191  -16.580 1.00 19.50 ? 50  MET B CA  1 
ATOM   952  C  C   . MET B 1 35 ? -9.635  -7.232  -16.433 1.00 19.39 ? 50  MET B C   1 
ATOM   953  O  O   . MET B 1 35 ? -10.123 -7.025  -15.317 1.00 19.44 ? 50  MET B O   1 
ATOM   954  C  CB  . MET B 1 35 ? -7.151  -7.392  -16.505 1.00 19.44 ? 50  MET B CB  1 
ATOM   955  C  CG  . MET B 1 35 ? -5.927  -8.212  -16.065 1.00 19.30 ? 50  MET B CG  1 
ATOM   956  S  SD  . MET B 1 35 ? -6.126  -8.922  -14.396 1.00 19.32 ? 50  MET B SD  1 
ATOM   957  C  CE  . MET B 1 35 ? -5.970  -7.379  -13.279 1.00 19.02 ? 50  MET B CE  1 
ATOM   958  N  N   . LYS B 1 36 ? -10.121 -6.677  -17.546 1.00 19.58 ? 51  LYS B N   1 
ATOM   959  C  CA  . LYS B 1 36 ? -11.227 -5.735  -17.464 1.00 19.54 ? 51  LYS B CA  1 
ATOM   960  C  C   . LYS B 1 36 ? -12.521 -6.418  -17.054 1.00 18.87 ? 51  LYS B C   1 
ATOM   961  O  O   . LYS B 1 36 ? -13.368 -5.792  -16.421 1.00 18.49 ? 51  LYS B O   1 
ATOM   962  C  CB  . LYS B 1 36 ? -11.421 -4.983  -18.791 1.00 20.59 ? 51  LYS B CB  1 
ATOM   963  C  CG  . LYS B 1 36 ? -11.575 -3.471  -18.584 1.00 22.54 ? 51  LYS B CG  1 
ATOM   964  C  CD  . LYS B 1 36 ? -11.309 -3.093  -17.114 1.00 23.81 ? 51  LYS B CD  1 
ATOM   965  C  CE  . LYS B 1 36 ? -11.770 -1.686  -16.698 1.00 24.70 ? 51  LYS B CE  1 
ATOM   966  N  NZ  . LYS B 1 36 ? -13.254 -1.556  -16.450 1.00 25.63 ? 51  LYS B NZ  1 
ATOM   967  N  N   . GLU B 1 37 ? -12.685 -7.677  -17.454 1.00 18.39 ? 52  GLU B N   1 
ATOM   968  C  CA  . GLU B 1 37 ? -13.876 -8.425  -17.088 1.00 17.92 ? 52  GLU B CA  1 
ATOM   969  C  C   . GLU B 1 37 ? -13.765 -8.646  -15.584 1.00 17.27 ? 52  GLU B C   1 
ATOM   970  O  O   . GLU B 1 37 ? -14.718 -8.458  -14.845 1.00 16.74 ? 52  GLU B O   1 
ATOM   971  C  CB  . GLU B 1 37 ? -13.924 -9.776  -17.825 1.00 18.40 ? 52  GLU B CB  1 
ATOM   972  C  CG  . GLU B 1 37 ? -14.742 -9.699  -19.094 1.00 19.75 ? 52  GLU B CG  1 
ATOM   973  C  CD  . GLU B 1 37 ? -14.390 -10.765 -20.147 1.00 20.14 ? 52  GLU B CD  1 
ATOM   974  O  OE1 . GLU B 1 37 ? -13.489 -11.609 -19.933 1.00 20.19 ? 52  GLU B OE1 1 
ATOM   975  O  OE2 . GLU B 1 37 ? -15.027 -10.746 -21.222 1.00 21.19 ? 52  GLU B OE2 1 
ATOM   976  N  N   . VAL B 1 38 ? -12.590 -9.086  -15.149 1.00 16.92 ? 53  VAL B N   1 
ATOM   977  C  CA  . VAL B 1 38 ? -12.368 -9.344  -13.745 1.00 16.71 ? 53  VAL B CA  1 
ATOM   978  C  C   . VAL B 1 38 ? -12.739 -8.109  -12.934 1.00 16.95 ? 53  VAL B C   1 
ATOM   979  O  O   . VAL B 1 38 ? -13.394 -8.210  -11.903 1.00 16.73 ? 53  VAL B O   1 
ATOM   980  C  CB  . VAL B 1 38 ? -10.926 -9.704  -13.482 1.00 16.30 ? 53  VAL B CB  1 
ATOM   981  C  CG1 . VAL B 1 38 ? -10.705 -9.824  -11.977 1.00 15.97 ? 53  VAL B CG1 1 
ATOM   982  C  CG2 . VAL B 1 38 ? -10.593 -11.045 -14.136 1.00 15.90 ? 53  VAL B CG2 1 
ATOM   983  N  N   . LEU B 1 39 ? -12.311 -6.947  -13.409 1.00 17.31 ? 54  LEU B N   1 
ATOM   984  C  CA  . LEU B 1 39 ? -12.635 -5.710  -12.734 1.00 17.91 ? 54  LEU B CA  1 
ATOM   985  C  C   . LEU B 1 39 ? -14.119 -5.594  -12.605 1.00 17.85 ? 54  LEU B C   1 
ATOM   986  O  O   . LEU B 1 39 ? -14.629 -5.322  -11.523 1.00 17.96 ? 54  LEU B O   1 
ATOM   987  C  CB  . LEU B 1 39 ? -12.106 -4.529  -13.523 1.00 18.60 ? 54  LEU B CB  1 
ATOM   988  C  CG  . LEU B 1 39 ? -10.686 -4.212  -13.074 1.00 19.42 ? 54  LEU B CG  1 
ATOM   989  C  CD1 . LEU B 1 39 ? -10.093 -3.163  -13.995 1.00 20.24 ? 54  LEU B CD1 1 
ATOM   990  C  CD2 . LEU B 1 39 ? -10.701 -3.735  -11.605 1.00 19.69 ? 54  LEU B CD2 1 
ATOM   991  N  N   . PHE B 1 40 ? -14.808 -5.789  -13.727 1.00 17.74 ? 55  PHE B N   1 
ATOM   992  C  CA  . PHE B 1 40 ? -16.256 -5.695  -13.745 1.00 17.67 ? 55  PHE B CA  1 
ATOM   993  C  C   . PHE B 1 40 ? -16.905 -6.527  -12.661 1.00 17.53 ? 55  PHE B C   1 
ATOM   994  O  O   . PHE B 1 40 ? -17.520 -5.991  -11.747 1.00 17.56 ? 55  PHE B O   1 
ATOM   995  C  CB  . PHE B 1 40 ? -16.840 -6.129  -15.091 1.00 18.18 ? 55  PHE B CB  1 
ATOM   996  C  CG  . PHE B 1 40 ? -18.345 -6.078  -15.113 1.00 18.74 ? 55  PHE B CG  1 
ATOM   997  C  CD1 . PHE B 1 40 ? -19.003 -4.867  -15.141 1.00 19.00 ? 55  PHE B CD1 1 
ATOM   998  C  CD2 . PHE B 1 40 ? -19.096 -7.243  -15.051 1.00 19.14 ? 55  PHE B CD2 1 
ATOM   999  C  CE1 . PHE B 1 40 ? -20.402 -4.799  -15.056 1.00 19.32 ? 55  PHE B CE1 1 
ATOM   1000 C  CE2 . PHE B 1 40 ? -20.481 -7.201  -14.966 1.00 19.40 ? 55  PHE B CE2 1 
ATOM   1001 C  CZ  . PHE B 1 40 ? -21.143 -5.961  -14.987 1.00 19.07 ? 55  PHE B CZ  1 
ATOM   1002 N  N   . TYR B 1 41 ? -16.756 -7.845  -12.762 1.00 17.01 ? 56  TYR B N   1 
ATOM   1003 C  CA  . TYR B 1 41 ? -17.347 -8.755  -11.788 1.00 16.79 ? 56  TYR B CA  1 
ATOM   1004 C  C   . TYR B 1 41 ? -17.055 -8.375  -10.338 1.00 16.88 ? 56  TYR B C   1 
ATOM   1005 O  O   . TYR B 1 41 ? -17.939 -8.464  -9.485  1.00 16.83 ? 56  TYR B O   1 
ATOM   1006 C  CB  . TYR B 1 41 ? -16.919 -10.191 -12.083 1.00 17.18 ? 56  TYR B CB  1 
ATOM   1007 C  CG  . TYR B 1 41 ? -17.517 -10.714 -13.378 1.00 17.39 ? 56  TYR B CG  1 
ATOM   1008 C  CD1 . TYR B 1 41 ? -18.899 -10.863 -13.516 1.00 17.70 ? 56  TYR B CD1 1 
ATOM   1009 C  CD2 . TYR B 1 41 ? -16.713 -11.010 -14.478 1.00 17.17 ? 56  TYR B CD2 1 
ATOM   1010 C  CE1 . TYR B 1 41 ? -19.464 -11.294 -14.717 1.00 17.83 ? 56  TYR B CE1 1 
ATOM   1011 C  CE2 . TYR B 1 41 ? -17.267 -11.439 -15.678 1.00 17.81 ? 56  TYR B CE2 1 
ATOM   1012 C  CZ  . TYR B 1 41 ? -18.642 -11.581 -15.789 1.00 17.93 ? 56  TYR B CZ  1 
ATOM   1013 O  OH  . TYR B 1 41 ? -19.162 -12.021 -16.979 1.00 18.60 ? 56  TYR B OH  1 
ATOM   1014 N  N   . LEU B 1 42 ? -15.838 -7.937  -10.042 1.00 16.61 ? 57  LEU B N   1 
ATOM   1015 C  CA  . LEU B 1 42 ? -15.556 -7.520  -8.676  1.00 17.25 ? 57  LEU B CA  1 
ATOM   1016 C  C   . LEU B 1 42 ? -16.421 -6.335  -8.264  1.00 17.17 ? 57  LEU B C   1 
ATOM   1017 O  O   . LEU B 1 42 ? -16.865 -6.256  -7.123  1.00 17.26 ? 57  LEU B O   1 
ATOM   1018 C  CB  . LEU B 1 42 ? -14.080 -7.154  -8.513  1.00 17.19 ? 57  LEU B CB  1 
ATOM   1019 C  CG  . LEU B 1 42 ? -13.207 -8.404  -8.522  1.00 17.26 ? 57  LEU B CG  1 
ATOM   1020 C  CD1 . LEU B 1 42 ? -11.744 -8.028  -8.467  1.00 17.78 ? 57  LEU B CD1 1 
ATOM   1021 C  CD2 . LEU B 1 42 ? -13.591 -9.275  -7.334  1.00 17.50 ? 57  LEU B CD2 1 
ATOM   1022 N  N   . GLY B 1 43 ? -16.642 -5.407  -9.191  1.00 17.76 ? 58  GLY B N   1 
ATOM   1023 C  CA  . GLY B 1 43 ? -17.461 -4.246  -8.884  1.00 18.42 ? 58  GLY B CA  1 
ATOM   1024 C  C   . GLY B 1 43 ? -18.901 -4.699  -8.687  1.00 19.00 ? 58  GLY B C   1 
ATOM   1025 O  O   . GLY B 1 43 ? -19.615 -4.238  -7.798  1.00 18.88 ? 58  GLY B O   1 
ATOM   1026 N  N   . GLN B 1 44 ? -19.320 -5.634  -9.529  1.00 19.76 ? 59  GLN B N   1 
ATOM   1027 C  CA  . GLN B 1 44 ? -20.653 -6.216  -9.460  1.00 20.31 ? 59  GLN B CA  1 
ATOM   1028 C  C   . GLN B 1 44 ? -20.819 -6.840  -8.083  1.00 20.53 ? 59  GLN B C   1 
ATOM   1029 O  O   . GLN B 1 44 ? -21.860 -6.696  -7.451  1.00 20.25 ? 59  GLN B O   1 
ATOM   1030 C  CB  . GLN B 1 44 ? -20.804 -7.290  -10.549 1.00 21.05 ? 59  GLN B CB  1 
ATOM   1031 C  CG  . GLN B 1 44 ? -22.083 -8.166  -10.478 1.00 22.11 ? 59  GLN B CG  1 
ATOM   1032 C  CD  . GLN B 1 44 ? -23.391 -7.366  -10.570 1.00 22.97 ? 59  GLN B CD  1 
ATOM   1033 O  OE1 . GLN B 1 44 ? -23.852 -6.778  -9.590  1.00 24.04 ? 59  GLN B OE1 1 
ATOM   1034 N  NE2 . GLN B 1 44 ? -23.982 -7.341  -11.767 1.00 23.14 ? 59  GLN B NE2 1 
ATOM   1035 N  N   . TYR B 1 45 ? -19.787 -7.552  -7.642  1.00 20.76 ? 60  TYR B N   1 
ATOM   1036 C  CA  . TYR B 1 45 ? -19.808 -8.207  -6.342  1.00 20.93 ? 60  TYR B CA  1 
ATOM   1037 C  C   . TYR B 1 45 ? -20.033 -7.170  -5.246  1.00 21.59 ? 60  TYR B C   1 
ATOM   1038 O  O   . TYR B 1 45 ? -20.927 -7.318  -4.396  1.00 21.36 ? 60  TYR B O   1 
ATOM   1039 C  CB  . TYR B 1 45 ? -18.479 -8.925  -6.098  1.00 20.74 ? 60  TYR B CB  1 
ATOM   1040 C  CG  . TYR B 1 45 ? -18.379 -9.608  -4.750  1.00 20.39 ? 60  TYR B CG  1 
ATOM   1041 C  CD1 . TYR B 1 45 ? -18.946 -10.865 -4.528  1.00 20.44 ? 60  TYR B CD1 1 
ATOM   1042 C  CD2 . TYR B 1 45 ? -17.728 -8.980  -3.688  1.00 20.65 ? 60  TYR B CD2 1 
ATOM   1043 C  CE1 . TYR B 1 45 ? -18.867 -11.479 -3.273  1.00 20.71 ? 60  TYR B CE1 1 
ATOM   1044 C  CE2 . TYR B 1 45 ? -17.639 -9.578  -2.435  1.00 20.70 ? 60  TYR B CE2 1 
ATOM   1045 C  CZ  . TYR B 1 45 ? -18.211 -10.820 -2.230  1.00 20.53 ? 60  TYR B CZ  1 
ATOM   1046 O  OH  . TYR B 1 45 ? -18.138 -11.354 -0.970  1.00 20.99 ? 60  TYR B OH  1 
ATOM   1047 N  N   . ILE B 1 46 ? -19.212 -6.118  -5.281  1.00 22.05 ? 61  ILE B N   1 
ATOM   1048 C  CA  . ILE B 1 46 ? -19.250 -5.029  -4.298  1.00 23.22 ? 61  ILE B CA  1 
ATOM   1049 C  C   . ILE B 1 46 ? -20.648 -4.450  -4.138  1.00 23.97 ? 61  ILE B C   1 
ATOM   1050 O  O   . ILE B 1 46 ? -21.092 -4.161  -3.021  1.00 24.01 ? 61  ILE B O   1 
ATOM   1051 C  CB  . ILE B 1 46 ? -18.322 -3.866  -4.718  1.00 22.90 ? 61  ILE B CB  1 
ATOM   1052 C  CG1 . ILE B 1 46 ? -16.882 -4.364  -4.811  1.00 22.90 ? 61  ILE B CG1 1 
ATOM   1053 C  CG2 . ILE B 1 46 ? -18.392 -2.711  -3.693  1.00 22.90 ? 61  ILE B CG2 1 
ATOM   1054 C  CD1 . ILE B 1 46 ? -15.860 -3.350  -5.286  1.00 22.92 ? 61  ILE B CD1 1 
ATOM   1055 N  N   . MET B 1 47 ? -21.336 -4.282  -5.260  1.00 24.89 ? 62  MET B N   1 
ATOM   1056 C  CA  . MET B 1 47 ? -22.674 -3.713  -5.231  1.00 26.07 ? 62  MET B CA  1 
ATOM   1057 C  C   . MET B 1 47 ? -23.841 -4.680  -4.978  1.00 26.70 ? 62  MET B C   1 
ATOM   1058 O  O   . MET B 1 47 ? -24.880 -4.241  -4.499  1.00 26.53 ? 62  MET B O   1 
ATOM   1059 C  CB  . MET B 1 47 ? -22.927 -2.972  -6.525  1.00 26.96 ? 62  MET B CB  1 
ATOM   1060 C  CG  . MET B 1 47 ? -22.115 -1.677  -6.682  1.00 27.97 ? 62  MET B CG  1 
ATOM   1061 S  SD  . MET B 1 47 ? -23.156 -0.256  -6.876  1.00 29.84 ? 62  MET B SD  1 
ATOM   1062 C  CE  . MET B 1 47 ? -24.662 -1.020  -7.684  1.00 29.31 ? 62  MET B CE  1 
ATOM   1063 N  N   . THR B 1 48 ? -23.678 -5.969  -5.310  1.00 27.27 ? 63  THR B N   1 
ATOM   1064 C  CA  . THR B 1 48 ? -24.745 -6.973  -5.080  1.00 28.02 ? 63  THR B CA  1 
ATOM   1065 C  C   . THR B 1 48 ? -24.704 -7.196  -3.558  1.00 28.80 ? 63  THR B C   1 
ATOM   1066 O  O   . THR B 1 48 ? -25.738 -7.466  -2.926  1.00 28.88 ? 63  THR B O   1 
ATOM   1067 C  CB  . THR B 1 48 ? -24.510 -8.297  -5.850  1.00 28.16 ? 63  THR B CB  1 
ATOM   1068 O  OG1 . THR B 1 48 ? -25.222 -8.246  -7.094  1.00 28.24 ? 63  THR B OG1 1 
ATOM   1069 C  CG2 . THR B 1 48 ? -24.992 -9.495  -5.033  1.00 27.89 ? 63  THR B CG2 1 
ATOM   1070 N  N   . LYS B 1 49 ? -23.483 -7.146  -3.012  1.00 29.23 ? 64  LYS B N   1 
ATOM   1071 C  CA  . LYS B 1 49 ? -23.266 -7.122  -1.588  1.00 30.21 ? 64  LYS B CA  1 
ATOM   1072 C  C   . LYS B 1 49 ? -23.493 -5.613  -1.645  1.00 30.46 ? 64  LYS B C   1 
ATOM   1073 O  O   . LYS B 1 49 ? -24.158 -5.128  -2.491  1.00 30.72 ? 64  LYS B O   1 
ATOM   1074 C  CB  . LYS B 1 49 ? -21.806 -7.441  -1.199  1.00 30.16 ? 64  LYS B CB  1 
ATOM   1075 C  CG  . LYS B 1 49 ? -21.576 -8.805  -0.555  1.00 30.71 ? 64  LYS B CG  1 
ATOM   1076 C  CD  . LYS B 1 49 ? -22.068 -9.995  -1.418  1.00 31.04 ? 64  LYS B CD  1 
ATOM   1077 C  CE  . LYS B 1 49 ? -22.023 -9.650  -2.921  1.00 31.02 ? 64  LYS B CE  1 
ATOM   1078 N  NZ  . LYS B 1 49 ? -22.391 -10.801 -3.800  1.00 31.51 ? 64  LYS B NZ  1 
ATOM   1079 N  N   . ARG B 1 50 ? -22.913 -4.896  -0.718  1.00 30.93 ? 65  ARG B N   1 
ATOM   1080 C  CA  . ARG B 1 50 ? -23.059 -3.449  -0.604  1.00 31.19 ? 65  ARG B CA  1 
ATOM   1081 C  C   . ARG B 1 50 ? -21.950 -3.235  0.374   1.00 31.29 ? 65  ARG B C   1 
ATOM   1082 O  O   . ARG B 1 50 ? -22.169 -2.990  1.561   1.00 31.60 ? 65  ARG B O   1 
ATOM   1083 C  CB  . ARG B 1 50 ? -24.447 -3.064  0.050   1.00 31.35 ? 65  ARG B CB  1 
ATOM   1084 N  N   . LEU B 1 51 ? -20.753 -3.507  -0.125  1.00 31.36 ? 66  LEU B N   1 
ATOM   1085 C  CA  . LEU B 1 51 ? -19.548 -3.371  0.667   1.00 31.16 ? 66  LEU B CA  1 
ATOM   1086 C  C   . LEU B 1 51 ? -19.097 -1.935  0.506   1.00 31.30 ? 66  LEU B C   1 
ATOM   1087 O  O   . LEU B 1 51 ? -17.954 -1.567  0.825   1.00 31.43 ? 66  LEU B O   1 
ATOM   1088 C  CB  . LEU B 1 51 ? -18.471 -4.327  0.174   1.00 31.12 ? 66  LEU B CB  1 
ATOM   1089 C  CG  . LEU B 1 51 ? -18.819 -5.796  0.455   1.00 31.18 ? 66  LEU B CG  1 
ATOM   1090 C  CD1 . LEU B 1 51 ? -17.711 -6.758  -0.015  1.00 31.12 ? 66  LEU B CD1 1 
ATOM   1091 C  CD2 . LEU B 1 51 ? -19.045 -5.961  1.956   1.00 31.04 ? 66  LEU B CD2 1 
ATOM   1092 N  N   . TYR B 1 52 ? -20.000 -1.108  -0.006  1.00 31.25 ? 67  TYR B N   1 
ATOM   1093 C  CA  . TYR B 1 52 ? -19.718 0.307   -0.141  1.00 30.96 ? 67  TYR B CA  1 
ATOM   1094 C  C   . TYR B 1 52 ? -20.577 0.969   0.946   1.00 30.87 ? 67  TYR B C   1 
ATOM   1095 O  O   . TYR B 1 52 ? -21.304 0.288   1.635   1.00 30.60 ? 67  TYR B O   1 
ATOM   1096 C  CB  . TYR B 1 52 ? -20.139 0.786   -1.522  1.00 30.94 ? 67  TYR B CB  1 
ATOM   1097 C  CG  . TYR B 1 52 ? -21.586 0.567   -1.905  1.00 30.68 ? 67  TYR B CG  1 
ATOM   1098 C  CD1 . TYR B 1 52 ? -22.607 1.335   -1.346  1.00 30.66 ? 67  TYR B CD1 1 
ATOM   1099 C  CD2 . TYR B 1 52 ? -21.930 -0.428  -2.816  1.00 30.72 ? 67  TYR B CD2 1 
ATOM   1100 C  CE1 . TYR B 1 52 ? -23.945 1.114   -1.675  1.00 30.85 ? 67  TYR B CE1 1 
ATOM   1101 C  CE2 . TYR B 1 52 ? -23.275 -0.669  -3.162  1.00 30.90 ? 67  TYR B CE2 1 
ATOM   1102 C  CZ  . TYR B 1 52 ? -24.278 0.112   -2.582  1.00 30.91 ? 67  TYR B CZ  1 
ATOM   1103 O  OH  . TYR B 1 52 ? -25.604 -0.097  -2.905  1.00 31.09 ? 67  TYR B OH  1 
ATOM   1104 N  N   . HIS B 1 58 ? -15.107 6.667   -1.093  1.00 21.49 ? 73  HIS B N   1 
ATOM   1105 C  CA  . HIS B 1 58 ? -13.708 6.647   -1.509  1.00 21.54 ? 73  HIS B CA  1 
ATOM   1106 C  C   . HIS B 1 58 ? -13.012 5.363   -1.068  1.00 20.81 ? 73  HIS B C   1 
ATOM   1107 O  O   . HIS B 1 58 ? -12.118 4.868   -1.733  1.00 20.62 ? 73  HIS B O   1 
ATOM   1108 C  CB  . HIS B 1 58 ? -12.982 7.872   -0.934  1.00 22.80 ? 73  HIS B CB  1 
ATOM   1109 C  CG  . HIS B 1 58 ? -13.398 8.259   0.462   1.00 23.99 ? 73  HIS B CG  1 
ATOM   1110 N  ND1 . HIS B 1 58 ? -14.714 8.380   0.856   1.00 24.93 ? 73  HIS B ND1 1 
ATOM   1111 C  CD2 . HIS B 1 58 ? -12.654 8.617   1.546   1.00 24.81 ? 73  HIS B CD2 1 
ATOM   1112 C  CE1 . HIS B 1 58 ? -14.767 8.791   2.120   1.00 25.11 ? 73  HIS B CE1 1 
ATOM   1113 N  NE2 . HIS B 1 58 ? -13.530 8.937   2.552   1.00 25.18 ? 73  HIS B NE2 1 
ATOM   1114 N  N   . ILE B 1 59 ? -13.473 4.810   0.045   1.00 20.36 ? 74  ILE B N   1 
ATOM   1115 C  CA  . ILE B 1 59 ? -12.910 3.576   0.576   1.00 19.92 ? 74  ILE B CA  1 
ATOM   1116 C  C   . ILE B 1 59 ? -13.936 2.436   0.586   1.00 19.82 ? 74  ILE B C   1 
ATOM   1117 O  O   . ILE B 1 59 ? -15.127 2.672   0.816   1.00 19.58 ? 74  ILE B O   1 
ATOM   1118 C  CB  . ILE B 1 59 ? -12.443 3.784   2.025   1.00 20.37 ? 74  ILE B CB  1 
ATOM   1119 C  CG1 . ILE B 1 59 ? -11.507 5.002   2.090   1.00 20.26 ? 74  ILE B CG1 1 
ATOM   1120 C  CG2 . ILE B 1 59 ? -11.818 2.497   2.572   1.00 19.87 ? 74  ILE B CG2 1 
ATOM   1121 C  CD1 . ILE B 1 59 ? -11.061 5.370   3.488   1.00 20.62 ? 74  ILE B CD1 1 
ATOM   1122 N  N   . VAL B 1 60 ? -13.456 1.220   0.323   1.00 19.43 ? 75  VAL B N   1 
ATOM   1123 C  CA  . VAL B 1 60 ? -14.277 0.013   0.367   1.00 19.65 ? 75  VAL B CA  1 
ATOM   1124 C  C   . VAL B 1 60 ? -13.738 -0.821  1.535   1.00 19.36 ? 75  VAL B C   1 
ATOM   1125 O  O   . VAL B 1 60 ? -12.527 -1.142  1.605   1.00 19.55 ? 75  VAL B O   1 
ATOM   1126 C  CB  . VAL B 1 60 ? -14.220 -0.847  -0.947  1.00 19.58 ? 75  VAL B CB  1 
ATOM   1127 C  CG1 . VAL B 1 60 ? -14.780 -2.244  -0.672  1.00 19.59 ? 75  VAL B CG1 1 
ATOM   1128 C  CG2 . VAL B 1 60 ? -15.022 -0.156  -2.038  1.00 19.66 ? 75  VAL B CG2 1 
ATOM   1129 N  N   . TYR B 1 61 ? -14.644 -1.166  2.443   1.00 19.64 ? 76  TYR B N   1 
ATOM   1130 C  CA  . TYR B 1 61 ? -14.336 -1.967  3.619   1.00 19.85 ? 76  TYR B CA  1 
ATOM   1131 C  C   . TYR B 1 61 ? -14.707 -3.403  3.373   1.00 19.61 ? 76  TYR B C   1 
ATOM   1132 O  O   . TYR B 1 61 ? -15.883 -3.727  3.315   1.00 19.96 ? 76  TYR B O   1 
ATOM   1133 C  CB  . TYR B 1 61 ? -15.122 -1.441  4.808   1.00 20.62 ? 76  TYR B CB  1 
ATOM   1134 C  CG  . TYR B 1 61 ? -14.605 -0.123  5.288   1.00 21.20 ? 76  TYR B CG  1 
ATOM   1135 C  CD1 . TYR B 1 61 ? -15.064 1.067   4.741   1.00 21.47 ? 76  TYR B CD1 1 
ATOM   1136 C  CD2 . TYR B 1 61 ? -13.609 -0.074  6.247   1.00 21.27 ? 76  TYR B CD2 1 
ATOM   1137 C  CE1 . TYR B 1 61 ? -14.540 2.278   5.135   1.00 21.75 ? 76  TYR B CE1 1 
ATOM   1138 C  CE2 . TYR B 1 61 ? -13.066 1.130   6.658   1.00 21.62 ? 76  TYR B CE2 1 
ATOM   1139 C  CZ  . TYR B 1 61 ? -13.534 2.310   6.102   1.00 21.68 ? 76  TYR B CZ  1 
ATOM   1140 O  OH  . TYR B 1 61 ? -13.011 3.510   6.522   1.00 21.89 ? 76  TYR B OH  1 
ATOM   1141 N  N   . CYS B 1 62 ? -13.679 -4.243  3.263   1.00 19.60 ? 77  CYS B N   1 
ATOM   1142 C  CA  . CYS B 1 62 ? -13.846 -5.659  2.988   1.00 19.40 ? 77  CYS B CA  1 
ATOM   1143 C  C   . CYS B 1 62 ? -13.465 -6.638  4.107   1.00 18.95 ? 77  CYS B C   1 
ATOM   1144 O  O   . CYS B 1 62 ? -13.386 -7.806  3.874   1.00 18.50 ? 77  CYS B O   1 
ATOM   1145 C  CB  . CYS B 1 62 ? -13.062 -6.017  1.715   1.00 19.60 ? 77  CYS B CB  1 
ATOM   1146 S  SG  . CYS B 1 62 ? -11.414 -5.241  1.606   1.00 20.33 ? 77  CYS B SG  1 
ATOM   1147 N  N   . SER B 1 63 ? -13.208 -6.162  5.319   1.00 18.79 ? 78  SER B N   1 
ATOM   1148 C  CA  . SER B 1 63 ? -12.860 -7.105  6.391   1.00 18.51 ? 78  SER B CA  1 
ATOM   1149 C  C   . SER B 1 63 ? -14.080 -8.014  6.585   1.00 18.35 ? 78  SER B C   1 
ATOM   1150 O  O   . SER B 1 63 ? -15.196 -7.614  6.309   1.00 17.83 ? 78  SER B O   1 
ATOM   1151 C  CB  . SER B 1 63 ? -12.581 -6.392  7.730   1.00 18.53 ? 78  SER B CB  1 
ATOM   1152 O  OG  . SER B 1 63 ? -11.462 -5.528  7.698   1.00 19.21 ? 78  SER B OG  1 
ATOM   1153 N  N   . ASN B 1 64 ? -13.860 -9.223  7.084   1.00 18.55 ? 79  ASN B N   1 
ATOM   1154 C  CA  . ASN B 1 64 ? -14.949 -10.158 7.341   1.00 19.09 ? 79  ASN B CA  1 
ATOM   1155 C  C   . ASN B 1 64 ? -15.744 -10.540 6.099   1.00 19.27 ? 79  ASN B C   1 
ATOM   1156 O  O   . ASN B 1 64 ? -16.928 -10.864 6.163   1.00 19.08 ? 79  ASN B O   1 
ATOM   1157 C  CB  . ASN B 1 64 ? -15.865 -9.577  8.426   1.00 19.27 ? 79  ASN B CB  1 
ATOM   1158 C  CG  . ASN B 1 64 ? -15.087 -9.075  9.620   1.00 20.16 ? 79  ASN B CG  1 
ATOM   1159 O  OD1 . ASN B 1 64 ? -15.177 -7.903  9.989   1.00 20.81 ? 79  ASN B OD1 1 
ATOM   1160 N  ND2 . ASN B 1 64 ? -14.316 -9.969  10.239  1.00 20.04 ? 79  ASN B ND2 1 
ATOM   1161 N  N   . ASP B 1 65 ? -15.072 -10.424 4.960   1.00 19.20 ? 80  ASP B N   1 
ATOM   1162 C  CA  . ASP B 1 65 ? -15.650 -10.766 3.683   1.00 19.47 ? 80  ASP B CA  1 
ATOM   1163 C  C   . ASP B 1 65 ? -14.600 -11.401 2.785   1.00 19.47 ? 80  ASP B C   1 
ATOM   1164 O  O   . ASP B 1 65 ? -13.418 -11.030 2.779   1.00 19.58 ? 80  ASP B O   1 
ATOM   1165 C  CB  . ASP B 1 65 ? -16.200 -9.538  2.961   1.00 19.75 ? 80  ASP B CB  1 
ATOM   1166 C  CG  . ASP B 1 65 ? -16.912 -9.897  1.671   1.00 20.38 ? 80  ASP B CG  1 
ATOM   1167 O  OD1 . ASP B 1 65 ? -18.157 -9.984  1.681   1.00 21.13 ? 80  ASP B OD1 1 
ATOM   1168 O  OD2 . ASP B 1 65 ? -16.232 -10.089 0.649   1.00 20.76 ? 80  ASP B OD2 1 
ATOM   1169 N  N   . LEU B 1 66 ? -15.077 -12.347 1.998   1.00 19.56 ? 81  LEU B N   1 
ATOM   1170 C  CA  . LEU B 1 66 ? -14.251 -13.082 1.051   1.00 19.72 ? 81  LEU B CA  1 
ATOM   1171 C  C   . LEU B 1 66 ? -13.298 -12.174 0.234   1.00 19.56 ? 81  LEU B C   1 
ATOM   1172 O  O   . LEU B 1 66 ? -12.201 -12.565 -0.065  1.00 20.08 ? 81  LEU B O   1 
ATOM   1173 C  CB  . LEU B 1 66 ? -15.186 -13.838 0.139   1.00 19.72 ? 81  LEU B CB  1 
ATOM   1174 C  CG  . LEU B 1 66 ? -14.556 -14.275 -1.182  1.00 19.80 ? 81  LEU B CG  1 
ATOM   1175 C  CD1 . LEU B 1 66 ? -13.494 -15.369 -0.935  1.00 20.09 ? 81  LEU B CD1 1 
ATOM   1176 C  CD2 . LEU B 1 66 ? -15.618 -14.734 -2.157  1.00 19.82 ? 81  LEU B CD2 1 
ATOM   1177 N  N   . LEU B 1 67 ? -13.717 -10.938 -0.058  1.00 19.54 ? 82  LEU B N   1 
ATOM   1178 C  CA  . LEU B 1 67 ? -12.895 -9.974  -0.802  1.00 18.97 ? 82  LEU B CA  1 
ATOM   1179 C  C   . LEU B 1 67 ? -11.675 -9.502  -0.018  1.00 18.92 ? 82  LEU B C   1 
ATOM   1180 O  O   . LEU B 1 67 ? -10.626 -9.242  -0.594  1.00 18.85 ? 82  LEU B O   1 
ATOM   1181 C  CB  . LEU B 1 67 ? -13.756 -8.773  -1.215  1.00 19.05 ? 82  LEU B CB  1 
ATOM   1182 C  CG  . LEU B 1 67 ? -12.973 -7.757  -2.035  1.00 19.07 ? 82  LEU B CG  1 
ATOM   1183 C  CD1 . LEU B 1 67 ? -12.657 -8.341  -3.408  1.00 19.13 ? 82  LEU B CD1 1 
ATOM   1184 C  CD2 . LEU B 1 67 ? -13.796 -6.498  -2.154  1.00 19.41 ? 82  LEU B CD2 1 
ATOM   1185 N  N   . GLY B 1 68 ? -11.846 -9.370  1.293   1.00 18.67 ? 83  GLY B N   1 
ATOM   1186 C  CA  . GLY B 1 68 ? -10.738 -8.978  2.136   1.00 18.48 ? 83  GLY B CA  1 
ATOM   1187 C  C   . GLY B 1 68 ? -9.771  -10.153 2.192   1.00 18.74 ? 83  GLY B C   1 
ATOM   1188 O  O   . GLY B 1 68 ? -8.559  -9.985  2.339   1.00 18.58 ? 83  GLY B O   1 
ATOM   1189 N  N   . ASP B 1 69 ? -10.317 -11.365 2.095   1.00 18.99 ? 84  ASP B N   1 
ATOM   1190 C  CA  . ASP B 1 69 ? -9.488  -12.577 2.098   1.00 19.65 ? 84  ASP B CA  1 
ATOM   1191 C  C   . ASP B 1 69 ? -8.689  -12.580 0.792   1.00 19.45 ? 84  ASP B C   1 
ATOM   1192 O  O   . ASP B 1 69 ? -7.511  -12.882 0.770   1.00 19.79 ? 84  ASP B O   1 
ATOM   1193 C  CB  . ASP B 1 69 ? -10.361 -13.849 2.212   1.00 20.41 ? 84  ASP B CB  1 
ATOM   1194 C  CG  . ASP B 1 69 ? -11.080 -13.951 3.563   1.00 20.92 ? 84  ASP B CG  1 
ATOM   1195 O  OD1 . ASP B 1 69 ? -10.501 -13.530 4.575   1.00 21.94 ? 84  ASP B OD1 1 
ATOM   1196 O  OD2 . ASP B 1 69 ? -12.208 -14.472 3.636   1.00 21.92 ? 84  ASP B OD2 1 
ATOM   1197 N  N   . LEU B 1 70 ? -9.350  -12.216 -0.299  1.00 19.57 ? 85  LEU B N   1 
ATOM   1198 C  CA  . LEU B 1 70 ? -8.664  -12.143 -1.578  1.00 19.52 ? 85  LEU B CA  1 
ATOM   1199 C  C   . LEU B 1 70 ? -7.584  -11.074 -1.607  1.00 19.34 ? 85  LEU B C   1 
ATOM   1200 O  O   . LEU B 1 70 ? -6.495  -11.323 -2.061  1.00 18.86 ? 85  LEU B O   1 
ATOM   1201 C  CB  . LEU B 1 70 ? -9.635  -11.825 -2.690  1.00 19.89 ? 85  LEU B CB  1 
ATOM   1202 C  CG  . LEU B 1 70 ? -10.440 -13.030 -3.134  1.00 20.29 ? 85  LEU B CG  1 
ATOM   1203 C  CD1 . LEU B 1 70 ? -11.812 -12.576 -3.582  1.00 20.88 ? 85  LEU B CD1 1 
ATOM   1204 C  CD2 . LEU B 1 70 ? -9.699  -13.789 -4.242  1.00 20.54 ? 85  LEU B CD2 1 
ATOM   1205 N  N   . PHE B 1 71 ? -7.913  -9.867  -1.148  1.00 19.37 ? 86  PHE B N   1 
ATOM   1206 C  CA  . PHE B 1 71 ? -6.934  -8.780  -1.176  1.00 19.43 ? 86  PHE B CA  1 
ATOM   1207 C  C   . PHE B 1 71 ? -5.940  -8.672  -0.037  1.00 19.39 ? 86  PHE B C   1 
ATOM   1208 O  O   . PHE B 1 71 ? -4.966  -7.960  -0.153  1.00 19.35 ? 86  PHE B O   1 
ATOM   1209 C  CB  . PHE B 1 71 ? -7.645  -7.432  -1.347  1.00 19.40 ? 86  PHE B CB  1 
ATOM   1210 C  CG  . PHE B 1 71 ? -8.232  -7.234  -2.710  1.00 19.69 ? 86  PHE B CG  1 
ATOM   1211 C  CD1 . PHE B 1 71 ? -8.017  -8.181  -3.696  1.00 19.86 ? 86  PHE B CD1 1 
ATOM   1212 C  CD2 . PHE B 1 71 ? -9.035  -6.129  -2.998  1.00 19.66 ? 86  PHE B CD2 1 
ATOM   1213 C  CE1 . PHE B 1 71 ? -8.583  -8.052  -4.943  1.00 19.93 ? 86  PHE B CE1 1 
ATOM   1214 C  CE2 . PHE B 1 71 ? -9.615  -5.983  -4.255  1.00 19.77 ? 86  PHE B CE2 1 
ATOM   1215 C  CZ  . PHE B 1 71 ? -9.384  -6.963  -5.237  1.00 19.54 ? 86  PHE B CZ  1 
ATOM   1216 N  N   . GLY B 1 72 ? -6.206  -9.376  1.054   1.00 19.30 ? 87  GLY B N   1 
ATOM   1217 C  CA  . GLY B 1 72 ? -5.312  -9.339  2.192   1.00 19.16 ? 87  GLY B CA  1 
ATOM   1218 C  C   . GLY B 1 72 ? -5.220  -7.974  2.842   1.00 19.18 ? 87  GLY B C   1 
ATOM   1219 O  O   . GLY B 1 72 ? -4.169  -7.583  3.323   1.00 19.17 ? 87  GLY B O   1 
ATOM   1220 N  N   . VAL B 1 73 ? -6.331  -7.246  2.821   1.00 18.96 ? 88  VAL B N   1 
ATOM   1221 C  CA  . VAL B 1 73 ? -6.416  -5.918  3.431   1.00 18.71 ? 88  VAL B CA  1 
ATOM   1222 C  C   . VAL B 1 73 ? -7.822  -5.710  3.945   1.00 18.77 ? 88  VAL B C   1 
ATOM   1223 O  O   . VAL B 1 73 ? -8.761  -6.263  3.428   1.00 18.56 ? 88  VAL B O   1 
ATOM   1224 C  CB  . VAL B 1 73 ? -6.092  -4.771  2.429   1.00 19.05 ? 88  VAL B CB  1 
ATOM   1225 C  CG1 . VAL B 1 73 ? -4.755  -5.024  1.752   1.00 19.49 ? 88  VAL B CG1 1 
ATOM   1226 C  CG2 . VAL B 1 73 ? -7.213  -4.633  1.392   1.00 19.29 ? 88  VAL B CG2 1 
ATOM   1227 N  N   . PRO B 1 74 ? -7.963  -4.899  4.989   1.00 19.01 ? 89  PRO B N   1 
ATOM   1228 C  CA  . PRO B 1 74 ? -9.293  -4.652  5.536   1.00 18.49 ? 89  PRO B CA  1 
ATOM   1229 C  C   . PRO B 1 74 ? -10.076 -3.593  4.743   1.00 18.75 ? 89  PRO B C   1 
ATOM   1230 O  O   . PRO B 1 74 ? -11.293 -3.504  4.841   1.00 18.93 ? 89  PRO B O   1 
ATOM   1231 C  CB  . PRO B 1 74 ? -8.988  -4.232  6.967   1.00 18.90 ? 89  PRO B CB  1 
ATOM   1232 C  CG  . PRO B 1 74 ? -7.739  -3.435  6.812   1.00 18.90 ? 89  PRO B CG  1 
ATOM   1233 C  CD  . PRO B 1 74 ? -6.920  -4.388  5.897   1.00 18.82 ? 89  PRO B CD  1 
ATOM   1234 N  N   . SER B 1 75 ? -9.369  -2.792  3.958   1.00 18.74 ? 90  SER B N   1 
ATOM   1235 C  CA  . SER B 1 75 ? -10.026 -1.774  3.146   1.00 18.73 ? 90  SER B CA  1 
ATOM   1236 C  C   . SER B 1 75 ? -9.057  -1.303  2.077   1.00 18.36 ? 90  SER B C   1 
ATOM   1237 O  O   . SER B 1 75 ? -7.903  -1.735  2.043   1.00 18.66 ? 90  SER B O   1 
ATOM   1238 C  CB  . SER B 1 75 ? -10.429 -0.578  4.001   1.00 18.89 ? 90  SER B CB  1 
ATOM   1239 O  OG  . SER B 1 75 ? -9.267  0.054   4.484   1.00 19.95 ? 90  SER B OG  1 
ATOM   1240 N  N   . PHE B 1 76 ? -9.532  -0.404  1.222   1.00 18.19 ? 91  PHE B N   1 
ATOM   1241 C  CA  . PHE B 1 76 ? -8.721  0.156   0.152   1.00 17.79 ? 91  PHE B CA  1 
ATOM   1242 C  C   . PHE B 1 76 ? -9.440  1.314   -0.549  1.00 17.51 ? 91  PHE B C   1 
ATOM   1243 O  O   . PHE B 1 76 ? -10.653 1.451   -0.451  1.00 17.57 ? 91  PHE B O   1 
ATOM   1244 C  CB  . PHE B 1 76 ? -8.374  -0.941  -0.857  1.00 18.11 ? 91  PHE B CB  1 
ATOM   1245 C  CG  . PHE B 1 76 ? -9.573  -1.558  -1.510  1.00 17.96 ? 91  PHE B CG  1 
ATOM   1246 C  CD1 . PHE B 1 76 ? -10.214 -0.926  -2.576  1.00 18.10 ? 91  PHE B CD1 1 
ATOM   1247 C  CD2 . PHE B 1 76 ? -10.074 -2.757  -1.042  1.00 18.36 ? 91  PHE B CD2 1 
ATOM   1248 C  CE1 . PHE B 1 76 ? -11.345 -1.486  -3.162  1.00 18.60 ? 91  PHE B CE1 1 
ATOM   1249 C  CE2 . PHE B 1 76 ? -11.214 -3.334  -1.620  1.00 18.23 ? 91  PHE B CE2 1 
ATOM   1250 C  CZ  . PHE B 1 76 ? -11.848 -2.698  -2.683  1.00 18.32 ? 91  PHE B CZ  1 
ATOM   1251 N  N   . SER B 1 77 ? -8.676  2.156   -1.241  1.00 17.30 ? 92  SER B N   1 
ATOM   1252 C  CA  . SER B 1 77 ? -9.242  3.291   -1.964  1.00 17.02 ? 92  SER B CA  1 
ATOM   1253 C  C   . SER B 1 77 ? -9.596  2.874   -3.375  1.00 17.09 ? 92  SER B C   1 
ATOM   1254 O  O   . SER B 1 77 ? -8.789  2.292   -4.072  1.00 16.40 ? 92  SER B O   1 
ATOM   1255 C  CB  . SER B 1 77 ? -8.251  4.454   -1.996  1.00 16.88 ? 92  SER B CB  1 
ATOM   1256 O  OG  . SER B 1 77 ? -8.732  5.527   -2.779  1.00 16.48 ? 92  SER B OG  1 
ATOM   1257 N  N   . VAL B 1 78 ? -10.818 3.181   -3.789  1.00 17.33 ? 93  VAL B N   1 
ATOM   1258 C  CA  . VAL B 1 78 ? -11.235 2.800   -5.128  1.00 18.17 ? 93  VAL B CA  1 
ATOM   1259 C  C   . VAL B 1 78 ? -10.427 3.532   -6.180  1.00 18.50 ? 93  VAL B C   1 
ATOM   1260 O  O   . VAL B 1 78 ? -10.341 3.091   -7.292  1.00 18.93 ? 93  VAL B O   1 
ATOM   1261 C  CB  . VAL B 1 78 ? -12.707 3.089   -5.369  1.00 18.02 ? 93  VAL B CB  1 
ATOM   1262 C  CG1 . VAL B 1 78 ? -13.553 2.141   -4.538  1.00 18.05 ? 93  VAL B CG1 1 
ATOM   1263 C  CG2 . VAL B 1 78 ? -13.010 4.556   -5.018  1.00 17.78 ? 93  VAL B CG2 1 
ATOM   1264 N  N   . LYS B 1 79 ? -9.841  4.662   -5.800  1.00 18.92 ? 94  LYS B N   1 
ATOM   1265 C  CA  . LYS B 1 79 ? -9.048  5.475   -6.714  1.00 19.60 ? 94  LYS B CA  1 
ATOM   1266 C  C   . LYS B 1 79 ? -7.632  4.962   -6.962  1.00 19.52 ? 94  LYS B C   1 
ATOM   1267 O  O   . LYS B 1 79 ? -6.951  5.434   -7.859  1.00 20.02 ? 94  LYS B O   1 
ATOM   1268 C  CB  . LYS B 1 79 ? -8.992  6.919   -6.189  1.00 20.31 ? 94  LYS B CB  1 
ATOM   1269 C  CG  . LYS B 1 79 ? -10.298 7.681   -6.298  1.00 21.16 ? 94  LYS B CG  1 
ATOM   1270 C  CD  . LYS B 1 79 ? -10.578 8.113   -7.742  1.00 22.19 ? 94  LYS B CD  1 
ATOM   1271 C  CE  . LYS B 1 79 ? -11.718 9.138   -7.787  1.00 22.54 ? 94  LYS B CE  1 
ATOM   1272 N  NZ  . LYS B 1 79 ? -11.742 9.940   -9.046  1.00 23.23 ? 94  LYS B NZ  1 
ATOM   1273 N  N   . GLU B 1 80 ? -7.182  4.034   -6.133  1.00 19.41 ? 95  GLU B N   1 
ATOM   1274 C  CA  . GLU B 1 80 ? -5.848  3.473   -6.285  1.00 19.06 ? 95  GLU B CA  1 
ATOM   1275 C  C   . GLU B 1 80 ? -5.910  2.236   -7.187  1.00 18.16 ? 95  GLU B C   1 
ATOM   1276 O  O   . GLU B 1 80 ? -5.759  1.095   -6.762  1.00 17.93 ? 95  GLU B O   1 
ATOM   1277 C  CB  . GLU B 1 80 ? -5.277  3.136   -4.908  1.00 19.90 ? 95  GLU B CB  1 
ATOM   1278 C  CG  . GLU B 1 80 ? -5.079  4.377   -4.038  1.00 21.78 ? 95  GLU B CG  1 
ATOM   1279 C  CD  . GLU B 1 80 ? -4.420  4.117   -2.689  1.00 22.91 ? 95  GLU B CD  1 
ATOM   1280 O  OE1 . GLU B 1 80 ? -4.478  2.969   -2.209  1.00 24.00 ? 95  GLU B OE1 1 
ATOM   1281 O  OE2 . GLU B 1 80 ? -3.862  5.083   -2.106  1.00 24.47 ? 95  GLU B OE2 1 
ATOM   1282 N  N   . HIS B 1 81 ? -6.110  2.498   -8.467  1.00 17.42 ? 96  HIS B N   1 
ATOM   1283 C  CA  . HIS B 1 81 ? -6.242  1.451   -9.478  1.00 16.62 ? 96  HIS B CA  1 
ATOM   1284 C  C   . HIS B 1 81 ? -5.074  0.468   -9.623  1.00 16.14 ? 96  HIS B C   1 
ATOM   1285 O  O   . HIS B 1 81 ? -5.296  -0.728  -9.754  1.00 15.75 ? 96  HIS B O   1 
ATOM   1286 C  CB  . HIS B 1 81 ? -6.549  2.102   -10.822 1.00 16.53 ? 96  HIS B CB  1 
ATOM   1287 C  CG  . HIS B 1 81 ? -7.846  2.850   -10.842 1.00 16.38 ? 96  HIS B CG  1 
ATOM   1288 N  ND1 . HIS B 1 81 ? -8.330  3.480   -11.968 1.00 16.75 ? 96  HIS B ND1 1 
ATOM   1289 C  CD2 . HIS B 1 81 ? -8.759  3.071   -9.867  1.00 16.33 ? 96  HIS B CD2 1 
ATOM   1290 C  CE1 . HIS B 1 81 ? -9.485  4.058   -11.686 1.00 16.60 ? 96  HIS B CE1 1 
ATOM   1291 N  NE2 . HIS B 1 81 ? -9.768  3.826   -10.418 1.00 16.48 ? 96  HIS B NE2 1 
ATOM   1292 N  N   . ARG B 1 82 ? -3.837  0.972   -9.600  1.00 15.92 ? 97  ARG B N   1 
ATOM   1293 C  CA  . ARG B 1 82 ? -2.668  0.099   -9.714  1.00 15.69 ? 97  ARG B CA  1 
ATOM   1294 C  C   . ARG B 1 82 ? -2.620  -0.875  -8.554  1.00 15.73 ? 97  ARG B C   1 
ATOM   1295 O  O   . ARG B 1 82 ? -2.416  -2.062  -8.738  1.00 15.35 ? 97  ARG B O   1 
ATOM   1296 C  CB  . ARG B 1 82 ? -1.341  0.898   -9.758  1.00 15.86 ? 97  ARG B CB  1 
ATOM   1297 C  CG  . ARG B 1 82 ? -0.092  -0.004  -9.770  1.00 16.12 ? 97  ARG B CG  1 
ATOM   1298 C  CD  . ARG B 1 82 ? -0.210  -1.171  -10.796 1.00 15.83 ? 97  ARG B CD  1 
ATOM   1299 N  NE  . ARG B 1 82 ? -0.174  -0.701  -12.179 1.00 16.32 ? 97  ARG B NE  1 
ATOM   1300 C  CZ  . ARG B 1 82 ? -0.231  -1.453  -13.272 1.00 16.54 ? 97  ARG B CZ  1 
ATOM   1301 N  NH1 . ARG B 1 82 ? -0.332  -2.766  -13.195 1.00 17.59 ? 97  ARG B NH1 1 
ATOM   1302 N  NH2 . ARG B 1 82 ? -0.177  -0.864  -14.452 1.00 17.13 ? 97  ARG B NH2 1 
ATOM   1303 N  N   . LYS B 1 83 ? -2.759  -0.335  -7.348  1.00 16.10 ? 98  LYS B N   1 
ATOM   1304 C  CA  . LYS B 1 83 ? -2.739  -1.158  -6.147  1.00 16.67 ? 98  LYS B CA  1 
ATOM   1305 C  C   . LYS B 1 83 ? -3.841  -2.203  -6.225  1.00 16.33 ? 98  LYS B C   1 
ATOM   1306 O  O   . LYS B 1 83 ? -3.668  -3.344  -5.826  1.00 16.89 ? 98  LYS B O   1 
ATOM   1307 C  CB  . LYS B 1 83 ? -2.903  -0.285  -4.878  1.00 17.54 ? 98  LYS B CB  1 
ATOM   1308 C  CG  . LYS B 1 83 ? -1.714  0.644   -4.672  1.00 19.11 ? 98  LYS B CG  1 
ATOM   1309 C  CD  . LYS B 1 83 ? -1.619  1.234   -3.273  1.00 20.61 ? 98  LYS B CD  1 
ATOM   1310 C  CE  . LYS B 1 83 ? -0.298  1.995   -3.124  1.00 21.67 ? 98  LYS B CE  1 
ATOM   1311 N  NZ  . LYS B 1 83 ? -0.377  3.008   -2.041  1.00 23.08 ? 98  LYS B NZ  1 
ATOM   1312 N  N   . ILE B 1 84 ? -4.996  -1.792  -6.726  1.00 16.15 ? 99  ILE B N   1 
ATOM   1313 C  CA  . ILE B 1 84 ? -6.109  -2.716  -6.872  1.00 15.82 ? 99  ILE B CA  1 
ATOM   1314 C  C   . ILE B 1 84 ? -5.735  -3.831  -7.860  1.00 15.98 ? 99  ILE B C   1 
ATOM   1315 O  O   . ILE B 1 84 ? -6.075  -4.985  -7.652  1.00 15.73 ? 99  ILE B O   1 
ATOM   1316 C  CB  . ILE B 1 84 ? -7.382  -1.986  -7.369  1.00 15.74 ? 99  ILE B CB  1 
ATOM   1317 C  CG1 . ILE B 1 84 ? -7.943  -1.127  -6.235  1.00 15.87 ? 99  ILE B CG1 1 
ATOM   1318 C  CG2 . ILE B 1 84 ? -8.433  -3.016  -7.845  1.00 15.81 ? 99  ILE B CG2 1 
ATOM   1319 C  CD1 . ILE B 1 84 ? -9.053  -0.162  -6.641  1.00 15.97 ? 99  ILE B CD1 1 
ATOM   1320 N  N   . TYR B 1 85 ? -5.038  -3.481  -8.937  1.00 15.91 ? 100 TYR B N   1 
ATOM   1321 C  CA  . TYR B 1 85 ? -4.607  -4.471  -9.917  1.00 16.48 ? 100 TYR B CA  1 
ATOM   1322 C  C   . TYR B 1 85 ? -3.625  -5.393  -9.236  1.00 16.24 ? 100 TYR B C   1 
ATOM   1323 O  O   . TYR B 1 85 ? -3.655  -6.600  -9.406  1.00 16.50 ? 100 TYR B O   1 
ATOM   1324 C  CB  . TYR B 1 85 ? -3.904  -3.808  -11.103 1.00 16.78 ? 100 TYR B CB  1 
ATOM   1325 C  CG  . TYR B 1 85 ? -4.798  -3.630  -12.299 1.00 18.06 ? 100 TYR B CG  1 
ATOM   1326 C  CD1 . TYR B 1 85 ? -5.911  -2.803  -12.233 1.00 18.49 ? 100 TYR B CD1 1 
ATOM   1327 C  CD2 . TYR B 1 85 ? -4.555  -4.324  -13.484 1.00 18.42 ? 100 TYR B CD2 1 
ATOM   1328 C  CE1 . TYR B 1 85 ? -6.761  -2.670  -13.307 1.00 19.15 ? 100 TYR B CE1 1 
ATOM   1329 C  CE2 . TYR B 1 85 ? -5.400  -4.206  -14.571 1.00 19.02 ? 100 TYR B CE2 1 
ATOM   1330 C  CZ  . TYR B 1 85 ? -6.506  -3.374  -14.477 1.00 19.33 ? 100 TYR B CZ  1 
ATOM   1331 O  OH  . TYR B 1 85 ? -7.356  -3.255  -15.551 1.00 19.93 ? 100 TYR B OH  1 
ATOM   1332 N  N   . THR B 1 86 ? -2.753  -4.790  -8.444  1.00 16.25 ? 101 THR B N   1 
ATOM   1333 C  CA  . THR B 1 86 ? -1.739  -5.544  -7.738  1.00 16.51 ? 101 THR B CA  1 
ATOM   1334 C  C   . THR B 1 86 ? -2.319  -6.629  -6.848  1.00 16.29 ? 101 THR B C   1 
ATOM   1335 O  O   . THR B 1 86 ? -1.830  -7.743  -6.837  1.00 16.41 ? 101 THR B O   1 
ATOM   1336 C  CB  . THR B 1 86 ? -0.848  -4.601  -6.936  1.00 16.39 ? 101 THR B CB  1 
ATOM   1337 O  OG1 . THR B 1 86 ? -0.096  -3.801  -7.859  1.00 16.81 ? 101 THR B OG1 1 
ATOM   1338 C  CG2 . THR B 1 86 ? 0.111   -5.396  -6.038  1.00 16.43 ? 101 THR B CG2 1 
ATOM   1339 N  N   . MET B 1 87 ? -3.376  -6.301  -6.117  1.00 16.08 ? 102 MET B N   1 
ATOM   1340 C  CA  . MET B 1 87 ? -3.992  -7.279  -5.233  1.00 16.71 ? 102 MET B CA  1 
ATOM   1341 C  C   . MET B 1 87 ? -4.698  -8.373  -6.038  1.00 16.38 ? 102 MET B C   1 
ATOM   1342 O  O   . MET B 1 87 ? -4.721  -9.544  -5.644  1.00 16.34 ? 102 MET B O   1 
ATOM   1343 C  CB  . MET B 1 87 ? -4.992  -6.592  -4.291  1.00 16.95 ? 102 MET B CB  1 
ATOM   1344 C  CG  . MET B 1 87 ? -4.415  -5.415  -3.517  1.00 17.88 ? 102 MET B CG  1 
ATOM   1345 S  SD  . MET B 1 87 ? -5.561  -4.749  -2.287  1.00 18.79 ? 102 MET B SD  1 
ATOM   1346 C  CE  . MET B 1 87 ? -6.393  -3.454  -3.248  1.00 18.52 ? 102 MET B CE  1 
ATOM   1347 N  N   . ILE B 1 88 ? -5.260  -7.974  -7.173  1.00 16.13 ? 103 ILE B N   1 
ATOM   1348 C  CA  . ILE B 1 88 ? -5.957  -8.897  -8.050  1.00 16.52 ? 103 ILE B CA  1 
ATOM   1349 C  C   . ILE B 1 88 ? -4.985  -9.938  -8.622  1.00 16.19 ? 103 ILE B C   1 
ATOM   1350 O  O   . ILE B 1 88 ? -5.274  -11.134 -8.641  1.00 16.11 ? 103 ILE B O   1 
ATOM   1351 C  CB  . ILE B 1 88 ? -6.672  -8.119  -9.204  1.00 16.31 ? 103 ILE B CB  1 
ATOM   1352 C  CG1 . ILE B 1 88 ? -7.875  -7.347  -8.639  1.00 16.34 ? 103 ILE B CG1 1 
ATOM   1353 C  CG2 . ILE B 1 88 ? -7.126  -9.080  -10.301 1.00 16.56 ? 103 ILE B CG2 1 
ATOM   1354 C  CD1 . ILE B 1 88 ? -8.624  -6.491  -9.646  1.00 16.71 ? 103 ILE B CD1 1 
ATOM   1355 N  N   . TYR B 1 89 ? -3.829  -9.470  -9.076  1.00 16.60 ? 104 TYR B N   1 
ATOM   1356 C  CA  . TYR B 1 89 ? -2.820  -10.358 -9.636  1.00 16.78 ? 104 TYR B CA  1 
ATOM   1357 C  C   . TYR B 1 89 ? -2.363  -11.480 -8.714  1.00 17.14 ? 104 TYR B C   1 
ATOM   1358 O  O   . TYR B 1 89 ? -1.918  -12.512 -9.173  1.00 17.16 ? 104 TYR B O   1 
ATOM   1359 C  CB  . TYR B 1 89 ? -1.606  -9.569  -10.080 1.00 16.61 ? 104 TYR B CB  1 
ATOM   1360 C  CG  . TYR B 1 89 ? -1.818  -8.835  -11.368 1.00 16.36 ? 104 TYR B CG  1 
ATOM   1361 C  CD1 . TYR B 1 89 ? -2.299  -9.500  -12.498 1.00 16.36 ? 104 TYR B CD1 1 
ATOM   1362 C  CD2 . TYR B 1 89 ? -1.534  -7.478  -11.466 1.00 16.18 ? 104 TYR B CD2 1 
ATOM   1363 C  CE1 . TYR B 1 89 ? -2.486  -8.825  -13.708 1.00 16.55 ? 104 TYR B CE1 1 
ATOM   1364 C  CE2 . TYR B 1 89 ? -1.719  -6.796  -12.649 1.00 16.26 ? 104 TYR B CE2 1 
ATOM   1365 C  CZ  . TYR B 1 89 ? -2.187  -7.469  -13.771 1.00 16.57 ? 104 TYR B CZ  1 
ATOM   1366 O  OH  . TYR B 1 89 ? -2.280  -6.767  -14.946 1.00 16.71 ? 104 TYR B OH  1 
ATOM   1367 N  N   . ARG B 1 90 ? -2.486  -11.283 -7.410  1.00 17.85 ? 105 ARG B N   1 
ATOM   1368 C  CA  . ARG B 1 90 ? -2.080  -12.325 -6.487  1.00 18.25 ? 105 ARG B CA  1 
ATOM   1369 C  C   . ARG B 1 90 ? -3.034  -13.534 -6.505  1.00 18.09 ? 105 ARG B C   1 
ATOM   1370 O  O   . ARG B 1 90 ? -2.660  -14.614 -6.085  1.00 17.43 ? 105 ARG B O   1 
ATOM   1371 C  CB  . ARG B 1 90 ? -1.973  -11.758 -5.082  1.00 19.68 ? 105 ARG B CB  1 
ATOM   1372 C  CG  . ARG B 1 90 ? -0.725  -11.002 -4.728  1.00 21.62 ? 105 ARG B CG  1 
ATOM   1373 C  CD  . ARG B 1 90 ? -1.017  -10.530 -3.314  1.00 23.43 ? 105 ARG B CD  1 
ATOM   1374 N  NE  . ARG B 1 90 ? -2.360  -10.872 -2.892  1.00 25.45 ? 105 ARG B NE  1 
ATOM   1375 C  CZ  . ARG B 1 90 ? -3.263  -9.962  -2.561  1.00 25.91 ? 105 ARG B CZ  1 
ATOM   1376 N  NH1 . ARG B 1 90 ? -2.971  -8.671  -2.583  1.00 26.50 ? 105 ARG B NH1 1 
ATOM   1377 N  NH2 . ARG B 1 90 ? -4.441  -10.341 -2.136  1.00 26.43 ? 105 ARG B NH2 1 
ATOM   1378 N  N   . ASN B 1 91 ? -4.240  -13.334 -7.040  1.00 17.70 ? 106 ASN B N   1 
ATOM   1379 C  CA  . ASN B 1 91 ? -5.262  -14.389 -7.141  1.00 17.95 ? 106 ASN B CA  1 
ATOM   1380 C  C   . ASN B 1 91 ? -5.530  -14.897 -8.561  1.00 17.78 ? 106 ASN B C   1 
ATOM   1381 O  O   . ASN B 1 91 ? -6.612  -15.398 -8.853  1.00 16.92 ? 106 ASN B O   1 
ATOM   1382 C  CB  . ASN B 1 91 ? -6.583  -13.884 -6.583  1.00 18.45 ? 106 ASN B CB  1 
ATOM   1383 C  CG  . ASN B 1 91 ? -6.444  -13.397 -5.187  1.00 18.83 ? 106 ASN B CG  1 
ATOM   1384 O  OD1 . ASN B 1 91 ? -6.624  -14.151 -4.246  1.00 19.41 ? 106 ASN B OD1 1 
ATOM   1385 N  ND2 . ASN B 1 91 ? -6.058  -12.137 -5.038  1.00 18.86 ? 106 ASN B ND2 1 
ATOM   1386 N  N   . LEU B 1 92 ? -4.546  -14.770 -9.441  1.00 17.95 ? 107 LEU B N   1 
ATOM   1387 C  CA  . LEU B 1 92 ? -4.722  -15.233 -10.803 1.00 18.17 ? 107 LEU B CA  1 
ATOM   1388 C  C   . LEU B 1 92 ? -3.414  -15.605 -11.483 1.00 18.75 ? 107 LEU B C   1 
ATOM   1389 O  O   . LEU B 1 92 ? -2.330  -15.295 -11.005 1.00 18.59 ? 107 LEU B O   1 
ATOM   1390 C  CB  . LEU B 1 92 ? -5.472  -14.177 -11.630 1.00 18.74 ? 107 LEU B CB  1 
ATOM   1391 C  CG  . LEU B 1 92 ? -4.959  -12.742 -11.810 1.00 18.72 ? 107 LEU B CG  1 
ATOM   1392 C  CD1 . LEU B 1 92 ? -3.805  -12.709 -12.805 1.00 18.95 ? 107 LEU B CD1 1 
ATOM   1393 C  CD2 . LEU B 1 92 ? -6.095  -11.877 -12.320 1.00 18.97 ? 107 LEU B CD2 1 
ATOM   1394 N  N   . VAL B 1 93 ? -3.539  -16.316 -12.593 1.00 19.18 ? 108 VAL B N   1 
ATOM   1395 C  CA  . VAL B 1 93 ? -2.382  -16.723 -13.374 1.00 19.37 ? 108 VAL B CA  1 
ATOM   1396 C  C   . VAL B 1 93 ? -2.498  -16.080 -14.746 1.00 19.85 ? 108 VAL B C   1 
ATOM   1397 O  O   . VAL B 1 93 ? -3.449  -16.316 -15.474 1.00 19.97 ? 108 VAL B O   1 
ATOM   1398 C  CB  . VAL B 1 93 ? -2.324  -18.240 -13.551 1.00 19.66 ? 108 VAL B CB  1 
ATOM   1399 C  CG1 . VAL B 1 93 ? -1.116  -18.619 -14.408 1.00 19.80 ? 108 VAL B CG1 1 
ATOM   1400 C  CG2 . VAL B 1 93 ? -2.269  -18.918 -12.179 1.00 19.65 ? 108 VAL B CG2 1 
ATOM   1401 N  N   . VAL B 1 94 ? -1.532  -15.234 -15.079 1.00 20.11 ? 109 VAL B N   1 
ATOM   1402 C  CA  . VAL B 1 94 ? -1.539  -14.577 -16.380 1.00 20.25 ? 109 VAL B CA  1 
ATOM   1403 C  C   . VAL B 1 94 ? -1.372  -15.660 -17.448 1.00 21.12 ? 109 VAL B C   1 
ATOM   1404 O  O   . VAL B 1 94 ? -0.443  -16.465 -17.388 1.00 20.73 ? 109 VAL B O   1 
ATOM   1405 C  CB  . VAL B 1 94 ? -0.403  -13.536 -16.494 1.00 20.14 ? 109 VAL B CB  1 
ATOM   1406 C  CG1 . VAL B 1 94 ? -0.276  -13.067 -17.924 1.00 19.99 ? 109 VAL B CG1 1 
ATOM   1407 C  CG2 . VAL B 1 94 ? -0.710  -12.346 -15.577 1.00 20.19 ? 109 VAL B CG2 1 
ATOM   1408 N  N   . VAL B 1 95 ? -2.288  -15.684 -18.412 1.00 21.63 ? 110 VAL B N   1 
ATOM   1409 C  CA  . VAL B 1 95 ? -2.245  -16.677 -19.480 1.00 22.52 ? 110 VAL B CA  1 
ATOM   1410 C  C   . VAL B 1 95 ? -0.980  -16.450 -20.321 1.00 23.55 ? 110 VAL B C   1 
ATOM   1411 O  O   . VAL B 1 95 ? -0.710  -15.340 -20.776 1.00 23.43 ? 110 VAL B O   1 
ATOM   1412 C  CB  . VAL B 1 95 ? -3.485  -16.588 -20.408 1.00 22.50 ? 110 VAL B CB  1 
ATOM   1413 C  CG1 . VAL B 1 95 ? -3.384  -17.647 -21.482 1.00 22.58 ? 110 VAL B CG1 1 
ATOM   1414 C  CG2 . VAL B 1 95 ? -4.776  -16.779 -19.592 1.00 22.73 ? 110 VAL B CG2 1 
ATOM   1415 N  N   . ASN B 1 96 ? -0.219  -17.521 -20.537 1.00 24.58 ? 111 ASN B N   1 
ATOM   1416 C  CA  . ASN B 1 96 ? 1.019   -17.436 -21.312 1.00 25.66 ? 111 ASN B CA  1 
ATOM   1417 C  C   . ASN B 1 96 ? 0.688   -17.317 -22.801 1.00 25.97 ? 111 ASN B C   1 
ATOM   1418 O  O   . ASN B 1 96 ? -0.043  -18.170 -23.321 1.00 26.26 ? 111 ASN B O   1 
ATOM   1419 C  CB  . ASN B 1 96 ? 1.893   -18.674 -21.045 1.00 26.60 ? 111 ASN B CB  1 
ATOM   1420 C  CG  . ASN B 1 96 ? 2.127   -18.913 -19.569 1.00 27.53 ? 111 ASN B CG  1 
ATOM   1421 O  OD1 . ASN B 1 96 ? 1.496   -18.276 -18.727 1.00 28.75 ? 111 ASN B OD1 1 
ATOM   1422 N  ND2 . ASN B 1 96 ? 3.016   -19.858 -19.243 1.00 27.78 ? 111 ASN B ND2 1 
ATOM   1423 O  OXT . ASN B 1 96 ? 1.151   -16.369 -23.457 1.00 26.35 ? 111 ASN B OXT 1 
HETATM 1424 CL CL1 . 0R2 C 2 .  ? 11.093  13.491  10.588  1.00 26.38 ? 201 0R2 A CL1 1 
HETATM 1425 C  C1  . 0R2 C 2 .  ? 10.580  14.787  9.460   1.00 26.38 ? 201 0R2 A C1  1 
HETATM 1426 C  C2  . 0R2 C 2 .  ? 10.387  16.054  10.044  1.00 26.38 ? 201 0R2 A C2  1 
HETATM 1427 C  C3  . 0R2 C 2 .  ? 9.942   17.152  9.268   1.00 26.63 ? 201 0R2 A C3  1 
HETATM 1428 C  C4  . 0R2 C 2 .  ? 10.331  14.589  8.074   1.00 26.70 ? 201 0R2 A C4  1 
HETATM 1429 C  C5  . 0R2 C 2 .  ? 9.890   15.674  7.303   1.00 26.91 ? 201 0R2 A C5  1 
HETATM 1430 C  C6  . 0R2 C 2 .  ? 9.696   16.952  7.894   1.00 27.25 ? 201 0R2 A C6  1 
HETATM 1431 C  C7  . 0R2 C 2 .  ? 9.280   18.141  7.023   1.00 28.36 ? 201 0R2 A C7  1 
HETATM 1432 N  N1  . 0R2 C 2 .  ? 8.048   18.755  7.491   1.00 30.85 ? 201 0R2 A N1  1 
HETATM 1433 C  C8  . 0R2 C 2 .  ? 6.962   17.819  7.732   1.00 36.36 ? 201 0R2 A C8  1 
HETATM 1434 C  C9  . 0R2 C 2 .  ? 6.217   18.131  6.306   1.00 41.17 ? 201 0R2 A C9  1 
HETATM 1435 O  O4  . 0R2 C 2 .  ? 6.594   18.938  5.470   1.00 41.68 ? 201 0R2 A O4  1 
HETATM 1436 C  C11 . 0R2 C 2 .  ? 7.828   20.107  7.627   1.00 28.86 ? 201 0R2 A C11 1 
HETATM 1437 O  O1  . 0R2 C 2 .  ? 6.763   20.516  8.024   1.00 27.72 ? 201 0R2 A O1  1 
HETATM 1438 C  C12 . 0R2 C 2 .  ? 8.943   21.108  7.194   1.00 27.23 ? 201 0R2 A C12 1 
HETATM 1439 C  C13 . 0R2 C 2 .  ? 9.585   21.692  8.467   1.00 26.12 ? 201 0R2 A C13 1 
HETATM 1440 C  C14 . 0R2 C 2 .  ? 10.269  23.052  8.207   1.00 25.37 ? 201 0R2 A C14 1 
HETATM 1441 O  O2  . 0R2 C 2 .  ? 11.456  23.135  8.095   1.00 24.94 ? 201 0R2 A O2  1 
HETATM 1442 O  O3  . 0R2 C 2 .  ? 9.448   24.107  8.147   1.00 24.45 ? 201 0R2 A O3  1 
HETATM 1443 C  C15 . 0R2 C 2 .  ? 9.915   20.464  6.225   1.00 26.84 ? 201 0R2 A C15 1 
HETATM 1444 C  C16 . 0R2 C 2 .  ? 10.461  19.167  6.769   1.00 26.73 ? 201 0R2 A C16 1 
HETATM 1445 C  C17 . 0R2 C 2 .  ? 11.649  18.592  6.002   1.00 25.46 ? 201 0R2 A C17 1 
HETATM 1446 C  C18 . 0R2 C 2 .  ? 11.726  18.702  4.599   1.00 24.89 ? 201 0R2 A C18 1 
HETATM 1447 C  C19 . 0R2 C 2 .  ? 12.763  18.084  3.881   1.00 24.14 ? 201 0R2 A C19 1 
HETATM 1448 C  C20 . 0R2 C 2 .  ? 13.742  17.349  4.565   1.00 23.86 ? 201 0R2 A C20 1 
HETATM 1449 C  C21 . 0R2 C 2 .  ? 13.678  17.245  5.951   1.00 23.75 ? 201 0R2 A C21 1 
HETATM 1450 CL CL2 . 0R2 C 2 .  ? 14.867  16.327  6.776   1.00 22.66 ? 201 0R2 A CL2 1 
HETATM 1451 C  C22 . 0R2 C 2 .  ? 12.661  17.853  6.673   1.00 24.36 ? 201 0R2 A C22 1 
HETATM 1452 C  C10 . 0R2 C 2 .  ? 6.070   18.127  9.021   1.00 35.80 ? 201 0R2 A C10 1 
HETATM 1453 C  C23 . 0R2 C 2 .  ? 6.778   17.759  10.349  1.00 35.48 ? 201 0R2 A C23 1 
HETATM 1454 O  O5  . 0R2 C 2 .  ? 5.089   17.295  6.196   1.00 51.34 ? 201 0R2 A O5  1 
HETATM 1455 C  C24 . 0R2 C 2 .  ? 4.037   17.398  5.124   1.00 48.35 ? 201 0R2 A C24 1 
HETATM 1456 C  C25 . 0R2 C 2 .  ? 3.074   16.286  5.491   1.00 49.05 ? 201 0R2 A C25 1 
HETATM 1457 C  C26 . 0R2 C 2 .  ? 4.765   17.113  3.808   1.00 49.02 ? 201 0R2 A C26 1 
HETATM 1458 C  C27 . 0R2 C 2 .  ? 3.389   18.770  5.374   1.00 49.08 ? 201 0R2 A C27 1 
HETATM 1459 S  S   . SO4 D 3 .  ? 16.804  21.133  2.670   1.00 37.23 ? 202 SO4 A S   1 
HETATM 1460 O  O1  . SO4 D 3 .  ? 16.181  22.322  3.205   1.00 37.55 ? 202 SO4 A O1  1 
HETATM 1461 O  O2  . SO4 D 3 .  ? 16.195  19.950  3.261   1.00 37.35 ? 202 SO4 A O2  1 
HETATM 1462 O  O3  . SO4 D 3 .  ? 16.664  20.997  1.230   1.00 37.31 ? 202 SO4 A O3  1 
HETATM 1463 O  O4  . SO4 D 3 .  ? 18.240  21.093  2.939   1.00 37.26 ? 202 SO4 A O4  1 
HETATM 1464 CL CL1 . 0R2 E 2 .  ? -12.477 -4.096  -7.105  1.00 31.69 ? 201 0R2 B CL1 1 
HETATM 1465 C  C1  . 0R2 E 2 .  ? -12.903 -2.501  -7.704  1.00 31.88 ? 201 0R2 B C1  1 
HETATM 1466 C  C2  . 0R2 E 2 .  ? -12.581 -1.219  -7.183  1.00 31.88 ? 201 0R2 B C2  1 
HETATM 1467 C  C3  . 0R2 E 2 .  ? -13.070 -0.067  -7.838  1.00 32.11 ? 201 0R2 B C3  1 
HETATM 1468 C  C4  . 0R2 E 2 .  ? -13.691 -2.627  -8.853  1.00 31.84 ? 201 0R2 B C4  1 
HETATM 1469 C  C5  . 0R2 E 2 .  ? -14.182 -1.479  -9.514  1.00 32.21 ? 201 0R2 B C5  1 
HETATM 1470 C  C6  . 0R2 E 2 .  ? -13.874 -0.187  -9.006  1.00 32.34 ? 201 0R2 B C6  1 
HETATM 1471 C  C7  . 0R2 E 2 .  ? -14.431 1.038   -9.755  1.00 32.93 ? 201 0R2 B C7  1 
HETATM 1472 N  N1  . 0R2 E 2 .  ? -15.380 1.838   -8.905  1.00 34.97 ? 201 0R2 B N1  1 
HETATM 1473 C  C8  . 0R2 E 2 .  ? -16.408 1.004   -8.118  1.00 40.25 ? 201 0R2 B C8  1 
HETATM 1474 C  C9  . 0R2 E 2 .  ? -17.736 1.636   -7.898  1.00 44.20 ? 201 0R2 B C9  1 
HETATM 1475 O  O4  . 0R2 E 2 .  ? -18.616 1.831   -7.144  1.00 44.53 ? 201 0R2 B O4  1 
HETATM 1476 C  C11 . 0R2 E 2 .  ? -15.327 3.209   -8.792  1.00 33.39 ? 201 0R2 B C11 1 
HETATM 1477 O  O1  . 0R2 E 2 .  ? -16.090 3.827   -8.092  1.00 32.56 ? 201 0R2 B O1  1 
HETATM 1478 C  C12 . 0R2 E 2 .  ? -14.271 3.985   -9.595  1.00 32.15 ? 201 0R2 B C12 1 
HETATM 1479 C  C13 . 0R2 E 2 .  ? -13.266 4.562   -8.584  1.00 31.21 ? 201 0R2 B C13 1 
HETATM 1480 C  C14 . 0R2 E 2 .  ? -12.526 5.716   -9.260  1.00 30.57 ? 201 0R2 B C14 1 
HETATM 1481 O  O2  . 0R2 E 2 .  ? -11.366 5.708   -9.481  1.00 30.52 ? 201 0R2 B O2  1 
HETATM 1482 O  O3  . 0R2 E 2 .  ? -13.299 6.781   -9.592  1.00 29.99 ? 201 0R2 B O3  1 
HETATM 1483 C  C15 . 0R2 E 2 .  ? -13.649 3.240   -10.766 1.00 31.73 ? 201 0R2 B C15 1 
HETATM 1484 C  C16 . 0R2 E 2 .  ? -13.249 1.858   -10.303 1.00 31.53 ? 201 0R2 B C16 1 
HETATM 1485 C  C17 . 0R2 E 2 .  ? -12.396 1.178   -11.331 1.00 30.06 ? 201 0R2 B C17 1 
HETATM 1486 C  C18 . 0R2 E 2 .  ? -12.897 0.983   -12.638 1.00 29.45 ? 201 0R2 B C18 1 
HETATM 1487 C  C19 . 0R2 E 2 .  ? -12.117 0.336   -13.612 1.00 29.01 ? 201 0R2 B C19 1 
HETATM 1488 C  C20 . 0R2 E 2 .  ? -10.814 -0.129  -13.263 1.00 28.24 ? 201 0R2 B C20 1 
HETATM 1489 C  C21 . 0R2 E 2 .  ? -10.337 0.067   -11.912 1.00 28.09 ? 201 0R2 B C21 1 
HETATM 1490 CL CL2 . 0R2 E 2 .  ? -8.872  -0.553  -11.079 1.00 26.04 ? 201 0R2 B CL2 1 
HETATM 1491 C  C22 . 0R2 E 2 .  ? -11.111 0.721   -10.981 1.00 28.93 ? 201 0R2 B C22 1 
HETATM 1492 C  C10 . 0R2 E 2 .  ? -16.175 0.771   -6.691  1.00 39.51 ? 201 0R2 B C10 1 
HETATM 1493 C  C23 . 0R2 E 2 .  ? -17.047 -0.386  -6.260  1.00 39.22 ? 201 0R2 B C23 1 
HETATM 1494 O  O5  . 0R2 E 2 .  ? -17.827 2.122   -9.264  1.00 53.14 ? 201 0R2 B O5  1 
HETATM 1495 C  C24 . 0R2 E 2 .  ? -18.959 2.959   -9.781  1.00 50.79 ? 201 0R2 B C24 1 
HETATM 1496 C  C25 . 0R2 E 2 .  ? -18.890 3.585   -11.300 1.00 51.32 ? 201 0R2 B C25 1 
HETATM 1497 C  C26 . 0R2 E 2 .  ? -19.240 4.251   -8.989  1.00 51.35 ? 201 0R2 B C26 1 
HETATM 1498 C  C27 . 0R2 E 2 .  ? -20.255 2.153   -9.863  1.00 51.39 ? 201 0R2 B C27 1 
HETATM 1499 O  O   . HOH F 4 .  ? 22.763  2.349   7.221   1.00 15.27 ? 301 HOH A O   1 
HETATM 1500 O  O   . HOH F 4 .  ? 15.336  -1.694  12.390  1.00 27.12 ? 302 HOH A O   1 
HETATM 1501 O  O   . HOH F 4 .  ? 23.463  -0.577  7.883   1.00 22.70 ? 303 HOH A O   1 
HETATM 1502 O  O   . HOH F 4 .  ? 12.605  -3.901  6.581   1.00 25.46 ? 304 HOH A O   1 
HETATM 1503 O  O   . HOH F 4 .  ? 16.921  0.558   12.291  1.00 22.46 ? 305 HOH A O   1 
HETATM 1504 O  O   . HOH F 4 .  ? 20.049  18.131  -2.967  1.00 41.38 ? 306 HOH A O   1 
HETATM 1505 O  O   . HOH F 4 .  ? 18.563  17.814  0.394   1.00 24.31 ? 307 HOH A O   1 
HETATM 1506 O  O   . HOH F 4 .  ? 19.613  10.497  -0.089  1.00 23.15 ? 308 HOH A O   1 
HETATM 1507 O  O   . HOH F 4 .  ? 13.657  9.004   22.512  1.00 27.53 ? 309 HOH A O   1 
HETATM 1508 O  O   . HOH F 4 .  ? 0.428   -0.232  5.215   1.00 22.47 ? 310 HOH A O   1 
HETATM 1509 O  O   . HOH F 4 .  ? 4.688   14.795  21.901  1.00 30.66 ? 311 HOH A O   1 
HETATM 1510 O  O   . HOH F 4 .  ? 10.609  26.901  14.162  1.00 39.94 ? 312 HOH A O   1 
HETATM 1511 O  O   . HOH F 4 .  ? 16.096  17.954  1.256   1.00 19.36 ? 313 HOH A O   1 
HETATM 1512 O  O   . HOH F 4 .  ? 11.562  6.700   24.806  1.00 28.03 ? 314 HOH A O   1 
HETATM 1513 O  O   . HOH F 4 .  ? 5.398   20.600  21.075  1.00 37.10 ? 315 HOH A O   1 
HETATM 1514 O  O   . HOH F 4 .  ? 6.293   22.375  15.572  1.00 30.16 ? 316 HOH A O   1 
HETATM 1515 O  O   . HOH F 4 .  ? 17.165  -2.799  4.421   1.00 20.23 ? 317 HOH A O   1 
HETATM 1516 O  O   . HOH F 4 .  ? 10.586  4.373   22.424  1.00 25.27 ? 318 HOH A O   1 
HETATM 1517 O  O   . HOH F 4 .  ? 23.446  12.602  14.185  1.00 32.75 ? 319 HOH A O   1 
HETATM 1518 O  O   . HOH F 4 .  ? 6.114   22.544  23.086  1.00 44.14 ? 320 HOH A O   1 
HETATM 1519 O  O   . HOH F 4 .  ? 12.385  -2.408  3.311   1.00 17.30 ? 321 HOH A O   1 
HETATM 1520 O  O   . HOH F 4 .  ? 19.688  4.152   -4.543  1.00 33.12 ? 322 HOH A O   1 
HETATM 1521 O  O   . HOH F 4 .  ? 5.453   22.080  9.641   1.00 28.98 ? 323 HOH A O   1 
HETATM 1522 O  O   . HOH F 4 .  ? 22.329  8.162   13.228  1.00 23.23 ? 324 HOH A O   1 
HETATM 1523 O  O   . HOH F 4 .  ? 20.404  12.608  -7.017  1.00 37.86 ? 325 HOH A O   1 
HETATM 1524 O  O   . HOH F 4 .  ? -1.858  16.691  9.768   1.00 43.67 ? 326 HOH A O   1 
HETATM 1525 O  O   . HOH F 4 .  ? 9.038   -4.045  9.932   1.00 22.48 ? 327 HOH A O   1 
HETATM 1526 O  O   . HOH F 4 .  ? 16.805  18.802  16.395  1.00 26.64 ? 328 HOH A O   1 
HETATM 1527 O  O   . HOH F 4 .  ? 10.868  7.238   28.655  1.00 27.95 ? 329 HOH A O   1 
HETATM 1528 O  O   . HOH F 4 .  ? 4.926   4.221   19.205  1.00 29.84 ? 330 HOH A O   1 
HETATM 1529 O  O   . HOH F 4 .  ? 17.619  19.304  19.162  1.00 38.69 ? 331 HOH A O   1 
HETATM 1530 O  O   . HOH F 4 .  ? 22.158  10.541  -1.101  1.00 34.42 ? 332 HOH A O   1 
HETATM 1531 O  O   . HOH F 4 .  ? 10.924  4.007   24.881  1.00 46.22 ? 333 HOH A O   1 
HETATM 1532 O  O   . HOH F 4 .  ? 3.695   3.360   16.357  1.00 30.02 ? 334 HOH A O   1 
HETATM 1533 O  O   . HOH F 4 .  ? 3.123   18.515  19.897  1.00 33.57 ? 335 HOH A O   1 
HETATM 1534 O  O   . HOH F 4 .  ? 13.485  9.609   25.264  1.00 36.75 ? 336 HOH A O   1 
HETATM 1535 O  O   . HOH F 4 .  ? 25.130  19.770  8.052   1.00 24.43 ? 337 HOH A O   1 
HETATM 1536 O  O   . HOH F 4 .  ? 14.214  19.493  20.500  1.00 29.69 ? 338 HOH A O   1 
HETATM 1537 O  O   . HOH F 4 .  ? 13.174  21.601  1.697   1.00 24.66 ? 339 HOH A O   1 
HETATM 1538 O  O   . HOH F 4 .  ? 10.136  2.420   -5.127  1.00 31.45 ? 340 HOH A O   1 
HETATM 1539 O  O   . HOH F 4 .  ? 8.381   0.776   -6.216  1.00 37.61 ? 341 HOH A O   1 
HETATM 1540 O  O   . HOH F 4 .  ? -0.256  9.146   2.558   1.00 33.45 ? 342 HOH A O   1 
HETATM 1541 O  O   . HOH F 4 .  ? 15.072  25.027  15.254  1.00 23.21 ? 343 HOH A O   1 
HETATM 1542 O  O   . HOH F 4 .  ? 9.598   11.032  -4.673  1.00 35.04 ? 344 HOH A O   1 
HETATM 1543 O  O   . HOH F 4 .  ? 20.410  9.730   17.264  1.00 30.52 ? 345 HOH A O   1 
HETATM 1544 O  O   . HOH F 4 .  ? 9.499   -1.927  -3.711  1.00 39.26 ? 346 HOH A O   1 
HETATM 1545 O  O   . HOH F 4 .  ? 3.135   3.055   -1.239  1.00 37.02 ? 347 HOH A O   1 
HETATM 1546 O  O   . HOH F 4 .  ? 11.948  21.058  24.772  1.00 36.94 ? 348 HOH A O   1 
HETATM 1547 O  O   . HOH F 4 .  ? 13.615  6.453   23.014  1.00 37.57 ? 349 HOH A O   1 
HETATM 1548 O  O   . HOH F 4 .  ? -0.729  -2.664  0.825   1.00 42.87 ? 350 HOH A O   1 
HETATM 1549 O  O   . HOH F 4 .  ? 17.413  2.893   15.509  1.00 31.04 ? 351 HOH A O   1 
HETATM 1550 O  O   . HOH F 4 .  ? 13.349  -5.858  0.602   1.00 27.87 ? 352 HOH A O   1 
HETATM 1551 O  O   . HOH F 4 .  ? -2.852  14.868  8.634   1.00 36.42 ? 353 HOH A O   1 
HETATM 1552 O  O   . HOH F 4 .  ? 8.291   24.166  22.540  1.00 43.06 ? 354 HOH A O   1 
HETATM 1553 O  O   . HOH F 4 .  ? 20.026  -2.522  -1.914  1.00 37.70 ? 355 HOH A O   1 
HETATM 1554 O  O   . HOH F 4 .  ? 3.109   -1.000  11.168  1.00 35.76 ? 356 HOH A O   1 
HETATM 1555 O  O   . HOH F 4 .  ? 6.848   -4.380  2.015   1.00 42.50 ? 357 HOH A O   1 
HETATM 1556 O  O   . HOH F 4 .  ? 12.205  12.548  -5.779  1.00 37.13 ? 358 HOH A O   1 
HETATM 1557 O  O   . HOH F 4 .  ? 14.886  2.308   21.566  1.00 39.67 ? 359 HOH A O   1 
HETATM 1558 O  O   . HOH F 4 .  ? -2.202  8.574   8.872   1.00 38.83 ? 360 HOH A O   1 
HETATM 1559 O  O   . HOH F 4 .  ? 5.851   24.322  18.461  1.00 40.88 ? 361 HOH A O   1 
HETATM 1560 O  O   . HOH F 4 .  ? 4.765   9.512   0.404   1.00 30.13 ? 362 HOH A O   1 
HETATM 1561 O  O   . HOH F 4 .  ? 12.270  24.766  5.978   1.00 26.26 ? 363 HOH A O   1 
HETATM 1562 O  O   . HOH F 4 .  ? -0.856  6.419   2.742   1.00 32.99 ? 364 HOH A O   1 
HETATM 1563 O  O   . HOH F 4 .  ? 18.251  16.427  17.624  1.00 34.89 ? 365 HOH A O   1 
HETATM 1564 O  O   . HOH F 4 .  ? 4.716   2.908   -6.284  1.00 34.28 ? 366 HOH A O   1 
HETATM 1565 O  O   . HOH F 4 .  ? 14.446  8.697   -7.845  1.00 31.17 ? 367 HOH A O   1 
HETATM 1566 O  O   . HOH F 4 .  ? 0.797   5.199   13.534  1.00 35.73 ? 368 HOH A O   1 
HETATM 1567 O  O   . HOH F 4 .  ? 17.698  23.165  8.078   1.00 38.18 ? 369 HOH A O   1 
HETATM 1568 O  O   . HOH F 4 .  ? -3.750  12.592  8.626   1.00 40.21 ? 370 HOH A O   1 
HETATM 1569 O  O   . HOH F 4 .  ? 3.714   9.135   -2.520  1.00 36.92 ? 371 HOH A O   1 
HETATM 1570 O  O   . HOH F 4 .  ? 20.197  11.050  23.021  1.00 41.15 ? 372 HOH A O   1 
HETATM 1571 O  O   . HOH F 4 .  ? 16.745  17.758  -9.147  1.00 41.36 ? 373 HOH A O   1 
HETATM 1572 O  O   . HOH F 4 .  ? 20.307  9.983   -6.628  1.00 48.98 ? 374 HOH A O   1 
HETATM 1573 O  O   . HOH F 4 .  ? 18.062  23.089  5.571   1.00 35.61 ? 375 HOH A O   1 
HETATM 1574 O  O   . HOH F 4 .  ? 15.372  24.658  7.761   1.00 34.66 ? 376 HOH A O   1 
HETATM 1575 O  O   . HOH F 4 .  ? 1.462   10.407  21.565  1.00 42.36 ? 377 HOH A O   1 
HETATM 1576 O  O   . HOH F 4 .  ? 3.677   0.816   -8.386  1.00 36.96 ? 378 HOH A O   1 
HETATM 1577 O  O   . HOH F 4 .  ? 19.705  -4.891  0.643   1.00 41.75 ? 379 HOH A O   1 
HETATM 1578 O  O   . HOH F 4 .  ? 21.933  11.114  21.042  1.00 38.89 ? 380 HOH A O   1 
HETATM 1579 O  O   . HOH F 4 .  ? 15.391  16.733  -10.981 1.00 44.00 ? 381 HOH A O   1 
HETATM 1580 O  O   . HOH F 4 .  ? -1.003  -0.086  0.385   1.00 36.30 ? 382 HOH A O   1 
HETATM 1581 O  O   . HOH F 4 .  ? 0.211   9.232   19.932  1.00 36.01 ? 383 HOH A O   1 
HETATM 1582 O  O   . HOH F 4 .  ? 22.531  12.444  -3.403  1.00 42.39 ? 384 HOH A O   1 
HETATM 1583 O  O   . HOH F 4 .  ? 16.290  16.353  -3.874  1.00 36.09 ? 385 HOH A O   1 
HETATM 1584 O  O   . HOH F 4 .  ? 7.472   -4.008  -2.361  1.00 32.38 ? 386 HOH A O   1 
HETATM 1585 O  O   . HOH F 4 .  ? 19.208  6.752   14.486  1.00 36.94 ? 387 HOH A O   1 
HETATM 1586 O  O   . HOH F 4 .  ? -3.096  7.452   4.423   1.00 36.65 ? 388 HOH A O   1 
HETATM 1587 O  O   . HOH F 4 .  ? 17.888  25.374  12.909  1.00 39.47 ? 389 HOH A O   1 
HETATM 1588 O  O   . HOH F 4 .  ? 9.390   -6.619  3.784   1.00 40.07 ? 390 HOH A O   1 
HETATM 1589 O  O   . HOH F 4 .  ? 7.577   -6.146  12.082  1.00 40.53 ? 391 HOH A O   1 
HETATM 1590 O  O   . HOH F 4 .  ? 13.241  14.811  -5.767  1.00 36.33 ? 392 HOH A O   1 
HETATM 1591 O  O   . HOH F 4 .  ? 14.940  -4.497  5.790   1.00 35.50 ? 393 HOH A O   1 
HETATM 1592 O  O   . HOH G 4 .  ? -17.809 7.655   -0.709  1.00 33.94 ? 301 HOH B O   1 
HETATM 1593 O  O   . HOH G 4 .  ? -6.560  1.042   6.010   1.00 44.22 ? 302 HOH B O   1 
HETATM 1594 O  O   . HOH G 4 .  ? -8.586  0.268   7.394   1.00 40.69 ? 303 HOH B O   1 
HETATM 1595 O  O   . HOH G 4 .  ? -7.784  -16.547 -5.596  1.00 19.77 ? 304 HOH B O   1 
HETATM 1596 O  O   . HOH G 4 .  ? 0.710   -1.831  -6.659  1.00 23.97 ? 305 HOH B O   1 
HETATM 1597 O  O   . HOH G 4 .  ? -6.892  -18.913 -4.624  1.00 18.86 ? 306 HOH B O   1 
HETATM 1598 O  O   . HOH G 4 .  ? -0.139  -7.749  -19.578 1.00 27.00 ? 307 HOH B O   1 
HETATM 1599 O  O   . HOH G 4 .  ? -0.028  -4.438  -10.808 1.00 19.75 ? 308 HOH B O   1 
HETATM 1600 O  O   . HOH G 4 .  ? -17.641 7.122   3.159   1.00 31.57 ? 309 HOH B O   1 
HETATM 1601 O  O   . HOH G 4 .  ? -22.952 3.912   2.109   1.00 33.95 ? 310 HOH B O   1 
HETATM 1602 O  O   . HOH G 4 .  ? 0.757   -14.655 -13.362 1.00 21.63 ? 311 HOH B O   1 
HETATM 1603 O  O   . HOH G 4 .  ? -12.492 -2.894  8.182   1.00 21.87 ? 312 HOH B O   1 
HETATM 1604 O  O   . HOH G 4 .  ? -15.709 6.070   1.889   1.00 31.04 ? 313 HOH B O   1 
HETATM 1605 O  O   . HOH G 4 .  ? -18.658 5.586   0.642   1.00 24.29 ? 314 HOH B O   1 
HETATM 1606 O  O   . HOH G 4 .  ? -17.547 3.001   -0.199  1.00 30.37 ? 315 HOH B O   1 
HETATM 1607 O  O   . HOH G 4 .  ? -1.864  -2.975  -3.047  1.00 33.93 ? 316 HOH B O   1 
HETATM 1608 O  O   . HOH G 4 .  ? -19.372 -9.963  4.602   1.00 31.22 ? 317 HOH B O   1 
HETATM 1609 O  O   . HOH G 4 .  ? -6.084  4.574   -14.869 1.00 31.50 ? 318 HOH B O   1 
HETATM 1610 O  O   . HOH G 4 .  ? -2.800  2.880   -7.248  1.00 16.81 ? 319 HOH B O   1 
HETATM 1611 O  O   . HOH G 4 .  ? -5.633  -12.416 3.422   1.00 32.28 ? 320 HOH B O   1 
HETATM 1612 O  O   . HOH G 4 .  ? -13.262 -16.553 2.278   1.00 34.80 ? 321 HOH B O   1 
HETATM 1613 O  O   . HOH G 4 .  ? -17.265 2.889   -3.021  1.00 30.52 ? 322 HOH B O   1 
HETATM 1614 O  O   . HOH G 4 .  ? -15.873 5.526   -3.061  1.00 30.97 ? 323 HOH B O   1 
HETATM 1615 O  O   . HOH G 4 .  ? -17.769 -13.368 2.467   1.00 26.27 ? 324 HOH B O   1 
HETATM 1616 O  O   . HOH G 4 .  ? -6.690  -20.195 -2.396  1.00 33.60 ? 325 HOH B O   1 
HETATM 1617 O  O   . HOH G 4 .  ? -0.967  -7.586  -2.574  1.00 37.61 ? 326 HOH B O   1 
HETATM 1618 O  O   . HOH G 4 .  ? -16.626 6.059   -6.722  1.00 30.07 ? 327 HOH B O   1 
HETATM 1619 O  O   . HOH G 4 .  ? -5.519  2.558   -27.050 1.00 33.32 ? 328 HOH B O   1 
HETATM 1620 O  O   . HOH G 4 .  ? -8.478  7.991   -2.093  1.00 41.76 ? 329 HOH B O   1 
HETATM 1621 O  O   . HOH G 4 .  ? -3.104  3.165   -22.390 1.00 28.61 ? 330 HOH B O   1 
HETATM 1622 O  O   . HOH G 4 .  ? 0.732   -8.956  -7.718  1.00 21.96 ? 331 HOH B O   1 
HETATM 1623 O  O   . HOH G 4 .  ? -9.786  7.807   0.222   1.00 30.00 ? 332 HOH B O   1 
HETATM 1624 O  O   . HOH G 4 .  ? -18.741 -0.556  5.789   1.00 30.43 ? 333 HOH B O   1 
HETATM 1625 O  O   . HOH G 4 .  ? -10.281 3.367   -15.751 1.00 37.99 ? 334 HOH B O   1 
HETATM 1626 O  O   . HOH G 4 .  ? -17.497 2.396   8.101   1.00 40.04 ? 335 HOH B O   1 
HETATM 1627 O  O   . HOH G 4 .  ? -3.800  -13.309 -1.298  1.00 44.51 ? 336 HOH B O   1 
HETATM 1628 O  O   . HOH G 4 .  ? -16.095 -22.294 -1.737  1.00 32.39 ? 337 HOH B O   1 
HETATM 1629 O  O   . HOH G 4 .  ? -12.037 -7.129  -22.138 1.00 32.83 ? 338 HOH B O   1 
HETATM 1630 O  O   . HOH G 4 .  ? 2.108   -8.536  -10.535 1.00 38.81 ? 339 HOH B O   1 
HETATM 1631 O  O   . HOH G 4 .  ? 2.839   -14.431 -23.037 1.00 33.18 ? 340 HOH B O   1 
HETATM 1632 O  O   . HOH G 4 .  ? -9.199  -7.400  7.808   1.00 28.03 ? 341 HOH B O   1 
HETATM 1633 O  O   . HOH G 4 .  ? -13.097 -22.155 -5.712  1.00 24.14 ? 342 HOH B O   1 
HETATM 1634 O  O   . HOH G 4 .  ? -10.358 3.875   7.370   1.00 42.28 ? 343 HOH B O   1 
HETATM 1635 O  O   . HOH G 4 .  ? -15.347 -22.512 -3.986  1.00 41.32 ? 344 HOH B O   1 
HETATM 1636 O  O   . HOH G 4 .  ? -18.665 -10.333 -22.607 1.00 50.05 ? 345 HOH B O   1 
HETATM 1637 O  O   . HOH G 4 .  ? 0.583   -2.331  -3.971  1.00 40.76 ? 346 HOH B O   1 
HETATM 1638 O  O   . HOH G 4 .  ? -26.222 -1.876  -4.538  1.00 43.71 ? 347 HOH B O   1 
HETATM 1639 O  O   . HOH G 4 .  ? -26.749 4.022   -0.986  1.00 34.79 ? 348 HOH B O   1 
HETATM 1640 O  O   . HOH G 4 .  ? -9.306  -8.558  4.996   1.00 29.90 ? 349 HOH B O   1 
HETATM 1641 O  O   . HOH G 4 .  ? -29.236 -2.406  -1.447  1.00 39.59 ? 350 HOH B O   1 
HETATM 1642 O  O   . HOH G 4 .  ? -2.867  -15.522 -2.321  1.00 41.25 ? 351 HOH B O   1 
HETATM 1643 O  O   . HOH G 4 .  ? 1.207   -11.665 -8.434  1.00 34.89 ? 352 HOH B O   1 
HETATM 1644 O  O   . HOH G 4 .  ? -10.890 -10.020 7.859   1.00 28.23 ? 353 HOH B O   1 
HETATM 1645 O  O   . HOH G 4 .  ? -19.078 1.274   4.254   1.00 33.19 ? 354 HOH B O   1 
HETATM 1646 O  O   . HOH G 4 .  ? -7.245  -9.833  -25.062 1.00 20.92 ? 355 HOH B O   1 
HETATM 1647 O  O   . HOH G 4 .  ? -18.977 -19.888 -5.194  1.00 25.19 ? 356 HOH B O   1 
HETATM 1648 O  O   . HOH G 4 .  ? -25.816 3.740   1.492   1.00 40.31 ? 357 HOH B O   1 
HETATM 1649 O  O   . HOH G 4 .  ? 1.385   1.253   -6.835  1.00 27.42 ? 358 HOH B O   1 
HETATM 1650 O  O   . HOH G 4 .  ? -17.881 3.503   4.904   1.00 31.81 ? 359 HOH B O   1 
HETATM 1651 O  O   . HOH G 4 .  ? -5.822  1.370   -1.019  1.00 33.84 ? 360 HOH B O   1 
HETATM 1652 O  O   . HOH G 4 .  ? -10.101 -24.559 -8.483  1.00 34.79 ? 361 HOH B O   1 
HETATM 1653 O  O   . HOH G 4 .  ? -19.843 3.518   2.878   1.00 42.37 ? 362 HOH B O   1 
HETATM 1654 O  O   . HOH G 4 .  ? -15.403 -22.034 -6.605  1.00 40.90 ? 363 HOH B O   1 
HETATM 1655 O  O   . HOH G 4 .  ? -0.506  -4.966  -1.965  1.00 35.73 ? 364 HOH B O   1 
HETATM 1656 O  O   . HOH G 4 .  ? -15.395 -23.548 -8.561  1.00 37.20 ? 365 HOH B O   1 
HETATM 1657 O  O   . HOH G 4 .  ? -5.324  -20.431 -12.272 1.00 25.62 ? 366 HOH B O   1 
HETATM 1658 O  O   . HOH G 4 .  ? -12.626 -12.937 6.437   1.00 38.28 ? 367 HOH B O   1 
HETATM 1659 O  O   . HOH G 4 .  ? -18.699 -15.906 0.960   1.00 37.91 ? 368 HOH B O   1 
HETATM 1660 O  O   . HOH G 4 .  ? -5.253  -8.392  -26.135 1.00 36.22 ? 369 HOH B O   1 
HETATM 1661 O  O   . HOH G 4 .  ? -5.648  -15.275 -1.730  1.00 41.03 ? 370 HOH B O   1 
HETATM 1662 O  O   . HOH G 4 .  ? 2.996   -14.910 -19.909 1.00 19.78 ? 371 HOH B O   1 
HETATM 1663 O  O   . HOH G 4 .  ? -19.596 -14.210 -0.728  1.00 42.66 ? 372 HOH B O   1 
HETATM 1664 O  O   . HOH G 4 .  ? -3.695  -1.796  3.545   1.00 25.87 ? 373 HOH B O   1 
HETATM 1665 O  O   . HOH G 4 .  ? -17.081 -21.303 -11.444 1.00 45.35 ? 374 HOH B O   1 
HETATM 1666 O  O   . HOH G 4 .  ? -14.719 7.832   -4.777  1.00 45.65 ? 375 HOH B O   1 
HETATM 1667 O  O   . HOH G 4 .  ? -25.137 -11.050 -8.164  1.00 39.01 ? 376 HOH B O   1 
# 
